data_7Y99
# 
_entry.id   7Y99 
# 
_audit_conform.dict_name       mmcif_pdbx.dic 
_audit_conform.dict_version    5.397 
_audit_conform.dict_location   http://mmcif.pdb.org/dictionaries/ascii/mmcif_pdbx.dic 
# 
loop_
_database_2.database_id 
_database_2.database_code 
_database_2.pdbx_database_accession 
_database_2.pdbx_DOI 
PDB   7Y99         pdb_00007y99 10.2210/pdb7y99/pdb 
WWPDB D_1300030506 ?            ?                   
# 
loop_
_pdbx_audit_revision_history.ordinal 
_pdbx_audit_revision_history.data_content_type 
_pdbx_audit_revision_history.major_revision 
_pdbx_audit_revision_history.minor_revision 
_pdbx_audit_revision_history.revision_date 
1 'Structure model' 1 0 2023-09-27 
2 'Structure model' 1 1 2023-11-15 
3 'Structure model' 1 2 2024-02-28 
4 'Structure model' 1 3 2024-10-09 
# 
_pdbx_audit_revision_details.ordinal             1 
_pdbx_audit_revision_details.revision_ordinal    1 
_pdbx_audit_revision_details.data_content_type   'Structure model' 
_pdbx_audit_revision_details.provider            repository 
_pdbx_audit_revision_details.type                'Initial release' 
_pdbx_audit_revision_details.description         ? 
_pdbx_audit_revision_details.details             ? 
# 
loop_
_pdbx_audit_revision_group.ordinal 
_pdbx_audit_revision_group.revision_ordinal 
_pdbx_audit_revision_group.data_content_type 
_pdbx_audit_revision_group.group 
1 2 'Structure model' 'Structure summary'   
2 3 'Structure model' 'Database references' 
3 4 'Structure model' 'Structure summary'   
# 
loop_
_pdbx_audit_revision_category.ordinal 
_pdbx_audit_revision_category.revision_ordinal 
_pdbx_audit_revision_category.data_content_type 
_pdbx_audit_revision_category.category 
1 2 'Structure model' entity                    
2 3 'Structure model' citation                  
3 3 'Structure model' citation_author           
4 4 'Structure model' pdbx_entry_details        
5 4 'Structure model' pdbx_modification_feature 
# 
loop_
_pdbx_audit_revision_item.ordinal 
_pdbx_audit_revision_item.revision_ordinal 
_pdbx_audit_revision_item.data_content_type 
_pdbx_audit_revision_item.item 
1  2 'Structure model' '_entity.details'                              
2  3 'Structure model' '_citation.country'                            
3  3 'Structure model' '_citation.journal_abbrev'                     
4  3 'Structure model' '_citation.journal_id_CSD'                     
5  3 'Structure model' '_citation.journal_id_ISSN'                    
6  3 'Structure model' '_citation.journal_volume'                     
7  3 'Structure model' '_citation.page_first'                         
8  3 'Structure model' '_citation.page_last'                          
9  3 'Structure model' '_citation.pdbx_database_id_DOI'               
10 3 'Structure model' '_citation.pdbx_database_id_PubMed'            
11 3 'Structure model' '_citation.title'                              
12 3 'Structure model' '_citation.year'                               
13 4 'Structure model' '_pdbx_entry_details.has_protein_modification' 
# 
_pdbx_database_status.status_code                     REL 
_pdbx_database_status.status_code_sf                  REL 
_pdbx_database_status.status_code_mr                  ? 
_pdbx_database_status.entry_id                        7Y99 
_pdbx_database_status.recvd_initial_deposition_date   2022-06-24 
_pdbx_database_status.SG_entry                        N 
_pdbx_database_status.deposit_site                    PDBJ 
_pdbx_database_status.process_site                    PDBJ 
_pdbx_database_status.status_code_cs                  ? 
_pdbx_database_status.status_code_nmr_data            ? 
_pdbx_database_status.methods_development_category    ? 
_pdbx_database_status.pdb_format_compatible           Y 
# 
_pdbx_contact_author.id                 2 
_pdbx_contact_author.email              dlwu@sdu.edu.cn 
_pdbx_contact_author.name_first         Dalei 
_pdbx_contact_author.name_last          Wu 
_pdbx_contact_author.name_mi            ? 
_pdbx_contact_author.role               'principal investigator/group leader' 
_pdbx_contact_author.identifier_ORCID   0000-0003-1817-7229 
# 
loop_
_audit_author.name 
_audit_author.pdbx_ordinal 
_audit_author.identifier_ORCID 
'Li, F.W.' 1 ? 
'Liu, C.'  2 ? 
'Wu, C.L.' 3 ? 
'Wu, D.L.' 4 ? 
# 
_citation.abstract                  ? 
_citation.abstract_id_CAS           ? 
_citation.book_id_ISBN              ? 
_citation.book_publisher            ? 
_citation.book_publisher_city       ? 
_citation.book_title                ? 
_citation.coordinate_linkage        ? 
_citation.country                   UK 
_citation.database_id_Medline       ? 
_citation.details                   ? 
_citation.id                        primary 
_citation.journal_abbrev            'Nat Commun' 
_citation.journal_id_ASTM           ? 
_citation.journal_id_CSD            ? 
_citation.journal_id_ISSN           2041-1723 
_citation.journal_full              ? 
_citation.journal_issue             ? 
_citation.journal_volume            15 
_citation.language                  ? 
_citation.page_first                1476 
_citation.page_last                 1476 
_citation.title                     
'Cyclic peptides discriminate BCL-2 and its clinical mutants from BCL-X L by engaging a single-residue discrepancy.' 
_citation.year                      2024 
_citation.database_id_CSD           ? 
_citation.pdbx_database_id_DOI      10.1038/s41467-024-45848-1 
_citation.pdbx_database_id_PubMed   38368459 
_citation.pdbx_database_id_patent   ? 
_citation.unpublished_flag          ? 
# 
loop_
_citation_author.citation_id 
_citation_author.name 
_citation_author.ordinal 
_citation_author.identifier_ORCID 
primary 'Li, F.'     1  0000-0002-7143-4151 
primary 'Liu, J.'    2  ?                   
primary 'Liu, C.'    3  ?                   
primary 'Liu, Z.'    4  ?                   
primary 'Peng, X.'   5  ?                   
primary 'Huang, Y.'  6  ?                   
primary 'Chen, X.'   7  ?                   
primary 'Sun, X.'    8  ?                   
primary 'Wang, S.'   9  ?                   
primary 'Chen, W.'   10 ?                   
primary 'Xiong, D.'  11 ?                   
primary 'Diao, X.'   12 0000-0001-8449-6688 
primary 'Wang, S.'   13 ?                   
primary 'Zhuang, J.' 14 ?                   
primary 'Wu, C.'     15 0000-0003-2946-7299 
primary 'Wu, D.'     16 0000-0003-1817-7229 
# 
loop_
_entity.id 
_entity.type 
_entity.src_method 
_entity.pdbx_description 
_entity.formula_weight 
_entity.pdbx_number_of_molecules 
_entity.pdbx_ec 
_entity.pdbx_mutation 
_entity.pdbx_fragment 
_entity.details 
1 polymer     man 'Bcl-2-like protein 1'                                           16190.101 1  ? ? ? ? 
2 polymer     syn 'CP2 peptide'                                                    1429.575  1  ? ? ? 
'Molecule 2 is a cyclic peptide, IQ8 is a special linker connected with A and C.' 
3 non-polymer syn 'N-(2-acetamidoethyl)-4-(4,5-dihydro-1,3-thiazol-2-yl)benzamide' 291.369   1  ? ? ? ? 
4 water       nat water                                                            18.015    83 ? ? ? ? 
# 
_entity_name_com.entity_id   1 
_entity_name_com.name        'Bcl2-L-1,Apoptosis regulator Bcl-X' 
# 
loop_
_entity_poly.entity_id 
_entity_poly.type 
_entity_poly.nstd_linkage 
_entity_poly.nstd_monomer 
_entity_poly.pdbx_seq_one_letter_code 
_entity_poly.pdbx_seq_one_letter_code_can 
_entity_poly.pdbx_strand_id 
_entity_poly.pdbx_target_identifier 
1 'polypeptide(L)' no no 
;MSQSNRELVVDFLSYKLSQKGYSWSQPMAAVKQALREAGDEFELRYRRAFSDLTSQLHITPGTAYQSFEQVVNELFRDGV
NWGRIVAFFSFGGALCVESVDKEMQVLVSRIASWMATYLNDHLEPWIQENGGWDTFVDLYG
;
;MSQSNRELVVDFLSYKLSQKGYSWSQPMAAVKQALREAGDEFELRYRRAFSDLTSQLHITPGTAYQSFEQVVNELFRDGV
NWGRIVAFFSFGGALCVESVDKEMQVLVSRIASWMATYLNDHLEPWIQENGGWDTFVDLYG
;
A ? 
2 'polypeptide(L)' no no APIRYEWDEFC APIRYEWDEFC B ? 
# 
loop_
_pdbx_entity_nonpoly.entity_id 
_pdbx_entity_nonpoly.name 
_pdbx_entity_nonpoly.comp_id 
3 'N-(2-acetamidoethyl)-4-(4,5-dihydro-1,3-thiazol-2-yl)benzamide' IQ8 
4 water                                                            HOH 
# 
loop_
_entity_poly_seq.entity_id 
_entity_poly_seq.num 
_entity_poly_seq.mon_id 
_entity_poly_seq.hetero 
1 1   MET n 
1 2   SER n 
1 3   GLN n 
1 4   SER n 
1 5   ASN n 
1 6   ARG n 
1 7   GLU n 
1 8   LEU n 
1 9   VAL n 
1 10  VAL n 
1 11  ASP n 
1 12  PHE n 
1 13  LEU n 
1 14  SER n 
1 15  TYR n 
1 16  LYS n 
1 17  LEU n 
1 18  SER n 
1 19  GLN n 
1 20  LYS n 
1 21  GLY n 
1 22  TYR n 
1 23  SER n 
1 24  TRP n 
1 25  SER n 
1 26  GLN n 
1 27  PRO n 
1 28  MET n 
1 29  ALA n 
1 30  ALA n 
1 31  VAL n 
1 32  LYS n 
1 33  GLN n 
1 34  ALA n 
1 35  LEU n 
1 36  ARG n 
1 37  GLU n 
1 38  ALA n 
1 39  GLY n 
1 40  ASP n 
1 41  GLU n 
1 42  PHE n 
1 43  GLU n 
1 44  LEU n 
1 45  ARG n 
1 46  TYR n 
1 47  ARG n 
1 48  ARG n 
1 49  ALA n 
1 50  PHE n 
1 51  SER n 
1 52  ASP n 
1 53  LEU n 
1 54  THR n 
1 55  SER n 
1 56  GLN n 
1 57  LEU n 
1 58  HIS n 
1 59  ILE n 
1 60  THR n 
1 61  PRO n 
1 62  GLY n 
1 63  THR n 
1 64  ALA n 
1 65  TYR n 
1 66  GLN n 
1 67  SER n 
1 68  PHE n 
1 69  GLU n 
1 70  GLN n 
1 71  VAL n 
1 72  VAL n 
1 73  ASN n 
1 74  GLU n 
1 75  LEU n 
1 76  PHE n 
1 77  ARG n 
1 78  ASP n 
1 79  GLY n 
1 80  VAL n 
1 81  ASN n 
1 82  TRP n 
1 83  GLY n 
1 84  ARG n 
1 85  ILE n 
1 86  VAL n 
1 87  ALA n 
1 88  PHE n 
1 89  PHE n 
1 90  SER n 
1 91  PHE n 
1 92  GLY n 
1 93  GLY n 
1 94  ALA n 
1 95  LEU n 
1 96  CYS n 
1 97  VAL n 
1 98  GLU n 
1 99  SER n 
1 100 VAL n 
1 101 ASP n 
1 102 LYS n 
1 103 GLU n 
1 104 MET n 
1 105 GLN n 
1 106 VAL n 
1 107 LEU n 
1 108 VAL n 
1 109 SER n 
1 110 ARG n 
1 111 ILE n 
1 112 ALA n 
1 113 SER n 
1 114 TRP n 
1 115 MET n 
1 116 ALA n 
1 117 THR n 
1 118 TYR n 
1 119 LEU n 
1 120 ASN n 
1 121 ASP n 
1 122 HIS n 
1 123 LEU n 
1 124 GLU n 
1 125 PRO n 
1 126 TRP n 
1 127 ILE n 
1 128 GLN n 
1 129 GLU n 
1 130 ASN n 
1 131 GLY n 
1 132 GLY n 
1 133 TRP n 
1 134 ASP n 
1 135 THR n 
1 136 PHE n 
1 137 VAL n 
1 138 ASP n 
1 139 LEU n 
1 140 TYR n 
1 141 GLY n 
2 1   ALA n 
2 2   PRO n 
2 3   ILE n 
2 4   ARG n 
2 5   TYR n 
2 6   GLU n 
2 7   TRP n 
2 8   ASP n 
2 9   GLU n 
2 10  PHE n 
2 11  CYS n 
# 
loop_
_entity_src_gen.entity_id 
_entity_src_gen.pdbx_src_id 
_entity_src_gen.pdbx_alt_source_flag 
_entity_src_gen.pdbx_seq_type 
_entity_src_gen.pdbx_beg_seq_num 
_entity_src_gen.pdbx_end_seq_num 
_entity_src_gen.gene_src_common_name 
_entity_src_gen.gene_src_genus 
_entity_src_gen.pdbx_gene_src_gene 
_entity_src_gen.gene_src_species 
_entity_src_gen.gene_src_strain 
_entity_src_gen.gene_src_tissue 
_entity_src_gen.gene_src_tissue_fraction 
_entity_src_gen.gene_src_details 
_entity_src_gen.pdbx_gene_src_fragment 
_entity_src_gen.pdbx_gene_src_scientific_name 
_entity_src_gen.pdbx_gene_src_ncbi_taxonomy_id 
_entity_src_gen.pdbx_gene_src_variant 
_entity_src_gen.pdbx_gene_src_cell_line 
_entity_src_gen.pdbx_gene_src_atcc 
_entity_src_gen.pdbx_gene_src_organ 
_entity_src_gen.pdbx_gene_src_organelle 
_entity_src_gen.pdbx_gene_src_cell 
_entity_src_gen.pdbx_gene_src_cellular_location 
_entity_src_gen.host_org_common_name 
_entity_src_gen.pdbx_host_org_scientific_name 
_entity_src_gen.pdbx_host_org_ncbi_taxonomy_id 
_entity_src_gen.host_org_genus 
_entity_src_gen.pdbx_host_org_gene 
_entity_src_gen.pdbx_host_org_organ 
_entity_src_gen.host_org_species 
_entity_src_gen.pdbx_host_org_tissue 
_entity_src_gen.pdbx_host_org_tissue_fraction 
_entity_src_gen.pdbx_host_org_strain 
_entity_src_gen.pdbx_host_org_variant 
_entity_src_gen.pdbx_host_org_cell_line 
_entity_src_gen.pdbx_host_org_atcc 
_entity_src_gen.pdbx_host_org_culture_collection 
_entity_src_gen.pdbx_host_org_cell 
_entity_src_gen.pdbx_host_org_organelle 
_entity_src_gen.pdbx_host_org_cellular_location 
_entity_src_gen.pdbx_host_org_vector_type 
_entity_src_gen.pdbx_host_org_vector 
_entity_src_gen.host_org_details 
_entity_src_gen.expression_system_id 
_entity_src_gen.plasmid_name 
_entity_src_gen.plasmid_details 
_entity_src_gen.pdbx_description 
1 1 sample 'Biological sequence' 1  26  'house mouse' ? 'Bcl2l1, Bcl2l, Bclx' ? ? ? ? ? ? 'Mus musculus' 10090 ? ? ? ? ? ? ? ? 
'Escherichia coli BL21(DE3)' 469008 ? ? ? ? ? ? ? ? ? ? ? ? ? ? plasmid ? ? ? pET22b ? ? 
1 2 sample 'Biological sequence' 27 141 'house mouse' ? 'Bcl2l1, Bcl2l, Bclx' ? ? ? ? ? ? 'Mus musculus' 10090 ? ? ? ? ? ? ? ? 
'Escherichia coli BL21(DE3)' 469008 ? ? ? ? ? ? ? ? ? ? ? ? ? ? plasmid ? ? ? pET22b ? ? 
# 
_pdbx_entity_src_syn.entity_id              2 
_pdbx_entity_src_syn.pdbx_src_id            1 
_pdbx_entity_src_syn.pdbx_alt_source_flag   sample 
_pdbx_entity_src_syn.pdbx_beg_seq_num       1 
_pdbx_entity_src_syn.pdbx_end_seq_num       11 
_pdbx_entity_src_syn.organism_scientific    'Homo sapiens' 
_pdbx_entity_src_syn.organism_common_name   ? 
_pdbx_entity_src_syn.ncbi_taxonomy_id       9606 
_pdbx_entity_src_syn.details                ? 
# 
loop_
_chem_comp.id 
_chem_comp.type 
_chem_comp.mon_nstd_flag 
_chem_comp.name 
_chem_comp.pdbx_synonyms 
_chem_comp.formula 
_chem_comp.formula_weight 
ALA 'L-peptide linking' y ALANINE                                                          ? 'C3 H7 N O2'      89.093  
ARG 'L-peptide linking' y ARGININE                                                         ? 'C6 H15 N4 O2 1'  175.209 
ASN 'L-peptide linking' y ASPARAGINE                                                       ? 'C4 H8 N2 O3'     132.118 
ASP 'L-peptide linking' y 'ASPARTIC ACID'                                                  ? 'C4 H7 N O4'      133.103 
CYS 'L-peptide linking' y CYSTEINE                                                         ? 'C3 H7 N O2 S'    121.158 
GLN 'L-peptide linking' y GLUTAMINE                                                        ? 'C5 H10 N2 O3'    146.144 
GLU 'L-peptide linking' y 'GLUTAMIC ACID'                                                  ? 'C5 H9 N O4'      147.129 
GLY 'peptide linking'   y GLYCINE                                                          ? 'C2 H5 N O2'      75.067  
HIS 'L-peptide linking' y HISTIDINE                                                        ? 'C6 H10 N3 O2 1'  156.162 
HOH non-polymer         . WATER                                                            ? 'H2 O'            18.015  
ILE 'L-peptide linking' y ISOLEUCINE                                                       ? 'C6 H13 N O2'     131.173 
IQ8 non-polymer         . 'N-(2-acetamidoethyl)-4-(4,5-dihydro-1,3-thiazol-2-yl)benzamide' ? 'C14 H17 N3 O2 S' 291.369 
LEU 'L-peptide linking' y LEUCINE                                                          ? 'C6 H13 N O2'     131.173 
LYS 'L-peptide linking' y LYSINE                                                           ? 'C6 H15 N2 O2 1'  147.195 
MET 'L-peptide linking' y METHIONINE                                                       ? 'C5 H11 N O2 S'   149.211 
PHE 'L-peptide linking' y PHENYLALANINE                                                    ? 'C9 H11 N O2'     165.189 
PRO 'L-peptide linking' y PROLINE                                                          ? 'C5 H9 N O2'      115.130 
SER 'L-peptide linking' y SERINE                                                           ? 'C3 H7 N O3'      105.093 
THR 'L-peptide linking' y THREONINE                                                        ? 'C4 H9 N O3'      119.119 
TRP 'L-peptide linking' y TRYPTOPHAN                                                       ? 'C11 H12 N2 O2'   204.225 
TYR 'L-peptide linking' y TYROSINE                                                         ? 'C9 H11 N O3'     181.189 
VAL 'L-peptide linking' y VALINE                                                           ? 'C5 H11 N O2'     117.146 
# 
loop_
_pdbx_poly_seq_scheme.asym_id 
_pdbx_poly_seq_scheme.entity_id 
_pdbx_poly_seq_scheme.seq_id 
_pdbx_poly_seq_scheme.mon_id 
_pdbx_poly_seq_scheme.ndb_seq_num 
_pdbx_poly_seq_scheme.pdb_seq_num 
_pdbx_poly_seq_scheme.auth_seq_num 
_pdbx_poly_seq_scheme.pdb_mon_id 
_pdbx_poly_seq_scheme.auth_mon_id 
_pdbx_poly_seq_scheme.pdb_strand_id 
_pdbx_poly_seq_scheme.pdb_ins_code 
_pdbx_poly_seq_scheme.hetero 
A 1 1   MET 1   1   ?   ?   ?   A . n 
A 1 2   SER 2   2   2   SER SER A . n 
A 1 3   GLN 3   3   3   GLN GLN A . n 
A 1 4   SER 4   4   4   SER SER A . n 
A 1 5   ASN 5   5   5   ASN ASN A . n 
A 1 6   ARG 6   6   6   ARG ARG A . n 
A 1 7   GLU 7   7   7   GLU GLU A . n 
A 1 8   LEU 8   8   8   LEU LEU A . n 
A 1 9   VAL 9   9   9   VAL VAL A . n 
A 1 10  VAL 10  10  10  VAL VAL A . n 
A 1 11  ASP 11  11  11  ASP ASP A . n 
A 1 12  PHE 12  12  12  PHE PHE A . n 
A 1 13  LEU 13  13  13  LEU LEU A . n 
A 1 14  SER 14  14  14  SER SER A . n 
A 1 15  TYR 15  15  15  TYR TYR A . n 
A 1 16  LYS 16  16  16  LYS LYS A . n 
A 1 17  LEU 17  17  17  LEU LEU A . n 
A 1 18  SER 18  18  18  SER SER A . n 
A 1 19  GLN 19  19  19  GLN GLN A . n 
A 1 20  LYS 20  20  20  LYS LYS A . n 
A 1 21  GLY 21  21  21  GLY GLY A . n 
A 1 22  TYR 22  22  22  TYR TYR A . n 
A 1 23  SER 23  23  23  SER SER A . n 
A 1 24  TRP 24  24  24  TRP TRP A . n 
A 1 25  SER 25  25  25  SER SER A . n 
A 1 26  GLN 26  26  26  GLN GLN A . n 
A 1 27  PRO 27  27  27  PRO PRO A . n 
A 1 28  MET 28  28  28  MET MET A . n 
A 1 29  ALA 29  29  29  ALA ALA A . n 
A 1 30  ALA 30  30  30  ALA ALA A . n 
A 1 31  VAL 31  31  31  VAL VAL A . n 
A 1 32  LYS 32  32  32  LYS LYS A . n 
A 1 33  GLN 33  33  33  GLN GLN A . n 
A 1 34  ALA 34  34  34  ALA ALA A . n 
A 1 35  LEU 35  35  35  LEU LEU A . n 
A 1 36  ARG 36  36  36  ARG ARG A . n 
A 1 37  GLU 37  37  37  GLU GLU A . n 
A 1 38  ALA 38  38  38  ALA ALA A . n 
A 1 39  GLY 39  39  39  GLY GLY A . n 
A 1 40  ASP 40  40  40  ASP ASP A . n 
A 1 41  GLU 41  41  41  GLU GLU A . n 
A 1 42  PHE 42  42  42  PHE PHE A . n 
A 1 43  GLU 43  43  43  GLU GLU A . n 
A 1 44  LEU 44  44  44  LEU LEU A . n 
A 1 45  ARG 45  45  45  ARG ARG A . n 
A 1 46  TYR 46  46  46  TYR TYR A . n 
A 1 47  ARG 47  47  47  ARG ARG A . n 
A 1 48  ARG 48  48  48  ARG ARG A . n 
A 1 49  ALA 49  49  49  ALA ALA A . n 
A 1 50  PHE 50  50  50  PHE PHE A . n 
A 1 51  SER 51  51  51  SER SER A . n 
A 1 52  ASP 52  52  52  ASP ASP A . n 
A 1 53  LEU 53  53  53  LEU LEU A . n 
A 1 54  THR 54  54  54  THR THR A . n 
A 1 55  SER 55  55  55  SER SER A . n 
A 1 56  GLN 56  56  56  GLN GLN A . n 
A 1 57  LEU 57  57  57  LEU LEU A . n 
A 1 58  HIS 58  58  58  HIS HIS A . n 
A 1 59  ILE 59  59  59  ILE ILE A . n 
A 1 60  THR 60  60  60  THR THR A . n 
A 1 61  PRO 61  61  61  PRO PRO A . n 
A 1 62  GLY 62  62  62  GLY GLY A . n 
A 1 63  THR 63  63  63  THR THR A . n 
A 1 64  ALA 64  64  64  ALA ALA A . n 
A 1 65  TYR 65  65  65  TYR TYR A . n 
A 1 66  GLN 66  66  66  GLN GLN A . n 
A 1 67  SER 67  67  67  SER SER A . n 
A 1 68  PHE 68  68  68  PHE PHE A . n 
A 1 69  GLU 69  69  69  GLU GLU A . n 
A 1 70  GLN 70  70  70  GLN GLN A . n 
A 1 71  VAL 71  71  71  VAL VAL A . n 
A 1 72  VAL 72  72  72  VAL VAL A . n 
A 1 73  ASN 73  73  73  ASN ASN A . n 
A 1 74  GLU 74  74  74  GLU GLU A . n 
A 1 75  LEU 75  75  75  LEU LEU A . n 
A 1 76  PHE 76  76  76  PHE PHE A . n 
A 1 77  ARG 77  77  77  ARG ARG A . n 
A 1 78  ASP 78  78  78  ASP ASP A . n 
A 1 79  GLY 79  79  79  GLY GLY A . n 
A 1 80  VAL 80  80  80  VAL VAL A . n 
A 1 81  ASN 81  81  81  ASN ASN A . n 
A 1 82  TRP 82  82  82  TRP TRP A . n 
A 1 83  GLY 83  83  83  GLY GLY A . n 
A 1 84  ARG 84  84  84  ARG ARG A . n 
A 1 85  ILE 85  85  85  ILE ILE A . n 
A 1 86  VAL 86  86  86  VAL VAL A . n 
A 1 87  ALA 87  87  87  ALA ALA A . n 
A 1 88  PHE 88  88  88  PHE PHE A . n 
A 1 89  PHE 89  89  89  PHE PHE A . n 
A 1 90  SER 90  90  90  SER SER A . n 
A 1 91  PHE 91  91  91  PHE PHE A . n 
A 1 92  GLY 92  92  92  GLY GLY A . n 
A 1 93  GLY 93  93  93  GLY GLY A . n 
A 1 94  ALA 94  94  94  ALA ALA A . n 
A 1 95  LEU 95  95  95  LEU LEU A . n 
A 1 96  CYS 96  96  96  CYS CYS A . n 
A 1 97  VAL 97  97  97  VAL VAL A . n 
A 1 98  GLU 98  98  98  GLU GLU A . n 
A 1 99  SER 99  99  99  SER SER A . n 
A 1 100 VAL 100 100 100 VAL VAL A . n 
A 1 101 ASP 101 101 101 ASP ASP A . n 
A 1 102 LYS 102 102 102 LYS LYS A . n 
A 1 103 GLU 103 103 103 GLU GLU A . n 
A 1 104 MET 104 104 104 MET MET A . n 
A 1 105 GLN 105 105 105 GLN GLN A . n 
A 1 106 VAL 106 106 106 VAL VAL A . n 
A 1 107 LEU 107 107 107 LEU LEU A . n 
A 1 108 VAL 108 108 108 VAL VAL A . n 
A 1 109 SER 109 109 109 SER SER A . n 
A 1 110 ARG 110 110 110 ARG ARG A . n 
A 1 111 ILE 111 111 111 ILE ILE A . n 
A 1 112 ALA 112 112 112 ALA ALA A . n 
A 1 113 SER 113 113 113 SER SER A . n 
A 1 114 TRP 114 114 114 TRP TRP A . n 
A 1 115 MET 115 115 115 MET MET A . n 
A 1 116 ALA 116 116 116 ALA ALA A . n 
A 1 117 THR 117 117 117 THR THR A . n 
A 1 118 TYR 118 118 118 TYR TYR A . n 
A 1 119 LEU 119 119 119 LEU LEU A . n 
A 1 120 ASN 120 120 120 ASN ASN A . n 
A 1 121 ASP 121 121 121 ASP ASP A . n 
A 1 122 HIS 122 122 122 HIS HIS A . n 
A 1 123 LEU 123 123 123 LEU LEU A . n 
A 1 124 GLU 124 124 124 GLU GLU A . n 
A 1 125 PRO 125 125 125 PRO PRO A . n 
A 1 126 TRP 126 126 126 TRP TRP A . n 
A 1 127 ILE 127 127 127 ILE ILE A . n 
A 1 128 GLN 128 128 128 GLN GLN A . n 
A 1 129 GLU 129 129 129 GLU GLU A . n 
A 1 130 ASN 130 130 130 ASN ASN A . n 
A 1 131 GLY 131 131 131 GLY GLY A . n 
A 1 132 GLY 132 132 132 GLY GLY A . n 
A 1 133 TRP 133 133 133 TRP TRP A . n 
A 1 134 ASP 134 134 134 ASP ASP A . n 
A 1 135 THR 135 135 135 THR THR A . n 
A 1 136 PHE 136 136 136 PHE PHE A . n 
A 1 137 VAL 137 137 137 VAL VAL A . n 
A 1 138 ASP 138 138 138 ASP ASP A . n 
A 1 139 LEU 139 139 139 LEU LEU A . n 
A 1 140 TYR 140 140 140 TYR TYR A . n 
A 1 141 GLY 141 141 141 GLY GLY A . n 
B 2 1   ALA 1   2   2   ALA ALA B . n 
B 2 2   PRO 2   3   3   PRO PRO B . n 
B 2 3   ILE 3   4   4   ILE ILE B . n 
B 2 4   ARG 4   5   5   ARG ARG B . n 
B 2 5   TYR 5   6   6   TYR TYR B . n 
B 2 6   GLU 6   7   7   GLU GLU B . n 
B 2 7   TRP 7   8   8   TRP TRP B . n 
B 2 8   ASP 8   9   9   ASP ASP B . n 
B 2 9   GLU 9   10  10  GLU GLU B . n 
B 2 10  PHE 10  11  11  PHE PHE B . n 
B 2 11  CYS 11  12  12  CYS CYS B . n 
# 
_pdbx_entity_instance_feature.ordinal        1 
_pdbx_entity_instance_feature.comp_id        IQ8 
_pdbx_entity_instance_feature.asym_id        ? 
_pdbx_entity_instance_feature.seq_num        ? 
_pdbx_entity_instance_feature.auth_comp_id   IQ8 
_pdbx_entity_instance_feature.auth_asym_id   ? 
_pdbx_entity_instance_feature.auth_seq_num   ? 
_pdbx_entity_instance_feature.feature_type   'SUBJECT OF INVESTIGATION' 
_pdbx_entity_instance_feature.details        ? 
# 
loop_
_pdbx_nonpoly_scheme.asym_id 
_pdbx_nonpoly_scheme.entity_id 
_pdbx_nonpoly_scheme.mon_id 
_pdbx_nonpoly_scheme.ndb_seq_num 
_pdbx_nonpoly_scheme.pdb_seq_num 
_pdbx_nonpoly_scheme.auth_seq_num 
_pdbx_nonpoly_scheme.pdb_mon_id 
_pdbx_nonpoly_scheme.auth_mon_id 
_pdbx_nonpoly_scheme.pdb_strand_id 
_pdbx_nonpoly_scheme.pdb_ins_code 
C 3 IQ8 1  101 1  IQ8 LIK B . 
D 4 HOH 1  201 26 HOH HOH A . 
D 4 HOH 2  202 22 HOH HOH A . 
D 4 HOH 3  203 36 HOH HOH A . 
D 4 HOH 4  204 44 HOH HOH A . 
D 4 HOH 5  205 47 HOH HOH A . 
D 4 HOH 6  206 9  HOH HOH A . 
D 4 HOH 7  207 5  HOH HOH A . 
D 4 HOH 8  208 49 HOH HOH A . 
D 4 HOH 9  209 56 HOH HOH A . 
D 4 HOH 10 210 29 HOH HOH A . 
D 4 HOH 11 211 62 HOH HOH A . 
D 4 HOH 12 212 51 HOH HOH A . 
D 4 HOH 13 213 63 HOH HOH A . 
D 4 HOH 14 214 52 HOH HOH A . 
D 4 HOH 15 215 57 HOH HOH A . 
D 4 HOH 16 216 60 HOH HOH A . 
D 4 HOH 17 217 16 HOH HOH A . 
D 4 HOH 18 218 14 HOH HOH A . 
D 4 HOH 19 219 12 HOH HOH A . 
D 4 HOH 20 220 27 HOH HOH A . 
D 4 HOH 21 221 20 HOH HOH A . 
D 4 HOH 22 222 6  HOH HOH A . 
D 4 HOH 23 223 1  HOH HOH A . 
D 4 HOH 24 224 11 HOH HOH A . 
D 4 HOH 25 225 39 HOH HOH A . 
D 4 HOH 26 226 31 HOH HOH A . 
D 4 HOH 27 227 33 HOH HOH A . 
D 4 HOH 28 228 25 HOH HOH A . 
D 4 HOH 29 229 48 HOH HOH A . 
D 4 HOH 30 230 43 HOH HOH A . 
D 4 HOH 31 231 8  HOH HOH A . 
D 4 HOH 32 232 23 HOH HOH A . 
D 4 HOH 33 233 68 HOH HOH A . 
D 4 HOH 34 234 79 HOH HOH A . 
D 4 HOH 35 235 50 HOH HOH A . 
D 4 HOH 36 236 18 HOH HOH A . 
D 4 HOH 37 237 7  HOH HOH A . 
D 4 HOH 38 238 30 HOH HOH A . 
D 4 HOH 39 239 40 HOH HOH A . 
D 4 HOH 40 240 35 HOH HOH A . 
D 4 HOH 41 241 55 HOH HOH A . 
D 4 HOH 42 242 2  HOH HOH A . 
D 4 HOH 43 243 13 HOH HOH A . 
D 4 HOH 44 244 17 HOH HOH A . 
D 4 HOH 45 245 10 HOH HOH A . 
D 4 HOH 46 246 37 HOH HOH A . 
D 4 HOH 47 247 15 HOH HOH A . 
D 4 HOH 48 248 28 HOH HOH A . 
D 4 HOH 49 249 77 HOH HOH A . 
D 4 HOH 50 250 24 HOH HOH A . 
D 4 HOH 51 251 54 HOH HOH A . 
D 4 HOH 52 252 21 HOH HOH A . 
D 4 HOH 53 253 34 HOH HOH A . 
D 4 HOH 54 254 59 HOH HOH A . 
D 4 HOH 55 255 66 HOH HOH A . 
D 4 HOH 56 256 73 HOH HOH A . 
D 4 HOH 57 257 53 HOH HOH A . 
D 4 HOH 58 258 32 HOH HOH A . 
D 4 HOH 59 259 70 HOH HOH A . 
D 4 HOH 60 260 80 HOH HOH A . 
D 4 HOH 61 261 76 HOH HOH A . 
D 4 HOH 62 262 38 HOH HOH A . 
D 4 HOH 63 263 58 HOH HOH A . 
D 4 HOH 64 264 74 HOH HOH A . 
D 4 HOH 65 265 64 HOH HOH A . 
D 4 HOH 66 266 69 HOH HOH A . 
D 4 HOH 67 267 71 HOH HOH A . 
D 4 HOH 68 268 41 HOH HOH A . 
D 4 HOH 69 269 61 HOH HOH A . 
D 4 HOH 70 270 45 HOH HOH A . 
E 4 HOH 1  201 82 HOH HOH B . 
E 4 HOH 2  202 83 HOH HOH B . 
E 4 HOH 3  203 46 HOH HOH B . 
E 4 HOH 4  204 42 HOH HOH B . 
E 4 HOH 5  205 65 HOH HOH B . 
E 4 HOH 6  206 81 HOH HOH B . 
E 4 HOH 7  207 78 HOH HOH B . 
E 4 HOH 8  208 3  HOH HOH B . 
E 4 HOH 9  209 72 HOH HOH B . 
E 4 HOH 10 210 4  HOH HOH B . 
E 4 HOH 11 211 19 HOH HOH B . 
E 4 HOH 12 212 67 HOH HOH B . 
E 4 HOH 13 213 75 HOH HOH B . 
# 
loop_
_pdbx_unobs_or_zero_occ_atoms.id 
_pdbx_unobs_or_zero_occ_atoms.PDB_model_num 
_pdbx_unobs_or_zero_occ_atoms.polymer_flag 
_pdbx_unobs_or_zero_occ_atoms.occupancy_flag 
_pdbx_unobs_or_zero_occ_atoms.auth_asym_id 
_pdbx_unobs_or_zero_occ_atoms.auth_comp_id 
_pdbx_unobs_or_zero_occ_atoms.auth_seq_id 
_pdbx_unobs_or_zero_occ_atoms.PDB_ins_code 
_pdbx_unobs_or_zero_occ_atoms.auth_atom_id 
_pdbx_unobs_or_zero_occ_atoms.label_alt_id 
_pdbx_unobs_or_zero_occ_atoms.label_asym_id 
_pdbx_unobs_or_zero_occ_atoms.label_comp_id 
_pdbx_unobs_or_zero_occ_atoms.label_seq_id 
_pdbx_unobs_or_zero_occ_atoms.label_atom_id 
1 1 Y 1 A GLN 3 ? CG  ? A GLN 3 CG  
2 1 Y 1 A GLN 3 ? CD  ? A GLN 3 CD  
3 1 Y 1 A GLN 3 ? OE1 ? A GLN 3 OE1 
4 1 Y 1 A GLN 3 ? NE2 ? A GLN 3 NE2 
# 
loop_
_software.citation_id 
_software.classification 
_software.compiler_name 
_software.compiler_version 
_software.contact_author 
_software.contact_author_email 
_software.date 
_software.description 
_software.dependencies 
_software.hardware 
_software.language 
_software.location 
_software.mods 
_software.name 
_software.os 
_software.os_version 
_software.type 
_software.version 
_software.pdbx_ordinal 
? refinement        ? ? ? ? ? ? ? ? ? ? ? REFMAC      ? ? ? 5.8.0267 1 
? 'data scaling'    ? ? ? ? ? ? ? ? ? ? ? HKL-3000    ? ? ? .        2 
? 'data extraction' ? ? ? ? ? ? ? ? ? ? ? PDB_EXTRACT ? ? ? 3.27     3 
? 'data reduction'  ? ? ? ? ? ? ? ? ? ? ? HKL-3000    ? ? ? .        4 
? phasing           ? ? ? ? ? ? ? ? ? ? ? PHASER      ? ? ? .        5 
# 
_cell.angle_alpha                  90.00 
_cell.angle_alpha_esd              ? 
_cell.angle_beta                   90.00 
_cell.angle_beta_esd               ? 
_cell.angle_gamma                  90.00 
_cell.angle_gamma_esd              ? 
_cell.entry_id                     7Y99 
_cell.details                      ? 
_cell.formula_units_Z              ? 
_cell.length_a                     68.433 
_cell.length_a_esd                 ? 
_cell.length_b                     100.478 
_cell.length_b_esd                 ? 
_cell.length_c                     51.326 
_cell.length_c_esd                 ? 
_cell.volume                       ? 
_cell.volume_esd                   ? 
_cell.Z_PDB                        8 
_cell.reciprocal_angle_alpha       ? 
_cell.reciprocal_angle_beta        ? 
_cell.reciprocal_angle_gamma       ? 
_cell.reciprocal_angle_alpha_esd   ? 
_cell.reciprocal_angle_beta_esd    ? 
_cell.reciprocal_angle_gamma_esd   ? 
_cell.reciprocal_length_a          ? 
_cell.reciprocal_length_b          ? 
_cell.reciprocal_length_c          ? 
_cell.reciprocal_length_a_esd      ? 
_cell.reciprocal_length_b_esd      ? 
_cell.reciprocal_length_c_esd      ? 
_cell.pdbx_unique_axis             ? 
_cell.pdbx_esd_method              ? 
# 
_symmetry.entry_id                         7Y99 
_symmetry.cell_setting                     ? 
_symmetry.Int_Tables_number                20 
_symmetry.space_group_name_Hall            ? 
_symmetry.space_group_name_H-M             'C 2 2 21' 
_symmetry.pdbx_full_space_group_name_H-M   ? 
# 
_exptl.absorpt_coefficient_mu     ? 
_exptl.absorpt_correction_T_max   ? 
_exptl.absorpt_correction_T_min   ? 
_exptl.absorpt_correction_type    ? 
_exptl.absorpt_process_details    ? 
_exptl.entry_id                   7Y99 
_exptl.crystals_number            1 
_exptl.details                    ? 
_exptl.method                     'X-RAY DIFFRACTION' 
_exptl.method_details             ? 
# 
_exptl_crystal.colour                       ? 
_exptl_crystal.density_diffrn               ? 
_exptl_crystal.density_Matthews             2.50 
_exptl_crystal.density_method               ? 
_exptl_crystal.density_percent_sol          50.87 
_exptl_crystal.description                  ? 
_exptl_crystal.F_000                        ? 
_exptl_crystal.id                           1 
_exptl_crystal.preparation                  ? 
_exptl_crystal.size_max                     ? 
_exptl_crystal.size_mid                     ? 
_exptl_crystal.size_min                     ? 
_exptl_crystal.size_rad                     ? 
_exptl_crystal.colour_lustre                ? 
_exptl_crystal.colour_modifier              ? 
_exptl_crystal.colour_primary               ? 
_exptl_crystal.density_meas                 ? 
_exptl_crystal.density_meas_esd             ? 
_exptl_crystal.density_meas_gt              ? 
_exptl_crystal.density_meas_lt              ? 
_exptl_crystal.density_meas_temp            ? 
_exptl_crystal.density_meas_temp_esd        ? 
_exptl_crystal.density_meas_temp_gt         ? 
_exptl_crystal.density_meas_temp_lt         ? 
_exptl_crystal.pdbx_crystal_image_url       ? 
_exptl_crystal.pdbx_crystal_image_format    ? 
_exptl_crystal.pdbx_mosaicity               ? 
_exptl_crystal.pdbx_mosaicity_esd           ? 
_exptl_crystal.pdbx_mosaic_method           ? 
_exptl_crystal.pdbx_mosaic_block_size       ? 
_exptl_crystal.pdbx_mosaic_block_size_esd   ? 
# 
_exptl_crystal_grow.apparatus       ? 
_exptl_crystal_grow.atmosphere      ? 
_exptl_crystal_grow.crystal_id      1 
_exptl_crystal_grow.details         ? 
_exptl_crystal_grow.method          'VAPOR DIFFUSION' 
_exptl_crystal_grow.method_ref      ? 
_exptl_crystal_grow.pH              ? 
_exptl_crystal_grow.pressure        ? 
_exptl_crystal_grow.pressure_esd    ? 
_exptl_crystal_grow.seeding         ? 
_exptl_crystal_grow.seeding_ref     ? 
_exptl_crystal_grow.temp_details    ? 
_exptl_crystal_grow.temp_esd        ? 
_exptl_crystal_grow.time            ? 
_exptl_crystal_grow.pdbx_details    'Ammonium acetate, BIS-TRIS, MPD' 
_exptl_crystal_grow.pdbx_pH_range   ? 
_exptl_crystal_grow.temp            277 
# 
_diffrn.ambient_environment              ? 
_diffrn.ambient_temp                     100 
_diffrn.ambient_temp_details             ? 
_diffrn.ambient_temp_esd                 ? 
_diffrn.crystal_id                       1 
_diffrn.crystal_support                  ? 
_diffrn.crystal_treatment                ? 
_diffrn.details                          ? 
_diffrn.id                               1 
_diffrn.ambient_pressure                 ? 
_diffrn.ambient_pressure_esd             ? 
_diffrn.ambient_pressure_gt              ? 
_diffrn.ambient_pressure_lt              ? 
_diffrn.ambient_temp_gt                  ? 
_diffrn.ambient_temp_lt                  ? 
_diffrn.pdbx_serial_crystal_experiment   N 
# 
_diffrn_detector.details                      mirrors 
_diffrn_detector.detector                     CCD 
_diffrn_detector.diffrn_id                    1 
_diffrn_detector.type                         'ADSC QUANTUM 315' 
_diffrn_detector.area_resol_mean              ? 
_diffrn_detector.dtime                        ? 
_diffrn_detector.pdbx_frames_total            ? 
_diffrn_detector.pdbx_collection_time_total   ? 
_diffrn_detector.pdbx_collection_date         2021-05-21 
_diffrn_detector.pdbx_frequency               ? 
_diffrn_detector.id                           ? 
_diffrn_detector.number_of_axes               ? 
# 
_diffrn_radiation.collimation                      ? 
_diffrn_radiation.diffrn_id                        1 
_diffrn_radiation.filter_edge                      ? 
_diffrn_radiation.inhomogeneity                    ? 
_diffrn_radiation.monochromator                    'Ni FILTER' 
_diffrn_radiation.polarisn_norm                    ? 
_diffrn_radiation.polarisn_ratio                   ? 
_diffrn_radiation.probe                            ? 
_diffrn_radiation.type                             ? 
_diffrn_radiation.xray_symbol                      ? 
_diffrn_radiation.wavelength_id                    1 
_diffrn_radiation.pdbx_monochromatic_or_laue_m_l   M 
_diffrn_radiation.pdbx_wavelength_list             ? 
_diffrn_radiation.pdbx_wavelength                  ? 
_diffrn_radiation.pdbx_diffrn_protocol             'SINGLE WAVELENGTH' 
_diffrn_radiation.pdbx_analyzer                    ? 
_diffrn_radiation.pdbx_scattering_type             x-ray 
# 
_diffrn_radiation_wavelength.id           1 
_diffrn_radiation_wavelength.wavelength   0.987 
_diffrn_radiation_wavelength.wt           1.0 
# 
_diffrn_source.current                     ? 
_diffrn_source.details                     ? 
_diffrn_source.diffrn_id                   1 
_diffrn_source.power                       ? 
_diffrn_source.size                        ? 
_diffrn_source.source                      SYNCHROTRON 
_diffrn_source.target                      ? 
_diffrn_source.type                        'SSRF BEAMLINE BL19U1' 
_diffrn_source.voltage                     ? 
_diffrn_source.take-off_angle              ? 
_diffrn_source.pdbx_wavelength_list        0.987 
_diffrn_source.pdbx_wavelength             ? 
_diffrn_source.pdbx_synchrotron_beamline   BL19U1 
_diffrn_source.pdbx_synchrotron_site       SSRF 
# 
_reflns.B_iso_Wilson_estimate                          ? 
_reflns.entry_id                                       7Y99 
_reflns.data_reduction_details                         ? 
_reflns.data_reduction_method                          ? 
_reflns.d_resolution_high                              1.90 
_reflns.d_resolution_low                               50.00 
_reflns.details                                        ? 
_reflns.limit_h_max                                    ? 
_reflns.limit_h_min                                    ? 
_reflns.limit_k_max                                    ? 
_reflns.limit_k_min                                    ? 
_reflns.limit_l_max                                    ? 
_reflns.limit_l_min                                    ? 
_reflns.number_all                                     ? 
_reflns.number_obs                                     14253 
_reflns.observed_criterion                             ? 
_reflns.observed_criterion_F_max                       ? 
_reflns.observed_criterion_F_min                       ? 
_reflns.observed_criterion_I_max                       ? 
_reflns.observed_criterion_I_min                       ? 
_reflns.observed_criterion_sigma_F                     ? 
_reflns.observed_criterion_sigma_I                     ? 
_reflns.percent_possible_obs                           99.9 
_reflns.R_free_details                                 ? 
_reflns.Rmerge_F_all                                   ? 
_reflns.Rmerge_F_obs                                   ? 
_reflns.Friedel_coverage                               ? 
_reflns.number_gt                                      ? 
_reflns.threshold_expression                           ? 
_reflns.pdbx_redundancy                                12.6 
_reflns.pdbx_netI_over_av_sigmaI                       ? 
_reflns.pdbx_netI_over_sigmaI                          7.9 
_reflns.pdbx_res_netI_over_av_sigmaI_2                 ? 
_reflns.pdbx_res_netI_over_sigmaI_2                    ? 
_reflns.pdbx_chi_squared                               0.961 
_reflns.pdbx_scaling_rejects                           ? 
_reflns.pdbx_d_res_high_opt                            ? 
_reflns.pdbx_d_res_low_opt                             ? 
_reflns.pdbx_d_res_opt_method                          ? 
_reflns.phase_calculation_details                      ? 
_reflns.pdbx_Rrim_I_all                                0.159 
_reflns.pdbx_Rpim_I_all                                0.045 
_reflns.pdbx_d_opt                                     ? 
_reflns.pdbx_number_measured_all                       179227 
_reflns.pdbx_diffrn_id                                 1 
_reflns.pdbx_ordinal                                   1 
_reflns.pdbx_CC_half                                   0.975 
_reflns.pdbx_CC_star                                   0.994 
_reflns.pdbx_R_split                                   ? 
_reflns.pdbx_Rmerge_I_obs                              0.152 
_reflns.pdbx_Rmerge_I_all                              ? 
_reflns.pdbx_Rsym_value                                ? 
_reflns.pdbx_CC_split_method                           ? 
_reflns.pdbx_aniso_diffraction_limit_axis_1_ortho[1]   ? 
_reflns.pdbx_aniso_diffraction_limit_axis_1_ortho[2]   ? 
_reflns.pdbx_aniso_diffraction_limit_axis_1_ortho[3]   ? 
_reflns.pdbx_aniso_diffraction_limit_axis_2_ortho[1]   ? 
_reflns.pdbx_aniso_diffraction_limit_axis_2_ortho[2]   ? 
_reflns.pdbx_aniso_diffraction_limit_axis_2_ortho[3]   ? 
_reflns.pdbx_aniso_diffraction_limit_axis_3_ortho[1]   ? 
_reflns.pdbx_aniso_diffraction_limit_axis_3_ortho[2]   ? 
_reflns.pdbx_aniso_diffraction_limit_axis_3_ortho[3]   ? 
_reflns.pdbx_aniso_diffraction_limit_1                 ? 
_reflns.pdbx_aniso_diffraction_limit_2                 ? 
_reflns.pdbx_aniso_diffraction_limit_3                 ? 
_reflns.pdbx_aniso_B_tensor_eigenvector_1_ortho[1]     ? 
_reflns.pdbx_aniso_B_tensor_eigenvector_1_ortho[2]     ? 
_reflns.pdbx_aniso_B_tensor_eigenvector_1_ortho[3]     ? 
_reflns.pdbx_aniso_B_tensor_eigenvector_2_ortho[1]     ? 
_reflns.pdbx_aniso_B_tensor_eigenvector_2_ortho[2]     ? 
_reflns.pdbx_aniso_B_tensor_eigenvector_2_ortho[3]     ? 
_reflns.pdbx_aniso_B_tensor_eigenvector_3_ortho[1]     ? 
_reflns.pdbx_aniso_B_tensor_eigenvector_3_ortho[2]     ? 
_reflns.pdbx_aniso_B_tensor_eigenvector_3_ortho[3]     ? 
_reflns.pdbx_aniso_B_tensor_eigenvalue_1               ? 
_reflns.pdbx_aniso_B_tensor_eigenvalue_2               ? 
_reflns.pdbx_aniso_B_tensor_eigenvalue_3               ? 
_reflns.pdbx_orthogonalization_convention              ? 
_reflns.pdbx_percent_possible_ellipsoidal              ? 
_reflns.pdbx_percent_possible_spherical                ? 
_reflns.pdbx_percent_possible_ellipsoidal_anomalous    ? 
_reflns.pdbx_percent_possible_spherical_anomalous      ? 
_reflns.pdbx_redundancy_anomalous                      ? 
_reflns.pdbx_CC_half_anomalous                         ? 
_reflns.pdbx_absDiff_over_sigma_anomalous              ? 
_reflns.pdbx_percent_possible_anomalous                ? 
_reflns.pdbx_observed_signal_threshold                 ? 
_reflns.pdbx_signal_type                               ? 
_reflns.pdbx_signal_details                            ? 
_reflns.pdbx_signal_software_id                        ? 
# 
loop_
_reflns_shell.d_res_high 
_reflns_shell.d_res_low 
_reflns_shell.meanI_over_sigI_all 
_reflns_shell.meanI_over_sigI_obs 
_reflns_shell.number_measured_all 
_reflns_shell.number_measured_obs 
_reflns_shell.number_possible 
_reflns_shell.number_unique_all 
_reflns_shell.number_unique_obs 
_reflns_shell.percent_possible_obs 
_reflns_shell.Rmerge_F_all 
_reflns_shell.Rmerge_F_obs 
_reflns_shell.meanI_over_sigI_gt 
_reflns_shell.meanI_over_uI_all 
_reflns_shell.meanI_over_uI_gt 
_reflns_shell.number_measured_gt 
_reflns_shell.number_unique_gt 
_reflns_shell.percent_possible_gt 
_reflns_shell.Rmerge_F_gt 
_reflns_shell.Rmerge_I_gt 
_reflns_shell.pdbx_redundancy 
_reflns_shell.pdbx_chi_squared 
_reflns_shell.pdbx_netI_over_sigmaI_all 
_reflns_shell.pdbx_netI_over_sigmaI_obs 
_reflns_shell.pdbx_Rrim_I_all 
_reflns_shell.pdbx_Rpim_I_all 
_reflns_shell.pdbx_rejects 
_reflns_shell.pdbx_ordinal 
_reflns_shell.pdbx_diffrn_id 
_reflns_shell.pdbx_CC_half 
_reflns_shell.pdbx_CC_star 
_reflns_shell.pdbx_R_split 
_reflns_shell.percent_possible_all 
_reflns_shell.Rmerge_I_all 
_reflns_shell.Rmerge_I_obs 
_reflns_shell.pdbx_Rsym_value 
_reflns_shell.pdbx_percent_possible_ellipsoidal 
_reflns_shell.pdbx_percent_possible_spherical 
_reflns_shell.pdbx_percent_possible_ellipsoidal_anomalous 
_reflns_shell.pdbx_percent_possible_spherical_anomalous 
_reflns_shell.pdbx_redundancy_anomalous 
_reflns_shell.pdbx_CC_half_anomalous 
_reflns_shell.pdbx_absDiff_over_sigma_anomalous 
_reflns_shell.pdbx_percent_possible_anomalous 
1.90 1.93  ? ? ? ? ? ? 667 ? ? ? ? ? ? ? ? ? ? ? 12.8 0.993 ? ? 0.512 0.141 ? 1  1 0.956 0.989 ? 99.9  ? 0.492 ? ? ? ? ? ? ? ? ? 
1.93 1.97  ? ? ? ? ? ? 710 ? ? ? ? ? ? ? ? ? ? ? 12.9 0.931 ? ? 0.426 0.118 ? 2  1 0.966 0.991 ? 100.0 ? 0.409 ? ? ? ? ? ? ? ? ? 
1.97 2.01  ? ? ? ? ? ? 686 ? ? ? ? ? ? ? ? ? ? ? 12.8 0.957 ? ? 0.395 0.109 ? 3  1 0.971 0.993 ? 100.0 ? 0.380 ? ? ? ? ? ? ? ? ? 
2.01 2.05  ? ? ? ? ? ? 715 ? ? ? ? ? ? ? ? ? ? ? 12.6 0.940 ? ? 0.334 0.093 ? 4  1 0.976 0.994 ? 100.0 ? 0.321 ? ? ? ? ? ? ? ? ? 
2.05 2.09  ? ? ? ? ? ? 719 ? ? ? ? ? ? ? ? ? ? ? 12.6 1.041 ? ? 0.303 0.085 ? 5  1 0.980 0.995 ? 100.0 ? 0.291 ? ? ? ? ? ? ? ? ? 
2.09 2.14  ? ? ? ? ? ? 693 ? ? ? ? ? ? ? ? ? ? ? 12.0 0.956 ? ? 0.269 0.076 ? 6  1 0.980 0.995 ? 100.0 ? 0.258 ? ? ? ? ? ? ? ? ? 
2.14 2.19  ? ? ? ? ? ? 693 ? ? ? ? ? ? ? ? ? ? ? 11.2 1.013 ? ? 0.250 0.074 ? 7  1 0.979 0.995 ? 100.0 ? 0.238 ? ? ? ? ? ? ? ? ? 
2.19 2.25  ? ? ? ? ? ? 715 ? ? ? ? ? ? ? ? ? ? ? 13.0 1.053 ? ? 0.228 0.063 ? 8  1 0.986 0.996 ? 100.0 ? 0.218 ? ? ? ? ? ? ? ? ? 
2.25 2.32  ? ? ? ? ? ? 702 ? ? ? ? ? ? ? ? ? ? ? 13.2 0.971 ? ? 0.216 0.059 ? 9  1 0.986 0.996 ? 100.0 ? 0.207 ? ? ? ? ? ? ? ? ? 
2.32 2.39  ? ? ? ? ? ? 706 ? ? ? ? ? ? ? ? ? ? ? 13.0 0.953 ? ? 0.202 0.056 ? 10 1 0.984 0.996 ? 100.0 ? 0.194 ? ? ? ? ? ? ? ? ? 
2.39 2.48  ? ? ? ? ? ? 708 ? ? ? ? ? ? ? ? ? ? ? 13.1 0.957 ? ? 0.189 0.052 ? 11 1 0.984 0.996 ? 100.0 ? 0.181 ? ? ? ? ? ? ? ? ? 
2.48 2.58  ? ? ? ? ? ? 712 ? ? ? ? ? ? ? ? ? ? ? 12.8 0.921 ? ? 0.176 0.049 ? 12 1 0.988 0.997 ? 100.0 ? 0.169 ? ? ? ? ? ? ? ? ? 
2.58 2.70  ? ? ? ? ? ? 702 ? ? ? ? ? ? ? ? ? ? ? 12.6 0.926 ? ? 0.167 0.047 ? 13 1 0.989 0.997 ? 99.7  ? 0.160 ? ? ? ? ? ? ? ? ? 
2.70 2.84  ? ? ? ? ? ? 723 ? ? ? ? ? ? ? ? ? ? ? 11.5 0.972 ? ? 0.158 0.046 ? 14 1 0.987 0.997 ? 99.9  ? 0.151 ? ? ? ? ? ? ? ? ? 
2.84 3.02  ? ? ? ? ? ? 715 ? ? ? ? ? ? ? ? ? ? ? 13.3 0.924 ? ? 0.151 0.041 ? 15 1 0.989 0.997 ? 100.0 ? 0.145 ? ? ? ? ? ? ? ? ? 
3.02 3.25  ? ? ? ? ? ? 716 ? ? ? ? ? ? ? ? ? ? ? 13.2 0.909 ? ? 0.147 0.040 ? 16 1 0.992 0.998 ? 100.0 ? 0.141 ? ? ? ? ? ? ? ? ? 
3.25 3.58  ? ? ? ? ? ? 728 ? ? ? ? ? ? ? ? ? ? ? 12.9 0.909 ? ? 0.142 0.039 ? 17 1 0.988 0.997 ? 100.0 ? 0.137 ? ? ? ? ? ? ? ? ? 
3.58 4.09  ? ? ? ? ? ? 721 ? ? ? ? ? ? ? ? ? ? ? 11.7 0.978 ? ? 0.143 0.041 ? 18 1 0.988 0.997 ? 99.7  ? 0.137 ? ? ? ? ? ? ? ? ? 
4.09 5.16  ? ? ? ? ? ? 739 ? ? ? ? ? ? ? ? ? ? ? 12.7 0.936 ? ? 0.138 0.039 ? 19 1 0.990 0.998 ? 99.9  ? 0.132 ? ? ? ? ? ? ? ? ? 
5.16 50.00 ? ? ? ? ? ? 783 ? ? ? ? ? ? ? ? ? ? ? 11.5 1.002 ? ? 0.152 0.045 ? 20 1 0.954 0.988 ? 99.1  ? 0.144 ? ? ? ? ? ? ? ? ? 
# 
_refine.aniso_B[1][1]                            0.46 
_refine.aniso_B[1][2]                            -0.00 
_refine.aniso_B[1][3]                            -0.00 
_refine.aniso_B[2][2]                            -0.11 
_refine.aniso_B[2][3]                            -0.00 
_refine.aniso_B[3][3]                            -0.35 
_refine.B_iso_max                                ? 
_refine.B_iso_mean                               20.556 
_refine.B_iso_min                                ? 
_refine.correlation_coeff_Fo_to_Fc               0.950 
_refine.correlation_coeff_Fo_to_Fc_free          0.946 
_refine.details                                  'HYDROGENS HAVE BEEN ADDED IN THE RIDING POSITIONS' 
_refine.diff_density_max                         ? 
_refine.diff_density_max_esd                     ? 
_refine.diff_density_min                         ? 
_refine.diff_density_min_esd                     ? 
_refine.diff_density_rms                         ? 
_refine.diff_density_rms_esd                     ? 
_refine.entry_id                                 7Y99 
_refine.pdbx_refine_id                           'X-RAY DIFFRACTION' 
_refine.ls_abs_structure_details                 ? 
_refine.ls_abs_structure_Flack                   ? 
_refine.ls_abs_structure_Flack_esd               ? 
_refine.ls_abs_structure_Rogers                  ? 
_refine.ls_abs_structure_Rogers_esd              ? 
_refine.ls_d_res_high                            1.90 
_refine.ls_d_res_low                             28.49 
_refine.ls_extinction_coef                       ? 
_refine.ls_extinction_coef_esd                   ? 
_refine.ls_extinction_expression                 ? 
_refine.ls_extinction_method                     ? 
_refine.ls_goodness_of_fit_all                   ? 
_refine.ls_goodness_of_fit_all_esd               ? 
_refine.ls_goodness_of_fit_obs                   ? 
_refine.ls_goodness_of_fit_obs_esd               ? 
_refine.ls_hydrogen_treatment                    ? 
_refine.ls_matrix_type                           ? 
_refine.ls_number_constraints                    ? 
_refine.ls_number_parameters                     ? 
_refine.ls_number_reflns_all                     ? 
_refine.ls_number_reflns_obs                     13311 
_refine.ls_number_reflns_R_free                  697 
_refine.ls_number_reflns_R_work                  ? 
_refine.ls_number_restraints                     ? 
_refine.ls_percent_reflns_obs                    98.14 
_refine.ls_percent_reflns_R_free                 5.0 
_refine.ls_R_factor_all                          ? 
_refine.ls_R_factor_obs                          0.17538 
_refine.ls_R_factor_R_free                       0.19217 
_refine.ls_R_factor_R_free_error                 ? 
_refine.ls_R_factor_R_free_error_details         ? 
_refine.ls_R_factor_R_work                       0.17446 
_refine.ls_R_Fsqd_factor_obs                     ? 
_refine.ls_R_I_factor_obs                        ? 
_refine.ls_redundancy_reflns_all                 ? 
_refine.ls_redundancy_reflns_obs                 ? 
_refine.ls_restrained_S_all                      ? 
_refine.ls_restrained_S_obs                      ? 
_refine.ls_shift_over_esd_max                    ? 
_refine.ls_shift_over_esd_mean                   ? 
_refine.ls_structure_factor_coef                 ? 
_refine.ls_weighting_details                     ? 
_refine.ls_weighting_scheme                      ? 
_refine.ls_wR_factor_all                         ? 
_refine.ls_wR_factor_obs                         ? 
_refine.ls_wR_factor_R_free                      ? 
_refine.ls_wR_factor_R_work                      ? 
_refine.occupancy_max                            ? 
_refine.occupancy_min                            ? 
_refine.solvent_model_details                    MASK 
_refine.solvent_model_param_bsol                 ? 
_refine.solvent_model_param_ksol                 ? 
_refine.pdbx_R_complete                          ? 
_refine.ls_R_factor_gt                           ? 
_refine.ls_goodness_of_fit_gt                    ? 
_refine.ls_goodness_of_fit_ref                   ? 
_refine.ls_shift_over_su_max                     ? 
_refine.ls_shift_over_su_max_lt                  ? 
_refine.ls_shift_over_su_mean                    ? 
_refine.ls_shift_over_su_mean_lt                 ? 
_refine.pdbx_ls_sigma_I                          ? 
_refine.pdbx_ls_sigma_F                          ? 
_refine.pdbx_ls_sigma_Fsqd                       ? 
_refine.pdbx_data_cutoff_high_absF               ? 
_refine.pdbx_data_cutoff_high_rms_absF           ? 
_refine.pdbx_data_cutoff_low_absF                ? 
_refine.pdbx_isotropic_thermal_model             ? 
_refine.pdbx_ls_cross_valid_method               THROUGHOUT 
_refine.pdbx_method_to_determine_struct          'MOLECULAR REPLACEMENT' 
_refine.pdbx_starting_model                      ? 
_refine.pdbx_stereochemistry_target_values       'MAXIMUM LIKELIHOOD' 
_refine.pdbx_R_Free_selection_details            RANDOM 
_refine.pdbx_stereochem_target_val_spec_case     ? 
_refine.pdbx_overall_ESU_R                       0.139 
_refine.pdbx_overall_ESU_R_Free                  0.118 
_refine.pdbx_solvent_vdw_probe_radii             1.20 
_refine.pdbx_solvent_ion_probe_radii             0.80 
_refine.pdbx_solvent_shrinkage_radii             0.80 
_refine.pdbx_real_space_R                        ? 
_refine.pdbx_density_correlation                 ? 
_refine.pdbx_pd_number_of_powder_patterns        ? 
_refine.pdbx_pd_number_of_points                 ? 
_refine.pdbx_pd_meas_number_of_points            ? 
_refine.pdbx_pd_proc_ls_prof_R_factor            ? 
_refine.pdbx_pd_proc_ls_prof_wR_factor           ? 
_refine.pdbx_pd_Marquardt_correlation_coeff      ? 
_refine.pdbx_pd_Fsqrd_R_factor                   ? 
_refine.pdbx_pd_ls_matrix_band_width             ? 
_refine.pdbx_overall_phase_error                 ? 
_refine.pdbx_overall_SU_R_free_Cruickshank_DPI   ? 
_refine.pdbx_overall_SU_R_free_Blow_DPI          ? 
_refine.pdbx_overall_SU_R_Blow_DPI               ? 
_refine.pdbx_TLS_residual_ADP_flag               ? 
_refine.pdbx_diffrn_id                           1 
_refine.overall_SU_B                             2.756 
_refine.overall_SU_ML                            0.080 
_refine.overall_SU_R_Cruickshank_DPI             ? 
_refine.overall_SU_R_free                        ? 
_refine.overall_FOM_free_R_set                   ? 
_refine.overall_FOM_work_R_set                   ? 
_refine.pdbx_average_fsc_overall                 ? 
_refine.pdbx_average_fsc_work                    ? 
_refine.pdbx_average_fsc_free                    ? 
# 
_refine_hist.pdbx_refine_id                   'X-RAY DIFFRACTION' 
_refine_hist.cycle_id                         1 
_refine_hist.details                          ? 
_refine_hist.d_res_high                       1.90 
_refine_hist.d_res_low                        28.49 
_refine_hist.number_atoms_solvent             83 
_refine_hist.number_atoms_total               1330 
_refine_hist.number_reflns_all                ? 
_refine_hist.number_reflns_obs                ? 
_refine_hist.number_reflns_R_free             ? 
_refine_hist.number_reflns_R_work             ? 
_refine_hist.R_factor_all                     ? 
_refine_hist.R_factor_obs                     ? 
_refine_hist.R_factor_R_free                  ? 
_refine_hist.R_factor_R_work                  ? 
_refine_hist.pdbx_number_residues_total       ? 
_refine_hist.pdbx_B_iso_mean_ligand           ? 
_refine_hist.pdbx_B_iso_mean_solvent          ? 
_refine_hist.pdbx_number_atoms_protein        1247 
_refine_hist.pdbx_number_atoms_nucleic_acid   0 
_refine_hist.pdbx_number_atoms_ligand         0 
_refine_hist.pdbx_number_atoms_lipid          ? 
_refine_hist.pdbx_number_atoms_carb           ? 
_refine_hist.pdbx_pseudo_atom_details         ? 
# 
loop_
_refine_ls_restr.pdbx_refine_id 
_refine_ls_restr.criterion 
_refine_ls_restr.dev_ideal 
_refine_ls_restr.dev_ideal_target 
_refine_ls_restr.number 
_refine_ls_restr.rejects 
_refine_ls_restr.type 
_refine_ls_restr.weight 
_refine_ls_restr.pdbx_restraint_function 
'X-RAY DIFFRACTION' ? 0.013  0.013  1281 ? r_bond_refined_d             ? ? 
'X-RAY DIFFRACTION' ? 0.001  0.018  1144 ? r_bond_other_d               ? ? 
'X-RAY DIFFRACTION' ? 1.845  1.653  1734 ? r_angle_refined_deg          ? ? 
'X-RAY DIFFRACTION' ? 1.555  1.601  2620 ? r_angle_other_deg            ? ? 
'X-RAY DIFFRACTION' ? 5.363  5.000  148  ? r_dihedral_angle_1_deg       ? ? 
'X-RAY DIFFRACTION' ? 29.579 22.078 77   ? r_dihedral_angle_2_deg       ? ? 
'X-RAY DIFFRACTION' ? 12.583 15.000 199  ? r_dihedral_angle_3_deg       ? ? 
'X-RAY DIFFRACTION' ? 16.579 15.000 9    ? r_dihedral_angle_4_deg       ? ? 
'X-RAY DIFFRACTION' ? 0.091  0.200  150  ? r_chiral_restr               ? ? 
'X-RAY DIFFRACTION' ? 0.010  0.020  1468 ? r_gen_planes_refined         ? ? 
'X-RAY DIFFRACTION' ? 0.001  0.020  338  ? r_gen_planes_other           ? ? 
'X-RAY DIFFRACTION' ? ?      ?      ?    ? r_nbd_refined                ? ? 
'X-RAY DIFFRACTION' ? ?      ?      ?    ? r_nbd_other                  ? ? 
'X-RAY DIFFRACTION' ? ?      ?      ?    ? r_nbtor_refined              ? ? 
'X-RAY DIFFRACTION' ? ?      ?      ?    ? r_nbtor_other                ? ? 
'X-RAY DIFFRACTION' ? ?      ?      ?    ? r_xyhbond_nbd_refined        ? ? 
'X-RAY DIFFRACTION' ? ?      ?      ?    ? r_xyhbond_nbd_other          ? ? 
'X-RAY DIFFRACTION' ? ?      ?      ?    ? r_metal_ion_refined          ? ? 
'X-RAY DIFFRACTION' ? ?      ?      ?    ? r_metal_ion_other            ? ? 
'X-RAY DIFFRACTION' ? ?      ?      ?    ? r_symmetry_vdw_refined       ? ? 
'X-RAY DIFFRACTION' ? ?      ?      ?    ? r_symmetry_vdw_other         ? ? 
'X-RAY DIFFRACTION' ? ?      ?      ?    ? r_symmetry_hbond_refined     ? ? 
'X-RAY DIFFRACTION' ? ?      ?      ?    ? r_symmetry_hbond_other       ? ? 
'X-RAY DIFFRACTION' ? ?      ?      ?    ? r_symmetry_metal_ion_refined ? ? 
'X-RAY DIFFRACTION' ? ?      ?      ?    ? r_symmetry_metal_ion_other   ? ? 
'X-RAY DIFFRACTION' ? 2.380  1.895  599  ? r_mcbond_it                  ? ? 
'X-RAY DIFFRACTION' ? 2.244  1.890  598  ? r_mcbond_other               ? ? 
'X-RAY DIFFRACTION' ? 3.334  2.817  746  ? r_mcangle_it                 ? ? 
'X-RAY DIFFRACTION' ? 3.332  2.820  747  ? r_mcangle_other              ? ? 
'X-RAY DIFFRACTION' ? 3.432  2.322  681  ? r_scbond_it                  ? ? 
'X-RAY DIFFRACTION' ? 3.391  2.321  681  ? r_scbond_other               ? ? 
'X-RAY DIFFRACTION' ? ?      ?      ?    ? r_scangle_it                 ? ? 
'X-RAY DIFFRACTION' ? 5.316  3.332  989  ? r_scangle_other              ? ? 
'X-RAY DIFFRACTION' ? 7.361  35.071 5140 ? r_long_range_B_refined       ? ? 
'X-RAY DIFFRACTION' ? 7.329  34.946 5100 ? r_long_range_B_other         ? ? 
'X-RAY DIFFRACTION' ? ?      ?      ?    ? r_rigid_bond_restr           ? ? 
'X-RAY DIFFRACTION' ? ?      ?      ?    ? r_sphericity_free            ? ? 
'X-RAY DIFFRACTION' ? ?      ?      ?    ? r_sphericity_bonded          ? ? 
# 
_refine_ls_shell.pdbx_refine_id                   'X-RAY DIFFRACTION' 
_refine_ls_shell.d_res_high                       1.901 
_refine_ls_shell.d_res_low                        1.951 
_refine_ls_shell.number_reflns_all                ? 
_refine_ls_shell.number_reflns_obs                ? 
_refine_ls_shell.number_reflns_R_free             38 
_refine_ls_shell.number_reflns_R_work             831 
_refine_ls_shell.percent_reflns_obs               86.04 
_refine_ls_shell.percent_reflns_R_free            ? 
_refine_ls_shell.R_factor_all                     ? 
_refine_ls_shell.R_factor_obs                     ? 
_refine_ls_shell.R_factor_R_free_error            ? 
_refine_ls_shell.R_factor_R_work                  0.206 
_refine_ls_shell.redundancy_reflns_all            ? 
_refine_ls_shell.redundancy_reflns_obs            ? 
_refine_ls_shell.wR_factor_all                    ? 
_refine_ls_shell.wR_factor_obs                    ? 
_refine_ls_shell.wR_factor_R_free                 ? 
_refine_ls_shell.wR_factor_R_work                 ? 
_refine_ls_shell.pdbx_R_complete                  ? 
_refine_ls_shell.pdbx_total_number_of_bins_used   20 
_refine_ls_shell.pdbx_phase_error                 ? 
_refine_ls_shell.pdbx_fsc_work                    ? 
_refine_ls_shell.pdbx_fsc_free                    ? 
_refine_ls_shell.R_factor_R_free                  0.282 
# 
_struct.entry_id                     7Y99 
_struct.title                        'Crystal Structure Analysis of cp2 bound BCLxl' 
_struct.pdbx_model_details           ? 
_struct.pdbx_formula_weight          ? 
_struct.pdbx_formula_weight_method   ? 
_struct.pdbx_model_type_details      ? 
_struct.pdbx_CASP_flag               N 
# 
_struct_keywords.entry_id        7Y99 
_struct_keywords.text            'Complex, APOPTOSIS' 
_struct_keywords.pdbx_keywords   APOPTOSIS 
# 
loop_
_struct_asym.id 
_struct_asym.pdbx_blank_PDB_chainid_flag 
_struct_asym.pdbx_modified 
_struct_asym.entity_id 
_struct_asym.details 
A N N 1 ? 
B N N 2 ? 
C N N 3 ? 
D N N 4 ? 
E N N 4 ? 
# 
loop_
_struct_ref.id 
_struct_ref.db_name 
_struct_ref.db_code 
_struct_ref.pdbx_db_accession 
_struct_ref.pdbx_db_isoform 
_struct_ref.entity_id 
_struct_ref.pdbx_seq_one_letter_code 
_struct_ref.pdbx_align_begin 
1 UNP B2CL1_MOUSE Q64373 ? 1 MSQSNRELVVDFLSYKLSQKGYSWSQ 1  
2 UNP B2CL1_MOUSE Q64373 ? 1 
;PMAAVKQALREAGDEFELRYRRAFSDLTSQLHITPGTAYQSFEQVVNELFRDGVNWGRIVAFFSFGGALCVESVDKEMQV
LVSRIASWMATYLNDHLEPWIQENGGWDTFVDLYG
;
82 
3 PDB 7Y99        7Y99   ? 2 ? 1  
# 
loop_
_struct_ref_seq.align_id 
_struct_ref_seq.ref_id 
_struct_ref_seq.pdbx_PDB_id_code 
_struct_ref_seq.pdbx_strand_id 
_struct_ref_seq.seq_align_beg 
_struct_ref_seq.pdbx_seq_align_beg_ins_code 
_struct_ref_seq.seq_align_end 
_struct_ref_seq.pdbx_seq_align_end_ins_code 
_struct_ref_seq.pdbx_db_accession 
_struct_ref_seq.db_align_beg 
_struct_ref_seq.pdbx_db_align_beg_ins_code 
_struct_ref_seq.db_align_end 
_struct_ref_seq.pdbx_db_align_end_ins_code 
_struct_ref_seq.pdbx_auth_seq_align_beg 
_struct_ref_seq.pdbx_auth_seq_align_end 
1 1 7Y99 A 1  ? 26  ? Q64373 1  ? 26  ? 1  26  
2 2 7Y99 A 27 ? 141 ? Q64373 82 ? 196 ? 27 141 
3 3 7Y99 B 1  ? 11  ? 7Y99   2  ? 12  ? 2  12  
# 
_pdbx_struct_assembly.id                   1 
_pdbx_struct_assembly.details              author_and_software_defined_assembly 
_pdbx_struct_assembly.method_details       PISA 
_pdbx_struct_assembly.oligomeric_details   tetrameric 
_pdbx_struct_assembly.oligomeric_count     4 
# 
loop_
_pdbx_struct_assembly_prop.biol_id 
_pdbx_struct_assembly_prop.type 
_pdbx_struct_assembly_prop.value 
_pdbx_struct_assembly_prop.details 
1 'ABSA (A^2)' 7220  ? 
1 MORE         -36   ? 
1 'SSA (A^2)'  14620 ? 
# 
_pdbx_struct_assembly_gen.assembly_id       1 
_pdbx_struct_assembly_gen.oper_expression   1,2 
_pdbx_struct_assembly_gen.asym_id_list      A,B,C,D,E 
# 
_pdbx_struct_assembly_auth_evidence.id                     1 
_pdbx_struct_assembly_auth_evidence.assembly_id            1 
_pdbx_struct_assembly_auth_evidence.experimental_support   none 
_pdbx_struct_assembly_auth_evidence.details                ? 
# 
loop_
_pdbx_struct_oper_list.id 
_pdbx_struct_oper_list.type 
_pdbx_struct_oper_list.name 
_pdbx_struct_oper_list.symmetry_operation 
_pdbx_struct_oper_list.matrix[1][1] 
_pdbx_struct_oper_list.matrix[1][2] 
_pdbx_struct_oper_list.matrix[1][3] 
_pdbx_struct_oper_list.vector[1] 
_pdbx_struct_oper_list.matrix[2][1] 
_pdbx_struct_oper_list.matrix[2][2] 
_pdbx_struct_oper_list.matrix[2][3] 
_pdbx_struct_oper_list.vector[2] 
_pdbx_struct_oper_list.matrix[3][1] 
_pdbx_struct_oper_list.matrix[3][2] 
_pdbx_struct_oper_list.matrix[3][3] 
_pdbx_struct_oper_list.vector[3] 
1 'identity operation'         1_555 x,y,z         1.0000000000  0.0000000000 0.0000000000  0.0000000000  0.0000000000 1.0000000000  0.0000000000  0.0000000000   0.0000000000  0.0000000000  1.0000000000  0.0000000000   
2 'crystal symmetry operation' 3_454 -x-1,y,-z-1/2 -0.1256884072 0.7295682835 -0.6722592834 -5.1919331478 0.7295682835 -0.3912126013 -0.5609659707 -16.6277433974 -0.6722592834 -0.5609659707 -0.4830989915 -24.7976368068 
# 
loop_
_struct_conf.conf_type_id 
_struct_conf.id 
_struct_conf.pdbx_PDB_helix_id 
_struct_conf.beg_label_comp_id 
_struct_conf.beg_label_asym_id 
_struct_conf.beg_label_seq_id 
_struct_conf.pdbx_beg_PDB_ins_code 
_struct_conf.end_label_comp_id 
_struct_conf.end_label_asym_id 
_struct_conf.end_label_seq_id 
_struct_conf.pdbx_end_PDB_ins_code 
_struct_conf.beg_auth_comp_id 
_struct_conf.beg_auth_asym_id 
_struct_conf.beg_auth_seq_id 
_struct_conf.end_auth_comp_id 
_struct_conf.end_auth_asym_id 
_struct_conf.end_auth_seq_id 
_struct_conf.pdbx_PDB_helix_class 
_struct_conf.details 
_struct_conf.pdbx_PDB_helix_length 
HELX_P HELX_P1 AA1 SER A 2   ? LYS A 20  ? SER A 2   LYS A 20  1 ? 19 
HELX_P HELX_P2 AA2 MET A 28  ? TYR A 46  ? MET A 28  TYR A 46  1 ? 19 
HELX_P HELX_P3 AA3 TYR A 46  ? SER A 55  ? TYR A 46  SER A 55  1 ? 10 
HELX_P HELX_P4 AA4 ALA A 64  ? PHE A 76  ? ALA A 64  PHE A 76  1 ? 13 
HELX_P HELX_P5 AA5 ASN A 81  ? LYS A 102 ? ASN A 81  LYS A 102 1 ? 22 
HELX_P HELX_P6 AA6 VAL A 106 ? LEU A 123 ? VAL A 106 LEU A 123 1 ? 18 
HELX_P HELX_P7 AA7 LEU A 123 ? GLU A 129 ? LEU A 123 GLU A 129 1 ? 7  
HELX_P HELX_P8 AA8 GLY A 131 ? GLY A 141 ? GLY A 131 GLY A 141 1 ? 11 
HELX_P HELX_P9 AA9 TYR B 5   ? PHE B 10  ? TYR B 6   PHE B 11  5 ? 6  
# 
_struct_conf_type.id          HELX_P 
_struct_conf_type.criteria    ? 
_struct_conf_type.reference   ? 
# 
loop_
_struct_conn.id 
_struct_conn.conn_type_id 
_struct_conn.pdbx_leaving_atom_flag 
_struct_conn.pdbx_PDB_id 
_struct_conn.ptnr1_label_asym_id 
_struct_conn.ptnr1_label_comp_id 
_struct_conn.ptnr1_label_seq_id 
_struct_conn.ptnr1_label_atom_id 
_struct_conn.pdbx_ptnr1_label_alt_id 
_struct_conn.pdbx_ptnr1_PDB_ins_code 
_struct_conn.pdbx_ptnr1_standard_comp_id 
_struct_conn.ptnr1_symmetry 
_struct_conn.ptnr2_label_asym_id 
_struct_conn.ptnr2_label_comp_id 
_struct_conn.ptnr2_label_seq_id 
_struct_conn.ptnr2_label_atom_id 
_struct_conn.pdbx_ptnr2_label_alt_id 
_struct_conn.pdbx_ptnr2_PDB_ins_code 
_struct_conn.ptnr1_auth_asym_id 
_struct_conn.ptnr1_auth_comp_id 
_struct_conn.ptnr1_auth_seq_id 
_struct_conn.ptnr2_auth_asym_id 
_struct_conn.ptnr2_auth_comp_id 
_struct_conn.ptnr2_auth_seq_id 
_struct_conn.ptnr2_symmetry 
_struct_conn.pdbx_ptnr3_label_atom_id 
_struct_conn.pdbx_ptnr3_label_seq_id 
_struct_conn.pdbx_ptnr3_label_comp_id 
_struct_conn.pdbx_ptnr3_label_asym_id 
_struct_conn.pdbx_ptnr3_label_alt_id 
_struct_conn.pdbx_ptnr3_PDB_ins_code 
_struct_conn.details 
_struct_conn.pdbx_dist_value 
_struct_conn.pdbx_value_order 
_struct_conn.pdbx_role 
covale1 covale one  ? B ALA 1  C  ? ? ? 1_555 C IQ8 . C19 ? ? B ALA 2  B IQ8 101 1_555 ? ? ? ? ? ? ? 1.643 ? ? 
covale2 covale none ? B CYS 11 SG ? ? ? 1_555 C IQ8 . C20 ? ? B CYS 12 B IQ8 101 1_555 ? ? ? ? ? ? ? 2.139 ? ? 
# 
_struct_conn_type.id          covale 
_struct_conn_type.criteria    ? 
_struct_conn_type.reference   ? 
# 
loop_
_pdbx_modification_feature.ordinal 
_pdbx_modification_feature.label_comp_id 
_pdbx_modification_feature.label_asym_id 
_pdbx_modification_feature.label_seq_id 
_pdbx_modification_feature.label_alt_id 
_pdbx_modification_feature.modified_residue_label_comp_id 
_pdbx_modification_feature.modified_residue_label_asym_id 
_pdbx_modification_feature.modified_residue_label_seq_id 
_pdbx_modification_feature.modified_residue_label_alt_id 
_pdbx_modification_feature.auth_comp_id 
_pdbx_modification_feature.auth_asym_id 
_pdbx_modification_feature.auth_seq_id 
_pdbx_modification_feature.PDB_ins_code 
_pdbx_modification_feature.symmetry 
_pdbx_modification_feature.modified_residue_auth_comp_id 
_pdbx_modification_feature.modified_residue_auth_asym_id 
_pdbx_modification_feature.modified_residue_auth_seq_id 
_pdbx_modification_feature.modified_residue_PDB_ins_code 
_pdbx_modification_feature.modified_residue_symmetry 
_pdbx_modification_feature.comp_id_linking_atom 
_pdbx_modification_feature.modified_residue_id_linking_atom 
_pdbx_modification_feature.modified_residue_id 
_pdbx_modification_feature.ref_pcm_id 
_pdbx_modification_feature.ref_comp_id 
_pdbx_modification_feature.type 
_pdbx_modification_feature.category 
1 IQ8 C . ? ALA B 1  ? IQ8 B 101 ? 1_555 ALA B 2  ? 1_555 C19 C  ALA 1 IQ8 None Crosslinker 
2 IQ8 C . ? CYS B 11 ? IQ8 B 101 ? 1_555 CYS B 12 ? 1_555 C20 SG CYS 2 IQ8 None Crosslinker 
# 
_pdbx_entry_details.entry_id                   7Y99 
_pdbx_entry_details.nonpolymer_details         ? 
_pdbx_entry_details.sequence_details           ? 
_pdbx_entry_details.compound_details           ? 
_pdbx_entry_details.source_details             ? 
_pdbx_entry_details.has_ligand_of_interest     Y 
_pdbx_entry_details.has_protein_modification   Y 
# 
_pdbx_validate_close_contact.id               1 
_pdbx_validate_close_contact.PDB_model_num    1 
_pdbx_validate_close_contact.auth_atom_id_1   O12 
_pdbx_validate_close_contact.auth_asym_id_1   B 
_pdbx_validate_close_contact.auth_comp_id_1   IQ8 
_pdbx_validate_close_contact.auth_seq_id_1    101 
_pdbx_validate_close_contact.PDB_ins_code_1   ? 
_pdbx_validate_close_contact.label_alt_id_1   ? 
_pdbx_validate_close_contact.auth_atom_id_2   O 
_pdbx_validate_close_contact.auth_asym_id_2   B 
_pdbx_validate_close_contact.auth_comp_id_2   HOH 
_pdbx_validate_close_contact.auth_seq_id_2    201 
_pdbx_validate_close_contact.PDB_ins_code_2   ? 
_pdbx_validate_close_contact.label_alt_id_2   ? 
_pdbx_validate_close_contact.dist             2.19 
# 
_pdbx_validate_rmsd_bond.id                        1 
_pdbx_validate_rmsd_bond.PDB_model_num             1 
_pdbx_validate_rmsd_bond.auth_atom_id_1            CD 
_pdbx_validate_rmsd_bond.auth_asym_id_1            A 
_pdbx_validate_rmsd_bond.auth_comp_id_1            GLU 
_pdbx_validate_rmsd_bond.auth_seq_id_1             43 
_pdbx_validate_rmsd_bond.PDB_ins_code_1            ? 
_pdbx_validate_rmsd_bond.label_alt_id_1            ? 
_pdbx_validate_rmsd_bond.auth_atom_id_2            OE2 
_pdbx_validate_rmsd_bond.auth_asym_id_2            A 
_pdbx_validate_rmsd_bond.auth_comp_id_2            GLU 
_pdbx_validate_rmsd_bond.auth_seq_id_2             43 
_pdbx_validate_rmsd_bond.PDB_ins_code_2            ? 
_pdbx_validate_rmsd_bond.label_alt_id_2            ? 
_pdbx_validate_rmsd_bond.bond_value                1.319 
_pdbx_validate_rmsd_bond.bond_target_value         1.252 
_pdbx_validate_rmsd_bond.bond_deviation            0.067 
_pdbx_validate_rmsd_bond.bond_standard_deviation   0.011 
_pdbx_validate_rmsd_bond.linker_flag               N 
# 
_pdbx_validate_rmsd_angle.id                         1 
_pdbx_validate_rmsd_angle.PDB_model_num              1 
_pdbx_validate_rmsd_angle.auth_atom_id_1             CB 
_pdbx_validate_rmsd_angle.auth_asym_id_1             A 
_pdbx_validate_rmsd_angle.auth_comp_id_1             TYR 
_pdbx_validate_rmsd_angle.auth_seq_id_1              140 
_pdbx_validate_rmsd_angle.PDB_ins_code_1             ? 
_pdbx_validate_rmsd_angle.label_alt_id_1             ? 
_pdbx_validate_rmsd_angle.auth_atom_id_2             CA 
_pdbx_validate_rmsd_angle.auth_asym_id_2             A 
_pdbx_validate_rmsd_angle.auth_comp_id_2             TYR 
_pdbx_validate_rmsd_angle.auth_seq_id_2              140 
_pdbx_validate_rmsd_angle.PDB_ins_code_2             ? 
_pdbx_validate_rmsd_angle.label_alt_id_2             ? 
_pdbx_validate_rmsd_angle.auth_atom_id_3             C 
_pdbx_validate_rmsd_angle.auth_asym_id_3             A 
_pdbx_validate_rmsd_angle.auth_comp_id_3             TYR 
_pdbx_validate_rmsd_angle.auth_seq_id_3              140 
_pdbx_validate_rmsd_angle.PDB_ins_code_3             ? 
_pdbx_validate_rmsd_angle.label_alt_id_3             ? 
_pdbx_validate_rmsd_angle.angle_value                126.90 
_pdbx_validate_rmsd_angle.angle_target_value         110.40 
_pdbx_validate_rmsd_angle.angle_deviation            16.50 
_pdbx_validate_rmsd_angle.angle_standard_deviation   2.00 
_pdbx_validate_rmsd_angle.linker_flag                N 
# 
_pdbx_unobs_or_zero_occ_residues.id               1 
_pdbx_unobs_or_zero_occ_residues.PDB_model_num    1 
_pdbx_unobs_or_zero_occ_residues.polymer_flag     Y 
_pdbx_unobs_or_zero_occ_residues.occupancy_flag   1 
_pdbx_unobs_or_zero_occ_residues.auth_asym_id     A 
_pdbx_unobs_or_zero_occ_residues.auth_comp_id     MET 
_pdbx_unobs_or_zero_occ_residues.auth_seq_id      1 
_pdbx_unobs_or_zero_occ_residues.PDB_ins_code     ? 
_pdbx_unobs_or_zero_occ_residues.label_asym_id    A 
_pdbx_unobs_or_zero_occ_residues.label_comp_id    MET 
_pdbx_unobs_or_zero_occ_residues.label_seq_id     1 
# 
loop_
_chem_comp_atom.comp_id 
_chem_comp_atom.atom_id 
_chem_comp_atom.type_symbol 
_chem_comp_atom.pdbx_aromatic_flag 
_chem_comp_atom.pdbx_stereo_config 
_chem_comp_atom.pdbx_ordinal 
ALA N    N N N 1   
ALA CA   C N S 2   
ALA C    C N N 3   
ALA O    O N N 4   
ALA CB   C N N 5   
ALA OXT  O N N 6   
ALA H    H N N 7   
ALA H2   H N N 8   
ALA HA   H N N 9   
ALA HB1  H N N 10  
ALA HB2  H N N 11  
ALA HB3  H N N 12  
ALA HXT  H N N 13  
ARG N    N N N 14  
ARG CA   C N S 15  
ARG C    C N N 16  
ARG O    O N N 17  
ARG CB   C N N 18  
ARG CG   C N N 19  
ARG CD   C N N 20  
ARG NE   N N N 21  
ARG CZ   C N N 22  
ARG NH1  N N N 23  
ARG NH2  N N N 24  
ARG OXT  O N N 25  
ARG H    H N N 26  
ARG H2   H N N 27  
ARG HA   H N N 28  
ARG HB2  H N N 29  
ARG HB3  H N N 30  
ARG HG2  H N N 31  
ARG HG3  H N N 32  
ARG HD2  H N N 33  
ARG HD3  H N N 34  
ARG HE   H N N 35  
ARG HH11 H N N 36  
ARG HH12 H N N 37  
ARG HH21 H N N 38  
ARG HH22 H N N 39  
ARG HXT  H N N 40  
ASN N    N N N 41  
ASN CA   C N S 42  
ASN C    C N N 43  
ASN O    O N N 44  
ASN CB   C N N 45  
ASN CG   C N N 46  
ASN OD1  O N N 47  
ASN ND2  N N N 48  
ASN OXT  O N N 49  
ASN H    H N N 50  
ASN H2   H N N 51  
ASN HA   H N N 52  
ASN HB2  H N N 53  
ASN HB3  H N N 54  
ASN HD21 H N N 55  
ASN HD22 H N N 56  
ASN HXT  H N N 57  
ASP N    N N N 58  
ASP CA   C N S 59  
ASP C    C N N 60  
ASP O    O N N 61  
ASP CB   C N N 62  
ASP CG   C N N 63  
ASP OD1  O N N 64  
ASP OD2  O N N 65  
ASP OXT  O N N 66  
ASP H    H N N 67  
ASP H2   H N N 68  
ASP HA   H N N 69  
ASP HB2  H N N 70  
ASP HB3  H N N 71  
ASP HD2  H N N 72  
ASP HXT  H N N 73  
CYS N    N N N 74  
CYS CA   C N R 75  
CYS C    C N N 76  
CYS O    O N N 77  
CYS CB   C N N 78  
CYS SG   S N N 79  
CYS OXT  O N N 80  
CYS H    H N N 81  
CYS H2   H N N 82  
CYS HA   H N N 83  
CYS HB2  H N N 84  
CYS HB3  H N N 85  
CYS HG   H N N 86  
CYS HXT  H N N 87  
GLN N    N N N 88  
GLN CA   C N S 89  
GLN C    C N N 90  
GLN O    O N N 91  
GLN CB   C N N 92  
GLN CG   C N N 93  
GLN CD   C N N 94  
GLN OE1  O N N 95  
GLN NE2  N N N 96  
GLN OXT  O N N 97  
GLN H    H N N 98  
GLN H2   H N N 99  
GLN HA   H N N 100 
GLN HB2  H N N 101 
GLN HB3  H N N 102 
GLN HG2  H N N 103 
GLN HG3  H N N 104 
GLN HE21 H N N 105 
GLN HE22 H N N 106 
GLN HXT  H N N 107 
GLU N    N N N 108 
GLU CA   C N S 109 
GLU C    C N N 110 
GLU O    O N N 111 
GLU CB   C N N 112 
GLU CG   C N N 113 
GLU CD   C N N 114 
GLU OE1  O N N 115 
GLU OE2  O N N 116 
GLU OXT  O N N 117 
GLU H    H N N 118 
GLU H2   H N N 119 
GLU HA   H N N 120 
GLU HB2  H N N 121 
GLU HB3  H N N 122 
GLU HG2  H N N 123 
GLU HG3  H N N 124 
GLU HE2  H N N 125 
GLU HXT  H N N 126 
GLY N    N N N 127 
GLY CA   C N N 128 
GLY C    C N N 129 
GLY O    O N N 130 
GLY OXT  O N N 131 
GLY H    H N N 132 
GLY H2   H N N 133 
GLY HA2  H N N 134 
GLY HA3  H N N 135 
GLY HXT  H N N 136 
HIS N    N N N 137 
HIS CA   C N S 138 
HIS C    C N N 139 
HIS O    O N N 140 
HIS CB   C N N 141 
HIS CG   C Y N 142 
HIS ND1  N Y N 143 
HIS CD2  C Y N 144 
HIS CE1  C Y N 145 
HIS NE2  N Y N 146 
HIS OXT  O N N 147 
HIS H    H N N 148 
HIS H2   H N N 149 
HIS HA   H N N 150 
HIS HB2  H N N 151 
HIS HB3  H N N 152 
HIS HD1  H N N 153 
HIS HD2  H N N 154 
HIS HE1  H N N 155 
HIS HE2  H N N 156 
HIS HXT  H N N 157 
HOH O    O N N 158 
HOH H1   H N N 159 
HOH H2   H N N 160 
ILE N    N N N 161 
ILE CA   C N S 162 
ILE C    C N N 163 
ILE O    O N N 164 
ILE CB   C N S 165 
ILE CG1  C N N 166 
ILE CG2  C N N 167 
ILE CD1  C N N 168 
ILE OXT  O N N 169 
ILE H    H N N 170 
ILE H2   H N N 171 
ILE HA   H N N 172 
ILE HB   H N N 173 
ILE HG12 H N N 174 
ILE HG13 H N N 175 
ILE HG21 H N N 176 
ILE HG22 H N N 177 
ILE HG23 H N N 178 
ILE HD11 H N N 179 
ILE HD12 H N N 180 
ILE HD13 H N N 181 
ILE HXT  H N N 182 
IQ8 C20  C N N 183 
IQ8 O14  O N N 184 
IQ8 C13  C N N 185 
IQ8 N7   N N N 186 
IQ8 C8   C N N 187 
IQ8 C9   C N N 188 
IQ8 N10  N N N 189 
IQ8 C11  C N N 190 
IQ8 O12  O N N 191 
IQ8 C3   C Y N 192 
IQ8 C2   C Y N 193 
IQ8 C4   C Y N 194 
IQ8 C5   C Y N 195 
IQ8 C6   C Y N 196 
IQ8 C1   C Y N 197 
IQ8 C17  C N N 198 
IQ8 N18  N N N 199 
IQ8 C19  C N N 200 
IQ8 S16  S N N 201 
IQ8 C15  C N N 202 
IQ8 H1   H N N 203 
IQ8 H2   H N N 204 
IQ8 H3   H N N 205 
IQ8 H4   H N N 206 
IQ8 H5   H N N 207 
IQ8 H6   H N N 208 
IQ8 H7   H N N 209 
IQ8 H8   H N N 210 
IQ8 H9   H N N 211 
IQ8 H10  H N N 212 
IQ8 H11  H N N 213 
IQ8 H12  H N N 214 
IQ8 H13  H N N 215 
IQ8 H14  H N N 216 
IQ8 H15  H N N 217 
IQ8 H16  H N N 218 
IQ8 H17  H N N 219 
LEU N    N N N 220 
LEU CA   C N S 221 
LEU C    C N N 222 
LEU O    O N N 223 
LEU CB   C N N 224 
LEU CG   C N N 225 
LEU CD1  C N N 226 
LEU CD2  C N N 227 
LEU OXT  O N N 228 
LEU H    H N N 229 
LEU H2   H N N 230 
LEU HA   H N N 231 
LEU HB2  H N N 232 
LEU HB3  H N N 233 
LEU HG   H N N 234 
LEU HD11 H N N 235 
LEU HD12 H N N 236 
LEU HD13 H N N 237 
LEU HD21 H N N 238 
LEU HD22 H N N 239 
LEU HD23 H N N 240 
LEU HXT  H N N 241 
LYS N    N N N 242 
LYS CA   C N S 243 
LYS C    C N N 244 
LYS O    O N N 245 
LYS CB   C N N 246 
LYS CG   C N N 247 
LYS CD   C N N 248 
LYS CE   C N N 249 
LYS NZ   N N N 250 
LYS OXT  O N N 251 
LYS H    H N N 252 
LYS H2   H N N 253 
LYS HA   H N N 254 
LYS HB2  H N N 255 
LYS HB3  H N N 256 
LYS HG2  H N N 257 
LYS HG3  H N N 258 
LYS HD2  H N N 259 
LYS HD3  H N N 260 
LYS HE2  H N N 261 
LYS HE3  H N N 262 
LYS HZ1  H N N 263 
LYS HZ2  H N N 264 
LYS HZ3  H N N 265 
LYS HXT  H N N 266 
MET N    N N N 267 
MET CA   C N S 268 
MET C    C N N 269 
MET O    O N N 270 
MET CB   C N N 271 
MET CG   C N N 272 
MET SD   S N N 273 
MET CE   C N N 274 
MET OXT  O N N 275 
MET H    H N N 276 
MET H2   H N N 277 
MET HA   H N N 278 
MET HB2  H N N 279 
MET HB3  H N N 280 
MET HG2  H N N 281 
MET HG3  H N N 282 
MET HE1  H N N 283 
MET HE2  H N N 284 
MET HE3  H N N 285 
MET HXT  H N N 286 
PHE N    N N N 287 
PHE CA   C N S 288 
PHE C    C N N 289 
PHE O    O N N 290 
PHE CB   C N N 291 
PHE CG   C Y N 292 
PHE CD1  C Y N 293 
PHE CD2  C Y N 294 
PHE CE1  C Y N 295 
PHE CE2  C Y N 296 
PHE CZ   C Y N 297 
PHE OXT  O N N 298 
PHE H    H N N 299 
PHE H2   H N N 300 
PHE HA   H N N 301 
PHE HB2  H N N 302 
PHE HB3  H N N 303 
PHE HD1  H N N 304 
PHE HD2  H N N 305 
PHE HE1  H N N 306 
PHE HE2  H N N 307 
PHE HZ   H N N 308 
PHE HXT  H N N 309 
PRO N    N N N 310 
PRO CA   C N S 311 
PRO C    C N N 312 
PRO O    O N N 313 
PRO CB   C N N 314 
PRO CG   C N N 315 
PRO CD   C N N 316 
PRO OXT  O N N 317 
PRO H    H N N 318 
PRO HA   H N N 319 
PRO HB2  H N N 320 
PRO HB3  H N N 321 
PRO HG2  H N N 322 
PRO HG3  H N N 323 
PRO HD2  H N N 324 
PRO HD3  H N N 325 
PRO HXT  H N N 326 
SER N    N N N 327 
SER CA   C N S 328 
SER C    C N N 329 
SER O    O N N 330 
SER CB   C N N 331 
SER OG   O N N 332 
SER OXT  O N N 333 
SER H    H N N 334 
SER H2   H N N 335 
SER HA   H N N 336 
SER HB2  H N N 337 
SER HB3  H N N 338 
SER HG   H N N 339 
SER HXT  H N N 340 
THR N    N N N 341 
THR CA   C N S 342 
THR C    C N N 343 
THR O    O N N 344 
THR CB   C N R 345 
THR OG1  O N N 346 
THR CG2  C N N 347 
THR OXT  O N N 348 
THR H    H N N 349 
THR H2   H N N 350 
THR HA   H N N 351 
THR HB   H N N 352 
THR HG1  H N N 353 
THR HG21 H N N 354 
THR HG22 H N N 355 
THR HG23 H N N 356 
THR HXT  H N N 357 
TRP N    N N N 358 
TRP CA   C N S 359 
TRP C    C N N 360 
TRP O    O N N 361 
TRP CB   C N N 362 
TRP CG   C Y N 363 
TRP CD1  C Y N 364 
TRP CD2  C Y N 365 
TRP NE1  N Y N 366 
TRP CE2  C Y N 367 
TRP CE3  C Y N 368 
TRP CZ2  C Y N 369 
TRP CZ3  C Y N 370 
TRP CH2  C Y N 371 
TRP OXT  O N N 372 
TRP H    H N N 373 
TRP H2   H N N 374 
TRP HA   H N N 375 
TRP HB2  H N N 376 
TRP HB3  H N N 377 
TRP HD1  H N N 378 
TRP HE1  H N N 379 
TRP HE3  H N N 380 
TRP HZ2  H N N 381 
TRP HZ3  H N N 382 
TRP HH2  H N N 383 
TRP HXT  H N N 384 
TYR N    N N N 385 
TYR CA   C N S 386 
TYR C    C N N 387 
TYR O    O N N 388 
TYR CB   C N N 389 
TYR CG   C Y N 390 
TYR CD1  C Y N 391 
TYR CD2  C Y N 392 
TYR CE1  C Y N 393 
TYR CE2  C Y N 394 
TYR CZ   C Y N 395 
TYR OH   O N N 396 
TYR OXT  O N N 397 
TYR H    H N N 398 
TYR H2   H N N 399 
TYR HA   H N N 400 
TYR HB2  H N N 401 
TYR HB3  H N N 402 
TYR HD1  H N N 403 
TYR HD2  H N N 404 
TYR HE1  H N N 405 
TYR HE2  H N N 406 
TYR HH   H N N 407 
TYR HXT  H N N 408 
VAL N    N N N 409 
VAL CA   C N S 410 
VAL C    C N N 411 
VAL O    O N N 412 
VAL CB   C N N 413 
VAL CG1  C N N 414 
VAL CG2  C N N 415 
VAL OXT  O N N 416 
VAL H    H N N 417 
VAL H2   H N N 418 
VAL HA   H N N 419 
VAL HB   H N N 420 
VAL HG11 H N N 421 
VAL HG12 H N N 422 
VAL HG13 H N N 423 
VAL HG21 H N N 424 
VAL HG22 H N N 425 
VAL HG23 H N N 426 
VAL HXT  H N N 427 
# 
loop_
_chem_comp_bond.comp_id 
_chem_comp_bond.atom_id_1 
_chem_comp_bond.atom_id_2 
_chem_comp_bond.value_order 
_chem_comp_bond.pdbx_aromatic_flag 
_chem_comp_bond.pdbx_stereo_config 
_chem_comp_bond.pdbx_ordinal 
ALA N   CA   sing N N 1   
ALA N   H    sing N N 2   
ALA N   H2   sing N N 3   
ALA CA  C    sing N N 4   
ALA CA  CB   sing N N 5   
ALA CA  HA   sing N N 6   
ALA C   O    doub N N 7   
ALA C   OXT  sing N N 8   
ALA CB  HB1  sing N N 9   
ALA CB  HB2  sing N N 10  
ALA CB  HB3  sing N N 11  
ALA OXT HXT  sing N N 12  
ARG N   CA   sing N N 13  
ARG N   H    sing N N 14  
ARG N   H2   sing N N 15  
ARG CA  C    sing N N 16  
ARG CA  CB   sing N N 17  
ARG CA  HA   sing N N 18  
ARG C   O    doub N N 19  
ARG C   OXT  sing N N 20  
ARG CB  CG   sing N N 21  
ARG CB  HB2  sing N N 22  
ARG CB  HB3  sing N N 23  
ARG CG  CD   sing N N 24  
ARG CG  HG2  sing N N 25  
ARG CG  HG3  sing N N 26  
ARG CD  NE   sing N N 27  
ARG CD  HD2  sing N N 28  
ARG CD  HD3  sing N N 29  
ARG NE  CZ   sing N N 30  
ARG NE  HE   sing N N 31  
ARG CZ  NH1  sing N N 32  
ARG CZ  NH2  doub N N 33  
ARG NH1 HH11 sing N N 34  
ARG NH1 HH12 sing N N 35  
ARG NH2 HH21 sing N N 36  
ARG NH2 HH22 sing N N 37  
ARG OXT HXT  sing N N 38  
ASN N   CA   sing N N 39  
ASN N   H    sing N N 40  
ASN N   H2   sing N N 41  
ASN CA  C    sing N N 42  
ASN CA  CB   sing N N 43  
ASN CA  HA   sing N N 44  
ASN C   O    doub N N 45  
ASN C   OXT  sing N N 46  
ASN CB  CG   sing N N 47  
ASN CB  HB2  sing N N 48  
ASN CB  HB3  sing N N 49  
ASN CG  OD1  doub N N 50  
ASN CG  ND2  sing N N 51  
ASN ND2 HD21 sing N N 52  
ASN ND2 HD22 sing N N 53  
ASN OXT HXT  sing N N 54  
ASP N   CA   sing N N 55  
ASP N   H    sing N N 56  
ASP N   H2   sing N N 57  
ASP CA  C    sing N N 58  
ASP CA  CB   sing N N 59  
ASP CA  HA   sing N N 60  
ASP C   O    doub N N 61  
ASP C   OXT  sing N N 62  
ASP CB  CG   sing N N 63  
ASP CB  HB2  sing N N 64  
ASP CB  HB3  sing N N 65  
ASP CG  OD1  doub N N 66  
ASP CG  OD2  sing N N 67  
ASP OD2 HD2  sing N N 68  
ASP OXT HXT  sing N N 69  
CYS N   CA   sing N N 70  
CYS N   H    sing N N 71  
CYS N   H2   sing N N 72  
CYS CA  C    sing N N 73  
CYS CA  CB   sing N N 74  
CYS CA  HA   sing N N 75  
CYS C   O    doub N N 76  
CYS C   OXT  sing N N 77  
CYS CB  SG   sing N N 78  
CYS CB  HB2  sing N N 79  
CYS CB  HB3  sing N N 80  
CYS SG  HG   sing N N 81  
CYS OXT HXT  sing N N 82  
GLN N   CA   sing N N 83  
GLN N   H    sing N N 84  
GLN N   H2   sing N N 85  
GLN CA  C    sing N N 86  
GLN CA  CB   sing N N 87  
GLN CA  HA   sing N N 88  
GLN C   O    doub N N 89  
GLN C   OXT  sing N N 90  
GLN CB  CG   sing N N 91  
GLN CB  HB2  sing N N 92  
GLN CB  HB3  sing N N 93  
GLN CG  CD   sing N N 94  
GLN CG  HG2  sing N N 95  
GLN CG  HG3  sing N N 96  
GLN CD  OE1  doub N N 97  
GLN CD  NE2  sing N N 98  
GLN NE2 HE21 sing N N 99  
GLN NE2 HE22 sing N N 100 
GLN OXT HXT  sing N N 101 
GLU N   CA   sing N N 102 
GLU N   H    sing N N 103 
GLU N   H2   sing N N 104 
GLU CA  C    sing N N 105 
GLU CA  CB   sing N N 106 
GLU CA  HA   sing N N 107 
GLU C   O    doub N N 108 
GLU C   OXT  sing N N 109 
GLU CB  CG   sing N N 110 
GLU CB  HB2  sing N N 111 
GLU CB  HB3  sing N N 112 
GLU CG  CD   sing N N 113 
GLU CG  HG2  sing N N 114 
GLU CG  HG3  sing N N 115 
GLU CD  OE1  doub N N 116 
GLU CD  OE2  sing N N 117 
GLU OE2 HE2  sing N N 118 
GLU OXT HXT  sing N N 119 
GLY N   CA   sing N N 120 
GLY N   H    sing N N 121 
GLY N   H2   sing N N 122 
GLY CA  C    sing N N 123 
GLY CA  HA2  sing N N 124 
GLY CA  HA3  sing N N 125 
GLY C   O    doub N N 126 
GLY C   OXT  sing N N 127 
GLY OXT HXT  sing N N 128 
HIS N   CA   sing N N 129 
HIS N   H    sing N N 130 
HIS N   H2   sing N N 131 
HIS CA  C    sing N N 132 
HIS CA  CB   sing N N 133 
HIS CA  HA   sing N N 134 
HIS C   O    doub N N 135 
HIS C   OXT  sing N N 136 
HIS CB  CG   sing N N 137 
HIS CB  HB2  sing N N 138 
HIS CB  HB3  sing N N 139 
HIS CG  ND1  sing Y N 140 
HIS CG  CD2  doub Y N 141 
HIS ND1 CE1  doub Y N 142 
HIS ND1 HD1  sing N N 143 
HIS CD2 NE2  sing Y N 144 
HIS CD2 HD2  sing N N 145 
HIS CE1 NE2  sing Y N 146 
HIS CE1 HE1  sing N N 147 
HIS NE2 HE2  sing N N 148 
HIS OXT HXT  sing N N 149 
HOH O   H1   sing N N 150 
HOH O   H2   sing N N 151 
ILE N   CA   sing N N 152 
ILE N   H    sing N N 153 
ILE N   H2   sing N N 154 
ILE CA  C    sing N N 155 
ILE CA  CB   sing N N 156 
ILE CA  HA   sing N N 157 
ILE C   O    doub N N 158 
ILE C   OXT  sing N N 159 
ILE CB  CG1  sing N N 160 
ILE CB  CG2  sing N N 161 
ILE CB  HB   sing N N 162 
ILE CG1 CD1  sing N N 163 
ILE CG1 HG12 sing N N 164 
ILE CG1 HG13 sing N N 165 
ILE CG2 HG21 sing N N 166 
ILE CG2 HG22 sing N N 167 
ILE CG2 HG23 sing N N 168 
ILE CD1 HD11 sing N N 169 
ILE CD1 HD12 sing N N 170 
ILE CD1 HD13 sing N N 171 
ILE OXT HXT  sing N N 172 
IQ8 O12 C11  doub N N 173 
IQ8 C11 C20  sing N N 174 
IQ8 C11 N10  sing N N 175 
IQ8 N10 C9   sing N N 176 
IQ8 C9  C8   sing N N 177 
IQ8 S16 C15  sing N N 178 
IQ8 S16 C17  sing N N 179 
IQ8 C2  C1   doub Y N 180 
IQ8 C2  C3   sing Y N 181 
IQ8 C1  C6   sing Y N 182 
IQ8 C15 C19  sing N N 183 
IQ8 O14 C13  doub N N 184 
IQ8 C8  N7   sing N N 185 
IQ8 C13 C3   sing N N 186 
IQ8 C13 N7   sing N N 187 
IQ8 C3  C4   doub Y N 188 
IQ8 C17 C6   sing N N 189 
IQ8 C17 N18  doub N N 190 
IQ8 C6  C5   doub Y N 191 
IQ8 C19 N18  sing N N 192 
IQ8 C5  C4   sing Y N 193 
IQ8 C20 H1   sing N N 194 
IQ8 C20 H2   sing N N 195 
IQ8 C20 H3   sing N N 196 
IQ8 N7  H4   sing N N 197 
IQ8 C8  H5   sing N N 198 
IQ8 C8  H6   sing N N 199 
IQ8 C9  H7   sing N N 200 
IQ8 C9  H8   sing N N 201 
IQ8 N10 H9   sing N N 202 
IQ8 C2  H10  sing N N 203 
IQ8 C4  H11  sing N N 204 
IQ8 C5  H12  sing N N 205 
IQ8 C1  H13  sing N N 206 
IQ8 C19 H14  sing N N 207 
IQ8 C15 H15  sing N N 208 
IQ8 C19 H16  sing N N 209 
IQ8 C15 H17  sing N N 210 
LEU N   CA   sing N N 211 
LEU N   H    sing N N 212 
LEU N   H2   sing N N 213 
LEU CA  C    sing N N 214 
LEU CA  CB   sing N N 215 
LEU CA  HA   sing N N 216 
LEU C   O    doub N N 217 
LEU C   OXT  sing N N 218 
LEU CB  CG   sing N N 219 
LEU CB  HB2  sing N N 220 
LEU CB  HB3  sing N N 221 
LEU CG  CD1  sing N N 222 
LEU CG  CD2  sing N N 223 
LEU CG  HG   sing N N 224 
LEU CD1 HD11 sing N N 225 
LEU CD1 HD12 sing N N 226 
LEU CD1 HD13 sing N N 227 
LEU CD2 HD21 sing N N 228 
LEU CD2 HD22 sing N N 229 
LEU CD2 HD23 sing N N 230 
LEU OXT HXT  sing N N 231 
LYS N   CA   sing N N 232 
LYS N   H    sing N N 233 
LYS N   H2   sing N N 234 
LYS CA  C    sing N N 235 
LYS CA  CB   sing N N 236 
LYS CA  HA   sing N N 237 
LYS C   O    doub N N 238 
LYS C   OXT  sing N N 239 
LYS CB  CG   sing N N 240 
LYS CB  HB2  sing N N 241 
LYS CB  HB3  sing N N 242 
LYS CG  CD   sing N N 243 
LYS CG  HG2  sing N N 244 
LYS CG  HG3  sing N N 245 
LYS CD  CE   sing N N 246 
LYS CD  HD2  sing N N 247 
LYS CD  HD3  sing N N 248 
LYS CE  NZ   sing N N 249 
LYS CE  HE2  sing N N 250 
LYS CE  HE3  sing N N 251 
LYS NZ  HZ1  sing N N 252 
LYS NZ  HZ2  sing N N 253 
LYS NZ  HZ3  sing N N 254 
LYS OXT HXT  sing N N 255 
MET N   CA   sing N N 256 
MET N   H    sing N N 257 
MET N   H2   sing N N 258 
MET CA  C    sing N N 259 
MET CA  CB   sing N N 260 
MET CA  HA   sing N N 261 
MET C   O    doub N N 262 
MET C   OXT  sing N N 263 
MET CB  CG   sing N N 264 
MET CB  HB2  sing N N 265 
MET CB  HB3  sing N N 266 
MET CG  SD   sing N N 267 
MET CG  HG2  sing N N 268 
MET CG  HG3  sing N N 269 
MET SD  CE   sing N N 270 
MET CE  HE1  sing N N 271 
MET CE  HE2  sing N N 272 
MET CE  HE3  sing N N 273 
MET OXT HXT  sing N N 274 
PHE N   CA   sing N N 275 
PHE N   H    sing N N 276 
PHE N   H2   sing N N 277 
PHE CA  C    sing N N 278 
PHE CA  CB   sing N N 279 
PHE CA  HA   sing N N 280 
PHE C   O    doub N N 281 
PHE C   OXT  sing N N 282 
PHE CB  CG   sing N N 283 
PHE CB  HB2  sing N N 284 
PHE CB  HB3  sing N N 285 
PHE CG  CD1  doub Y N 286 
PHE CG  CD2  sing Y N 287 
PHE CD1 CE1  sing Y N 288 
PHE CD1 HD1  sing N N 289 
PHE CD2 CE2  doub Y N 290 
PHE CD2 HD2  sing N N 291 
PHE CE1 CZ   doub Y N 292 
PHE CE1 HE1  sing N N 293 
PHE CE2 CZ   sing Y N 294 
PHE CE2 HE2  sing N N 295 
PHE CZ  HZ   sing N N 296 
PHE OXT HXT  sing N N 297 
PRO N   CA   sing N N 298 
PRO N   CD   sing N N 299 
PRO N   H    sing N N 300 
PRO CA  C    sing N N 301 
PRO CA  CB   sing N N 302 
PRO CA  HA   sing N N 303 
PRO C   O    doub N N 304 
PRO C   OXT  sing N N 305 
PRO CB  CG   sing N N 306 
PRO CB  HB2  sing N N 307 
PRO CB  HB3  sing N N 308 
PRO CG  CD   sing N N 309 
PRO CG  HG2  sing N N 310 
PRO CG  HG3  sing N N 311 
PRO CD  HD2  sing N N 312 
PRO CD  HD3  sing N N 313 
PRO OXT HXT  sing N N 314 
SER N   CA   sing N N 315 
SER N   H    sing N N 316 
SER N   H2   sing N N 317 
SER CA  C    sing N N 318 
SER CA  CB   sing N N 319 
SER CA  HA   sing N N 320 
SER C   O    doub N N 321 
SER C   OXT  sing N N 322 
SER CB  OG   sing N N 323 
SER CB  HB2  sing N N 324 
SER CB  HB3  sing N N 325 
SER OG  HG   sing N N 326 
SER OXT HXT  sing N N 327 
THR N   CA   sing N N 328 
THR N   H    sing N N 329 
THR N   H2   sing N N 330 
THR CA  C    sing N N 331 
THR CA  CB   sing N N 332 
THR CA  HA   sing N N 333 
THR C   O    doub N N 334 
THR C   OXT  sing N N 335 
THR CB  OG1  sing N N 336 
THR CB  CG2  sing N N 337 
THR CB  HB   sing N N 338 
THR OG1 HG1  sing N N 339 
THR CG2 HG21 sing N N 340 
THR CG2 HG22 sing N N 341 
THR CG2 HG23 sing N N 342 
THR OXT HXT  sing N N 343 
TRP N   CA   sing N N 344 
TRP N   H    sing N N 345 
TRP N   H2   sing N N 346 
TRP CA  C    sing N N 347 
TRP CA  CB   sing N N 348 
TRP CA  HA   sing N N 349 
TRP C   O    doub N N 350 
TRP C   OXT  sing N N 351 
TRP CB  CG   sing N N 352 
TRP CB  HB2  sing N N 353 
TRP CB  HB3  sing N N 354 
TRP CG  CD1  doub Y N 355 
TRP CG  CD2  sing Y N 356 
TRP CD1 NE1  sing Y N 357 
TRP CD1 HD1  sing N N 358 
TRP CD2 CE2  doub Y N 359 
TRP CD2 CE3  sing Y N 360 
TRP NE1 CE2  sing Y N 361 
TRP NE1 HE1  sing N N 362 
TRP CE2 CZ2  sing Y N 363 
TRP CE3 CZ3  doub Y N 364 
TRP CE3 HE3  sing N N 365 
TRP CZ2 CH2  doub Y N 366 
TRP CZ2 HZ2  sing N N 367 
TRP CZ3 CH2  sing Y N 368 
TRP CZ3 HZ3  sing N N 369 
TRP CH2 HH2  sing N N 370 
TRP OXT HXT  sing N N 371 
TYR N   CA   sing N N 372 
TYR N   H    sing N N 373 
TYR N   H2   sing N N 374 
TYR CA  C    sing N N 375 
TYR CA  CB   sing N N 376 
TYR CA  HA   sing N N 377 
TYR C   O    doub N N 378 
TYR C   OXT  sing N N 379 
TYR CB  CG   sing N N 380 
TYR CB  HB2  sing N N 381 
TYR CB  HB3  sing N N 382 
TYR CG  CD1  doub Y N 383 
TYR CG  CD2  sing Y N 384 
TYR CD1 CE1  sing Y N 385 
TYR CD1 HD1  sing N N 386 
TYR CD2 CE2  doub Y N 387 
TYR CD2 HD2  sing N N 388 
TYR CE1 CZ   doub Y N 389 
TYR CE1 HE1  sing N N 390 
TYR CE2 CZ   sing Y N 391 
TYR CE2 HE2  sing N N 392 
TYR CZ  OH   sing N N 393 
TYR OH  HH   sing N N 394 
TYR OXT HXT  sing N N 395 
VAL N   CA   sing N N 396 
VAL N   H    sing N N 397 
VAL N   H2   sing N N 398 
VAL CA  C    sing N N 399 
VAL CA  CB   sing N N 400 
VAL CA  HA   sing N N 401 
VAL C   O    doub N N 402 
VAL C   OXT  sing N N 403 
VAL CB  CG1  sing N N 404 
VAL CB  CG2  sing N N 405 
VAL CB  HB   sing N N 406 
VAL CG1 HG11 sing N N 407 
VAL CG1 HG12 sing N N 408 
VAL CG1 HG13 sing N N 409 
VAL CG2 HG21 sing N N 410 
VAL CG2 HG22 sing N N 411 
VAL CG2 HG23 sing N N 412 
VAL OXT HXT  sing N N 413 
# 
_pdbx_audit_support.funding_organization   'National Natural Science Foundation of China (NSFC)' 
_pdbx_audit_support.country                China 
_pdbx_audit_support.grant_number           ? 
_pdbx_audit_support.ordinal                1 
# 
_atom_sites.entry_id                    7Y99 
_atom_sites.Cartn_transf_matrix[1][1]   ? 
_atom_sites.Cartn_transf_matrix[1][2]   ? 
_atom_sites.Cartn_transf_matrix[1][3]   ? 
_atom_sites.Cartn_transf_matrix[2][1]   ? 
_atom_sites.Cartn_transf_matrix[2][2]   ? 
_atom_sites.Cartn_transf_matrix[2][3]   ? 
_atom_sites.Cartn_transf_matrix[3][1]   ? 
_atom_sites.Cartn_transf_matrix[3][2]   ? 
_atom_sites.Cartn_transf_matrix[3][3]   ? 
_atom_sites.Cartn_transf_vector[1]      ? 
_atom_sites.Cartn_transf_vector[2]      ? 
_atom_sites.Cartn_transf_vector[3]      ? 
_atom_sites.fract_transf_matrix[1][1]   -0.00611898 
_atom_sites.fract_transf_matrix[1][2]   0.01218210 
_atom_sites.fract_transf_matrix[1][3]   0.00526252 
_atom_sites.fract_transf_matrix[2][1]   -0.00658004 
_atom_sites.fract_transf_matrix[2][2]   -0.00549071 
_atom_sites.fract_transf_matrix[2][3]   0.00505940 
_atom_sites.fract_transf_matrix[3][1]   0.01212814 
_atom_sites.fract_transf_matrix[3][2]   -0.00049156 
_atom_sites.fract_transf_matrix[3][3]   0.01523988 
_atom_sites.fract_transf_vector[1]      -0.349361 
_atom_sites.fract_transf_vector[2]      -0.149263 
_atom_sites.fract_transf_vector[3]      -0.033642 
_atom_sites.solution_primary            ? 
_atom_sites.solution_secondary          ? 
_atom_sites.solution_hydrogens          ? 
_atom_sites.special_details             ? 
# 
loop_
_atom_type.symbol 
C 
N 
O 
S 
# 
loop_
_atom_site.group_PDB 
_atom_site.id 
_atom_site.type_symbol 
_atom_site.label_atom_id 
_atom_site.label_alt_id 
_atom_site.label_comp_id 
_atom_site.label_asym_id 
_atom_site.label_entity_id 
_atom_site.label_seq_id 
_atom_site.pdbx_PDB_ins_code 
_atom_site.Cartn_x 
_atom_site.Cartn_y 
_atom_site.Cartn_z 
_atom_site.occupancy 
_atom_site.B_iso_or_equiv 
_atom_site.pdbx_formal_charge 
_atom_site.auth_seq_id 
_atom_site.auth_comp_id 
_atom_site.auth_asym_id 
_atom_site.auth_atom_id 
_atom_site.pdbx_PDB_model_num 
ATOM   1    N N   . SER A 1 2   ? -0.522  -4.107  -25.672 1.00 53.25 ? 2   SER A N   1 
ATOM   2    C CA  . SER A 1 2   ? 0.786   -4.847  -25.626 1.00 52.75 ? 2   SER A CA  1 
ATOM   3    C C   . SER A 1 2   ? 1.107   -5.338  -24.199 1.00 51.27 ? 2   SER A C   1 
ATOM   4    O O   . SER A 1 2   ? 1.201   -6.565  -24.029 1.00 43.37 ? 2   SER A O   1 
ATOM   5    C CB  . SER A 1 2   ? 1.918   -4.037  -26.189 1.00 54.20 ? 2   SER A CB  1 
ATOM   6    O OG  . SER A 1 2   ? 3.154   -4.696  -25.934 1.00 53.52 ? 2   SER A OG  1 
ATOM   7    N N   . GLN A 1 3   ? 1.309   -4.448  -23.215 1.00 46.71 ? 3   GLN A N   1 
ATOM   8    C CA  . GLN A 1 3   ? 1.325   -4.839  -21.776 1.00 43.14 ? 3   GLN A CA  1 
ATOM   9    C C   . GLN A 1 3   ? -0.028  -5.486  -21.465 1.00 38.77 ? 3   GLN A C   1 
ATOM   10   O O   . GLN A 1 3   ? -0.064  -6.519  -20.771 1.00 40.04 ? 3   GLN A O   1 
ATOM   11   C CB  . GLN A 1 3   ? 1.532   -3.652  -20.827 1.00 43.23 ? 3   GLN A CB  1 
ATOM   12   N N   . SER A 1 4   ? -1.094  -4.883  -21.980 1.00 33.00 ? 4   SER A N   1 
ATOM   13   C CA  . SER A 1 4   ? -2.483  -5.365  -21.865 1.00 36.35 ? 4   SER A CA  1 
ATOM   14   C C   . SER A 1 4   ? -2.590  -6.801  -22.401 1.00 33.22 ? 4   SER A C   1 
ATOM   15   O O   . SER A 1 4   ? -3.162  -7.671  -21.716 1.00 29.76 ? 4   SER A O   1 
ATOM   16   C CB  . SER A 1 4   ? -3.394  -4.420  -22.583 1.00 38.58 ? 4   SER A CB  1 
ATOM   17   O OG  . SER A 1 4   ? -4.671  -4.473  -21.992 1.00 48.51 ? 4   SER A OG  1 
ATOM   18   N N   . ASN A 1 5   ? -2.052  -7.057  -23.594 1.00 30.57 ? 5   ASN A N   1 
ATOM   19   C CA  . ASN A 1 5   ? -2.150  -8.390  -24.251 1.00 31.64 ? 5   ASN A CA  1 
ATOM   20   C C   . ASN A 1 5   ? -1.267  -9.392  -23.447 1.00 26.19 ? 5   ASN A C   1 
ATOM   21   O O   . ASN A 1 5   ? -1.680  -10.555 -23.231 1.00 19.77 ? 5   ASN A O   1 
ATOM   22   C CB  . ASN A 1 5   ? -1.912  -8.244  -25.769 1.00 30.59 ? 5   ASN A CB  1 
ATOM   23   C CG  . ASN A 1 5   ? -3.123  -7.751  -26.559 1.00 30.96 ? 5   ASN A CG  1 
ATOM   24   O OD1 . ASN A 1 5   ? -3.011  -7.336  -27.715 1.00 36.72 ? 5   ASN A OD1 1 
ATOM   25   N ND2 . ASN A 1 5   ? -4.323  -7.873  -26.021 1.00 32.21 ? 5   ASN A ND2 1 
ATOM   26   N N   . ARG A 1 6   ? -0.131  -8.962  -22.923 1.00 27.99 ? 6   ARG A N   1 
ATOM   27   C CA  . ARG A 1 6   ? 0.722   -9.841  -22.071 1.00 33.08 ? 6   ARG A CA  1 
ATOM   28   C C   . ARG A 1 6   ? -0.013  -10.179 -20.754 1.00 27.01 ? 6   ARG A C   1 
ATOM   29   O O   . ARG A 1 6   ? 0.046   -11.327 -20.328 1.00 24.26 ? 6   ARG A O   1 
ATOM   30   C CB  . ARG A 1 6   ? 2.092   -9.200  -21.858 1.00 39.98 ? 6   ARG A CB  1 
ATOM   31   C CG  . ARG A 1 6   ? 2.897   -9.818  -20.729 1.00 48.83 ? 6   ARG A CG  1 
ATOM   32   C CD  . ARG A 1 6   ? 4.385   -9.529  -20.867 1.00 58.76 ? 6   ARG A CD  1 
ATOM   33   N NE  . ARG A 1 6   ? 5.064   -10.656 -21.500 1.00 68.42 ? 6   ARG A NE  1 
ATOM   34   C CZ  . ARG A 1 6   ? 5.295   -11.842 -20.926 1.00 67.97 ? 6   ARG A CZ  1 
ATOM   35   N NH1 . ARG A 1 6   ? 4.920   -12.082 -19.677 1.00 69.52 ? 6   ARG A NH1 1 
ATOM   36   N NH2 . ARG A 1 6   ? 5.910   -12.788 -21.611 1.00 63.74 ? 6   ARG A NH2 1 
ATOM   37   N N   . GLU A 1 7   ? -0.760  -9.258  -20.168 1.00 26.92 ? 7   GLU A N   1 
ATOM   38   C CA  . GLU A 1 7   ? -1.510  -9.550  -18.911 1.00 28.13 ? 7   GLU A CA  1 
ATOM   39   C C   . GLU A 1 7   ? -2.630  -10.541 -19.187 1.00 22.12 ? 7   GLU A C   1 
ATOM   40   O O   . GLU A 1 7   ? -2.922  -11.372 -18.350 1.00 19.73 ? 7   GLU A O   1 
ATOM   41   C CB  . GLU A 1 7   ? -2.197  -8.313  -18.359 1.00 33.51 ? 7   GLU A CB  1 
ATOM   42   C CG  . GLU A 1 7   ? -1.228  -7.361  -17.714 1.00 40.72 ? 7   GLU A CG  1 
ATOM   43   C CD  . GLU A 1 7   ? -1.942  -6.130  -17.190 1.00 43.74 ? 7   GLU A CD  1 
ATOM   44   O OE1 . GLU A 1 7   ? -1.235  -5.231  -16.681 1.00 47.61 ? 7   GLU A OE1 1 
ATOM   45   O OE2 . GLU A 1 7   ? -3.211  -6.100  -17.274 1.00 46.41 ? 7   GLU A OE2 1 
ATOM   46   N N   . LEU A 1 8   ? -3.261  -10.418 -20.334 1.00 19.23 ? 8   LEU A N   1 
ATOM   47   C CA  . LEU A 1 8   ? -4.335  -11.347 -20.739 1.00 18.65 ? 8   LEU A CA  1 
ATOM   48   C C   . LEU A 1 8   ? -3.746  -12.763 -20.868 1.00 15.16 ? 8   LEU A C   1 
ATOM   49   O O   . LEU A 1 8   ? -4.314  -13.705 -20.389 1.00 14.84 ? 8   LEU A O   1 
ATOM   50   C CB  . LEU A 1 8   ? -4.854  -10.772 -22.045 1.00 21.88 ? 8   LEU A CB  1 
ATOM   51   C CG  . LEU A 1 8   ? -6.149  -11.328 -22.568 1.00 26.28 ? 8   LEU A CG  1 
ATOM   52   C CD1 . LEU A 1 8   ? -7.218  -11.272 -21.484 1.00 30.08 ? 8   LEU A CD1 1 
ATOM   53   C CD2 . LEU A 1 8   ? -6.574  -10.520 -23.797 1.00 29.33 ? 8   LEU A CD2 1 
ATOM   54   N N   . VAL A 1 9   ? -2.626  -12.892 -21.514 1.00 13.24 ? 9   VAL A N   1 
ATOM   55   C CA  . VAL A 1 9   ? -1.948  -14.204 -21.671 1.00 13.59 ? 9   VAL A CA  1 
ATOM   56   C C   . VAL A 1 9   ? -1.666  -14.761 -20.301 1.00 12.87 ? 9   VAL A C   1 
ATOM   57   O O   . VAL A 1 9   ? -2.045  -15.888 -20.045 1.00 11.81 ? 9   VAL A O   1 
ATOM   58   C CB  . VAL A 1 9   ? -0.664  -14.091 -22.501 1.00 12.23 ? 9   VAL A CB  1 
ATOM   59   C CG1 . VAL A 1 9   ? 0.157   -15.363 -22.415 1.00 11.74 ? 9   VAL A CG1 1 
ATOM   60   C CG2 . VAL A 1 9   ? -0.985  -13.720 -23.939 1.00 12.15 ? 9   VAL A CG2 1 
ATOM   61   N N   . VAL A 1 10  ? -1.003  -13.993 -19.440 1.00 14.27 ? 10  VAL A N   1 
ATOM   62   C CA  . VAL A 1 10  ? -0.625  -14.512 -18.097 1.00 17.16 ? 10  VAL A CA  1 
ATOM   63   C C   . VAL A 1 10  ? -1.897  -14.973 -17.361 1.00 15.84 ? 10  VAL A C   1 
ATOM   64   O O   . VAL A 1 10  ? -1.867  -16.042 -16.735 1.00 12.54 ? 10  VAL A O   1 
ATOM   65   C CB  . VAL A 1 10  ? 0.182   -13.475 -17.296 1.00 19.24 ? 10  VAL A CB  1 
ATOM   66   C CG1 . VAL A 1 10  ? 0.356   -13.903 -15.848 1.00 20.35 ? 10  VAL A CG1 1 
ATOM   67   C CG2 . VAL A 1 10  ? 1.533   -13.242 -17.970 1.00 21.59 ? 10  VAL A CG2 1 
ATOM   68   N N   . ASP A 1 11  ? -2.963  -14.168 -17.416 1.00 15.79 ? 11  ASP A N   1 
ATOM   69   C CA  . ASP A 1 11  ? -4.200  -14.459 -16.674 1.00 16.14 ? 11  ASP A CA  1 
ATOM   70   C C   . ASP A 1 11  ? -4.750  -15.792 -17.178 1.00 14.63 ? 11  ASP A C   1 
ATOM   71   O O   . ASP A 1 11  ? -5.100  -16.657 -16.366 1.00 16.36 ? 11  ASP A O   1 
ATOM   72   C CB  . ASP A 1 11  ? -5.241  -13.381 -16.863 1.00 16.75 ? 11  ASP A CB  1 
ATOM   73   C CG  . ASP A 1 11  ? -6.515  -13.731 -16.140 1.00 20.46 ? 11  ASP A CG  1 
ATOM   74   O OD1 . ASP A 1 11  ? -7.395  -14.441 -16.732 1.00 17.05 ? 11  ASP A OD1 1 
ATOM   75   O OD2 . ASP A 1 11  ? -6.632  -13.284 -14.998 1.00 20.13 ? 11  ASP A OD2 1 
ATOM   76   N N   . PHE A 1 12  ? -4.872  -15.934 -18.497 1.00 12.42 ? 12  PHE A N   1 
ATOM   77   C CA  . PHE A 1 12  ? -5.477  -17.145 -19.096 1.00 11.32 ? 12  PHE A CA  1 
ATOM   78   C C   . PHE A 1 12  ? -4.645  -18.370 -18.699 1.00 11.17 ? 12  PHE A C   1 
ATOM   79   O O   . PHE A 1 12  ? -5.195  -19.362 -18.298 1.00 11.24 ? 12  PHE A O   1 
ATOM   80   C CB  . PHE A 1 12  ? -5.632  -16.964 -20.601 1.00 10.99 ? 12  PHE A CB  1 
ATOM   81   C CG  . PHE A 1 12  ? -6.349  -18.132 -21.216 1.00 10.70 ? 12  PHE A CG  1 
ATOM   82   C CD1 . PHE A 1 12  ? -5.643  -19.269 -21.576 1.00 10.85 ? 12  PHE A CD1 1 
ATOM   83   C CD2 . PHE A 1 12  ? -7.719  -18.138 -21.315 1.00 11.31 ? 12  PHE A CD2 1 
ATOM   84   C CE1 . PHE A 1 12  ? -6.292  -20.360 -22.133 1.00 11.32 ? 12  PHE A CE1 1 
ATOM   85   C CE2 . PHE A 1 12  ? -8.374  -19.230 -21.876 1.00 12.88 ? 12  PHE A CE2 1 
ATOM   86   C CZ  . PHE A 1 12  ? -7.665  -20.334 -22.295 1.00 12.62 ? 12  PHE A CZ  1 
ATOM   87   N N   . LEU A 1 13  ? -3.333  -18.331 -18.876 1.00 11.76 ? 13  LEU A N   1 
ATOM   88   C CA  . LEU A 1 13  ? -2.445  -19.508 -18.631 1.00 12.50 ? 13  LEU A CA  1 
ATOM   89   C C   . LEU A 1 13  ? -2.473  -19.872 -17.134 1.00 13.27 ? 13  LEU A C   1 
ATOM   90   O O   . LEU A 1 13  ? -2.534  -21.052 -16.840 1.00 12.99 ? 13  LEU A O   1 
ATOM   91   C CB  . LEU A 1 13  ? -1.027  -19.183 -19.106 1.00 12.57 ? 13  LEU A CB  1 
ATOM   92   C CG  . LEU A 1 13  ? -0.827  -18.996 -20.622 1.00 12.59 ? 13  LEU A CG  1 
ATOM   93   C CD1 . LEU A 1 13  ? 0.654   -18.725 -20.981 1.00 12.94 ? 13  LEU A CD1 1 
ATOM   94   C CD2 . LEU A 1 13  ? -1.292  -20.237 -21.367 1.00 13.16 ? 13  LEU A CD2 1 
ATOM   95   N N   . SER A 1 14  ? -2.429  -18.902 -16.222 1.00 14.37 ? 14  SER A N   1 
ATOM   96   C CA  . SER A 1 14  ? -2.514  -19.146 -14.753 1.00 15.12 ? 14  SER A CA  1 
ATOM   97   C C   . SER A 1 14  ? -3.833  -19.833 -14.433 1.00 15.03 ? 14  SER A C   1 
ATOM   98   O O   . SER A 1 14  ? -3.845  -20.820 -13.680 1.00 13.50 ? 14  SER A O   1 
ATOM   99   C CB  . SER A 1 14  ? -2.453  -17.880 -13.959 1.00 17.66 ? 14  SER A CB  1 
ATOM   100  O OG  . SER A 1 14  ? -1.277  -17.187 -14.290 1.00 25.57 ? 14  SER A OG  1 
ATOM   101  N N   . TYR A 1 15  ? -4.912  -19.350 -15.045 1.00 13.93 ? 15  TYR A N   1 
ATOM   102  C CA  . TYR A 1 15  ? -6.251  -19.917 -14.832 1.00 12.76 ? 15  TYR A CA  1 
ATOM   103  C C   . TYR A 1 15  ? -6.229  -21.361 -15.304 1.00 12.07 ? 15  TYR A C   1 
ATOM   104  O O   . TYR A 1 15  ? -6.726  -22.238 -14.559 1.00 11.99 ? 15  TYR A O   1 
ATOM   105  C CB  . TYR A 1 15  ? -7.321  -19.099 -15.539 1.00 14.18 ? 15  TYR A CB  1 
ATOM   106  C CG  . TYR A 1 15  ? -8.688  -19.723 -15.511 1.00 14.29 ? 15  TYR A CG  1 
ATOM   107  C CD1 . TYR A 1 15  ? -9.474  -19.663 -14.361 1.00 14.80 ? 15  TYR A CD1 1 
ATOM   108  C CD2 . TYR A 1 15  ? -9.205  -20.354 -16.628 1.00 13.77 ? 15  TYR A CD2 1 
ATOM   109  C CE1 . TYR A 1 15  ? -10.764 -20.200 -14.343 1.00 15.45 ? 15  TYR A CE1 1 
ATOM   110  C CE2 . TYR A 1 15  ? -10.482 -20.899 -16.637 1.00 14.40 ? 15  TYR A CE2 1 
ATOM   111  C CZ  . TYR A 1 15  ? -11.260 -20.838 -15.480 1.00 15.21 ? 15  TYR A CZ  1 
ATOM   112  O OH  . TYR A 1 15  ? -12.489 -21.419 -15.528 1.00 14.10 ? 15  TYR A OH  1 
ATOM   113  N N   . LYS A 1 16  ? -5.725  -21.620 -16.503 1.00 11.20 ? 16  LYS A N   1 
ATOM   114  C CA  . LYS A 1 16  ? -5.787  -22.951 -17.101 1.00 12.32 ? 16  LYS A CA  1 
ATOM   115  C C   . LYS A 1 16  ? -4.885  -23.868 -16.288 1.00 12.61 ? 16  LYS A C   1 
ATOM   116  O O   . LYS A 1 16  ? -5.315  -25.006 -15.986 1.00 13.02 ? 16  LYS A O   1 
ATOM   117  C CB  . LYS A 1 16  ? -5.416  -22.902 -18.586 1.00 12.27 ? 16  LYS A CB  1 
ATOM   118  C CG  . LYS A 1 16  ? -5.681  -24.171 -19.354 1.00 14.47 ? 16  LYS A CG  1 
ATOM   119  C CD  . LYS A 1 16  ? -7.175  -24.661 -19.324 1.00 13.80 ? 16  LYS A CD  1 
ATOM   120  C CE  . LYS A 1 16  ? -8.158  -23.542 -19.566 1.00 13.37 ? 16  LYS A CE  1 
ATOM   121  N NZ  . LYS A 1 16  ? -9.553  -24.046 -19.705 1.00 13.32 ? 16  LYS A NZ  1 
ATOM   122  N N   . LEU A 1 17  ? -3.700  -23.413 -15.900 1.00 12.07 ? 17  LEU A N   1 
ATOM   123  C CA  . LEU A 1 17  ? -2.777  -24.297 -15.125 1.00 12.92 ? 17  LEU A CA  1 
ATOM   124  C C   . LEU A 1 17  ? -3.400  -24.667 -13.763 1.00 15.46 ? 17  LEU A C   1 
ATOM   125  O O   . LEU A 1 17  ? -3.358  -25.853 -13.385 1.00 16.01 ? 17  LEU A O   1 
ATOM   126  C CB  . LEU A 1 17  ? -1.429  -23.618 -14.961 1.00 13.55 ? 17  LEU A CB  1 
ATOM   127  C CG  . LEU A 1 17  ? -0.623  -23.599 -16.241 1.00 13.83 ? 17  LEU A CG  1 
ATOM   128  C CD1 . LEU A 1 17  ? 0.508   -22.592 -16.152 1.00 13.97 ? 17  LEU A CD1 1 
ATOM   129  C CD2 . LEU A 1 17  ? -0.066  -24.969 -16.551 1.00 14.90 ? 17  LEU A CD2 1 
ATOM   130  N N   . SER A 1 18  ? -4.025  -23.721 -13.084 1.00 15.80 ? 18  SER A N   1 
ATOM   131  C CA  . SER A 1 18  ? -4.718  -23.948 -11.793 1.00 18.21 ? 18  SER A CA  1 
ATOM   132  C C   . SER A 1 18  ? -5.856  -24.965 -11.954 1.00 18.07 ? 18  SER A C   1 
ATOM   133  O O   . SER A 1 18  ? -6.023  -25.893 -11.099 1.00 15.35 ? 18  SER A O   1 
ATOM   134  C CB  . SER A 1 18  ? -5.193  -22.623 -11.298 1.00 20.35 ? 18  SER A CB  1 
ATOM   135  O OG  . SER A 1 18  ? -5.755  -22.793 -10.042 1.00 25.71 ? 18  SER A OG  1 
ATOM   136  N N   . GLN A 1 19  ? -6.617  -24.813 -13.033 1.00 15.32 ? 19  GLN A N   1 
ATOM   137  C CA  . GLN A 1 19  ? -7.742  -25.701 -13.366 1.00 17.75 ? 19  GLN A CA  1 
ATOM   138  C C   . GLN A 1 19  ? -7.218  -27.136 -13.475 1.00 18.47 ? 19  GLN A C   1 
ATOM   139  O O   . GLN A 1 19  ? -7.942  -28.057 -13.049 1.00 19.33 ? 19  GLN A O   1 
ATOM   140  C CB  . GLN A 1 19  ? -8.391  -25.213 -14.660 1.00 16.90 ? 19  GLN A CB  1 
ATOM   141  C CG  . GLN A 1 19  ? -9.655  -25.954 -15.024 1.00 17.42 ? 19  GLN A CG  1 
ATOM   142  C CD  . GLN A 1 19  ? -10.216 -25.344 -16.290 1.00 17.06 ? 19  GLN A CD  1 
ATOM   143  O OE1 . GLN A 1 19  ? -9.764  -25.630 -17.399 1.00 16.25 ? 19  GLN A OE1 1 
ATOM   144  N NE2 . GLN A 1 19  ? -11.186 -24.481 -16.119 1.00 16.20 ? 19  GLN A NE2 1 
ATOM   145  N N   . LYS A 1 20  ? -6.005  -27.335 -13.988 1.00 17.46 ? 20  LYS A N   1 
ATOM   146  C CA  . LYS A 1 20  ? -5.466  -28.698 -14.134 1.00 20.06 ? 20  LYS A CA  1 
ATOM   147  C C   . LYS A 1 20  ? -4.663  -29.148 -12.930 1.00 21.33 ? 20  LYS A C   1 
ATOM   148  O O   . LYS A 1 20  ? -4.001  -30.137 -13.104 1.00 27.61 ? 20  LYS A O   1 
ATOM   149  C CB  . LYS A 1 20  ? -4.630  -28.827 -15.401 1.00 21.72 ? 20  LYS A CB  1 
ATOM   150  C CG  . LYS A 1 20  ? -5.308  -28.410 -16.688 1.00 22.07 ? 20  LYS A CG  1 
ATOM   151  C CD  . LYS A 1 20  ? -6.569  -29.097 -17.014 1.00 25.41 ? 20  LYS A CD  1 
ATOM   152  C CE  . LYS A 1 20  ? -7.436  -28.252 -17.910 1.00 26.70 ? 20  LYS A CE  1 
ATOM   153  N NZ  . LYS A 1 20  ? -8.260  -29.102 -18.779 1.00 26.86 ? 20  LYS A NZ  1 
ATOM   154  N N   . GLY A 1 21  ? -4.663  -28.427 -11.810 1.00 23.95 ? 21  GLY A N   1 
ATOM   155  C CA  . GLY A 1 21  ? -3.964  -28.792 -10.560 1.00 25.45 ? 21  GLY A CA  1 
ATOM   156  C C   . GLY A 1 21  ? -2.546  -28.253 -10.432 1.00 28.69 ? 21  GLY A C   1 
ATOM   157  O O   . GLY A 1 21  ? -1.827  -28.721 -9.558  1.00 26.70 ? 21  GLY A O   1 
ATOM   158  N N   . TYR A 1 22  ? -2.134  -27.268 -11.219 1.00 25.62 ? 22  TYR A N   1 
ATOM   159  C CA  . TYR A 1 22  ? -0.783  -26.672 -11.141 1.00 26.38 ? 22  TYR A CA  1 
ATOM   160  C C   . TYR A 1 22  ? -0.846  -25.174 -10.807 1.00 29.83 ? 22  TYR A C   1 
ATOM   161  O O   . TYR A 1 22  ? -1.593  -24.432 -11.428 1.00 33.64 ? 22  TYR A O   1 
ATOM   162  C CB  . TYR A 1 22  ? -0.109  -26.903 -12.483 1.00 27.97 ? 22  TYR A CB  1 
ATOM   163  C CG  . TYR A 1 22  ? 0.047   -28.341 -12.905 1.00 31.94 ? 22  TYR A CG  1 
ATOM   164  C CD1 . TYR A 1 22  ? 0.721   -29.259 -12.109 1.00 35.01 ? 22  TYR A CD1 1 
ATOM   165  C CD2 . TYR A 1 22  ? -0.406  -28.774 -14.136 1.00 34.07 ? 22  TYR A CD2 1 
ATOM   166  C CE1 . TYR A 1 22  ? 0.929   -30.567 -12.518 1.00 33.04 ? 22  TYR A CE1 1 
ATOM   167  C CE2 . TYR A 1 22  ? -0.220  -30.082 -14.556 1.00 33.80 ? 22  TYR A CE2 1 
ATOM   168  C CZ  . TYR A 1 22  ? 0.470   -30.975 -13.758 1.00 35.27 ? 22  TYR A CZ  1 
ATOM   169  O OH  . TYR A 1 22  ? 0.674   -32.251 -14.205 1.00 36.04 ? 22  TYR A OH  1 
ATOM   170  N N   . SER A 1 23  ? -0.021  -24.681 -9.890  1.00 41.10 ? 23  SER A N   1 
ATOM   171  C CA  . SER A 1 23  ? -0.041  -23.249 -9.475  1.00 39.91 ? 23  SER A CA  1 
ATOM   172  C C   . SER A 1 23  ? 1.131   -22.506 -10.115 1.00 39.44 ? 23  SER A C   1 
ATOM   173  O O   . SER A 1 23  ? 2.269   -22.798 -9.734  1.00 42.48 ? 23  SER A O   1 
ATOM   174  C CB  . SER A 1 23  ? -0.010  -23.126 -7.997  1.00 43.75 ? 23  SER A CB  1 
ATOM   175  O OG  . SER A 1 23  ? 1.131   -23.797 -7.507  1.00 58.52 ? 23  SER A OG  1 
ATOM   176  N N   . TRP A 1 24  ? 0.846   -21.626 -11.079 1.00 35.50 ? 24  TRP A N   1 
ATOM   177  C CA  . TRP A 1 24  ? 1.822   -20.691 -11.698 1.00 35.05 ? 24  TRP A CA  1 
ATOM   178  C C   . TRP A 1 24  ? 1.747   -19.362 -10.945 1.00 34.75 ? 24  TRP A C   1 
ATOM   179  O O   . TRP A 1 24  ? 0.894   -18.482 -11.301 1.00 36.87 ? 24  TRP A O   1 
ATOM   180  C CB  . TRP A 1 24  ? 1.581   -20.529 -13.206 1.00 32.42 ? 24  TRP A CB  1 
ATOM   181  C CG  . TRP A 1 24  ? 2.694   -19.802 -13.893 1.00 31.23 ? 24  TRP A CG  1 
ATOM   182  C CD1 . TRP A 1 24  ? 4.020   -19.871 -13.576 1.00 33.51 ? 24  TRP A CD1 1 
ATOM   183  C CD2 . TRP A 1 24  ? 2.599   -18.885 -15.004 1.00 32.22 ? 24  TRP A CD2 1 
ATOM   184  N NE1 . TRP A 1 24  ? 4.748   -19.047 -14.391 1.00 32.49 ? 24  TRP A NE1 1 
ATOM   185  C CE2 . TRP A 1 24  ? 3.910   -18.437 -15.281 1.00 30.45 ? 24  TRP A CE2 1 
ATOM   186  C CE3 . TRP A 1 24  ? 1.547   -18.394 -15.786 1.00 31.34 ? 24  TRP A CE3 1 
ATOM   187  C CZ2 . TRP A 1 24  ? 4.185   -17.531 -16.306 1.00 30.61 ? 24  TRP A CZ2 1 
ATOM   188  C CZ3 . TRP A 1 24  ? 1.823   -17.523 -16.813 1.00 33.50 ? 24  TRP A CZ3 1 
ATOM   189  C CH2 . TRP A 1 24  ? 3.127   -17.096 -17.069 1.00 31.68 ? 24  TRP A CH2 1 
ATOM   190  N N   . SER A 1 25  ? 2.585   -19.247 -9.923  1.00 40.68 ? 25  SER A N   1 
ATOM   191  C CA  . SER A 1 25  ? 2.640   -18.096 -8.984  1.00 47.21 ? 25  SER A CA  1 
ATOM   192  C C   . SER A 1 25  ? 3.421   -16.964 -9.644  1.00 40.09 ? 25  SER A C   1 
ATOM   193  O O   . SER A 1 25  ? 4.546   -17.207 -10.092 1.00 33.91 ? 25  SER A O   1 
ATOM   194  C CB  . SER A 1 25  ? 3.246   -18.471 -7.649  1.00 50.36 ? 25  SER A CB  1 
ATOM   195  O OG  . SER A 1 25  ? 2.648   -19.654 -7.141  1.00 51.75 ? 25  SER A OG  1 
ATOM   196  N N   . GLN A 1 26  ? 2.790   -15.800 -9.745  1.00 39.56 ? 26  GLN A N   1 
ATOM   197  C CA  . GLN A 1 26  ? 3.433   -14.567 -10.242 1.00 42.70 ? 26  GLN A CA  1 
ATOM   198  C C   . GLN A 1 26  ? 4.325   -14.048 -9.115  1.00 41.70 ? 26  GLN A C   1 
ATOM   199  O O   . GLN A 1 26  ? 4.128   -14.373 -7.930  1.00 34.75 ? 26  GLN A O   1 
ATOM   200  C CB  . GLN A 1 26  ? 2.363   -13.596 -10.753 1.00 45.32 ? 26  GLN A CB  1 
ATOM   201  C CG  . GLN A 1 26  ? 1.391   -14.235 -11.741 1.00 51.37 ? 26  GLN A CG  1 
ATOM   202  C CD  . GLN A 1 26  ? 2.093   -14.993 -12.846 1.00 54.83 ? 26  GLN A CD  1 
ATOM   203  O OE1 . GLN A 1 26  ? 3.007   -14.475 -13.471 1.00 46.20 ? 26  GLN A OE1 1 
ATOM   204  N NE2 . GLN A 1 26  ? 1.665   -16.225 -13.111 1.00 57.19 ? 26  GLN A NE2 1 
ATOM   205  N N   . PRO A 1 27  ? 5.373   -13.277 -9.472  1.00 46.14 ? 27  PRO A N   1 
ATOM   206  C CA  . PRO A 1 27  ? 6.445   -12.947 -8.532  1.00 49.37 ? 27  PRO A CA  1 
ATOM   207  C C   . PRO A 1 27  ? 5.958   -12.241 -7.256  1.00 45.00 ? 27  PRO A C   1 
ATOM   208  O O   . PRO A 1 27  ? 6.521   -12.527 -6.210  1.00 39.62 ? 27  PRO A O   1 
ATOM   209  C CB  . PRO A 1 27  ? 7.359   -11.993 -9.336  1.00 56.27 ? 27  PRO A CB  1 
ATOM   210  C CG  . PRO A 1 27  ? 7.074   -12.317 -10.802 1.00 56.48 ? 27  PRO A CG  1 
ATOM   211  C CD  . PRO A 1 27  ? 5.617   -12.740 -10.828 1.00 52.12 ? 27  PRO A CD  1 
ATOM   212  N N   . MET A 1 28  ? 4.946   -11.367 -7.398  1.00 34.16 ? 28  MET A N   1 
ATOM   213  C CA  . MET A 1 28  ? 4.423   -10.464 -6.331  1.00 31.01 ? 28  MET A CA  1 
ATOM   214  C C   . MET A 1 28  ? 3.166   -11.052 -5.659  1.00 25.54 ? 28  MET A C   1 
ATOM   215  O O   . MET A 1 28  ? 2.603   -10.334 -4.828  1.00 22.12 ? 28  MET A O   1 
ATOM   216  C CB  . MET A 1 28  ? 4.084   -9.089  -6.929  1.00 31.94 ? 28  MET A CB  1 
ATOM   217  C CG  . MET A 1 28  ? 5.309   -8.265  -7.342  1.00 34.17 ? 28  MET A CG  1 
ATOM   218  S SD  . MET A 1 28  ? 6.359   -7.668  -5.971  1.00 39.94 ? 28  MET A SD  1 
ATOM   219  C CE  . MET A 1 28  ? 7.792   -8.732  -6.150  1.00 51.98 ? 28  MET A CE  1 
ATOM   220  N N   . ALA A 1 29  ? 2.727   -12.291 -5.973  1.00 20.14 ? 29  ALA A N   1 
ATOM   221  C CA  . ALA A 1 29  ? 1.447   -12.830 -5.452  1.00 20.82 ? 29  ALA A CA  1 
ATOM   222  C C   . ALA A 1 29  ? 1.484   -12.856 -3.914  1.00 18.92 ? 29  ALA A C   1 
ATOM   223  O O   . ALA A 1 29  ? 0.506   -12.411 -3.281  1.00 17.09 ? 29  ALA A O   1 
ATOM   224  C CB  . ALA A 1 29  ? 1.157   -14.208 -6.018  1.00 22.10 ? 29  ALA A CB  1 
ATOM   225  N N   . ALA A 1 30  ? 2.559   -13.404 -3.323  1.00 17.53 ? 30  ALA A N   1 
ATOM   226  C CA  . ALA A 1 30  ? 2.705   -13.587 -1.869  1.00 17.38 ? 30  ALA A CA  1 
ATOM   227  C C   . ALA A 1 30  ? 2.790   -12.192 -1.197  1.00 16.46 ? 30  ALA A C   1 
ATOM   228  O O   . ALA A 1 30  ? 2.308   -12.035 -0.106  1.00 15.47 ? 30  ALA A O   1 
ATOM   229  C CB  . ALA A 1 30  ? 3.916   -14.441 -1.569  1.00 18.56 ? 30  ALA A CB  1 
ATOM   230  N N   . VAL A 1 31  ? 3.387   -11.220 -1.864  1.00 16.95 ? 31  VAL A N   1 
ATOM   231  C CA  . VAL A 1 31  ? 3.574   -9.847  -1.313  1.00 16.17 ? 31  VAL A CA  1 
ATOM   232  C C   . VAL A 1 31  ? 2.196   -9.211  -1.248  1.00 15.21 ? 31  VAL A C   1 
ATOM   233  O O   . VAL A 1 31  ? 1.852   -8.651  -0.208  1.00 13.21 ? 31  VAL A O   1 
ATOM   234  C CB  . VAL A 1 31  ? 4.539   -8.991  -2.150  1.00 17.40 ? 31  VAL A CB  1 
ATOM   235  C CG1 . VAL A 1 31  ? 4.694   -7.620  -1.533  1.00 17.20 ? 31  VAL A CG1 1 
ATOM   236  C CG2 . VAL A 1 31  ? 5.918   -9.663  -2.273  1.00 19.82 ? 31  VAL A CG2 1 
ATOM   237  N N   . LYS A 1 32  ? 1.453   -9.304  -2.333  1.00 14.80 ? 32  LYS A N   1 
ATOM   238  C CA  . LYS A 1 32  ? 0.085   -8.704  -2.402  1.00 14.96 ? 32  LYS A CA  1 
ATOM   239  C C   . LYS A 1 32  ? -0.773  -9.325  -1.319  1.00 14.87 ? 32  LYS A C   1 
ATOM   240  O O   . LYS A 1 32  ? -1.406  -8.577  -0.595  1.00 13.80 ? 32  LYS A O   1 
ATOM   241  C CB  . LYS A 1 32  ? -0.552  -8.968  -3.746  1.00 16.27 ? 32  LYS A CB  1 
ATOM   242  C CG  . LYS A 1 32  ? 0.011   -8.149  -4.875  1.00 18.80 ? 32  LYS A CG  1 
ATOM   243  C CD  . LYS A 1 32  ? -0.433  -8.741  -6.178  1.00 20.76 ? 32  LYS A CD  1 
ATOM   244  C CE  . LYS A 1 32  ? 0.149   -8.005  -7.347  1.00 23.47 ? 32  LYS A CE  1 
ATOM   245  N NZ  . LYS A 1 32  ? -0.485  -8.535  -8.569  1.00 24.57 ? 32  LYS A NZ  1 
ATOM   246  N N   . GLN A 1 33  ? -0.712  -10.656 -1.139  1.00 16.35 ? 33  GLN A N   1 
ATOM   247  C CA  . GLN A 1 33  ? -1.547  -11.304 -0.102  1.00 16.37 ? 33  GLN A CA  1 
ATOM   248  C C   . GLN A 1 33  ? -1.118  -10.796 1.286   1.00 16.47 ? 33  GLN A C   1 
ATOM   249  O O   . GLN A 1 33  ? -2.046  -10.577 2.147   1.00 14.46 ? 33  GLN A O   1 
ATOM   250  C CB  . GLN A 1 33  ? -1.487  -12.832 -0.253  1.00 19.56 ? 33  GLN A CB  1 
ATOM   251  C CG  . GLN A 1 33  ? -2.335  -13.594 0.752   1.00 22.00 ? 33  GLN A CG  1 
ATOM   252  C CD  . GLN A 1 33  ? -3.814  -13.285 0.694   1.00 25.26 ? 33  GLN A CD  1 
ATOM   253  O OE1 . GLN A 1 33  ? -4.352  -12.840 -0.305  1.00 30.16 ? 33  GLN A OE1 1 
ATOM   254  N NE2 . GLN A 1 33  ? -4.486  -13.444 1.815   1.00 28.92 ? 33  GLN A NE2 1 
ATOM   255  N N   . ALA A 1 34  ? 0.200   -10.789 1.593   1.00 14.72 ? 34  ALA A N   1 
ATOM   256  C CA  . ALA A 1 34  ? 0.703   -10.419 2.945   1.00 13.18 ? 34  ALA A CA  1 
ATOM   257  C C   . ALA A 1 34  ? 0.289   -8.974  3.270   1.00 13.65 ? 34  ALA A C   1 
ATOM   258  O O   . ALA A 1 34  ? -0.058  -8.648  4.420   1.00 13.41 ? 34  ALA A O   1 
ATOM   259  C CB  . ALA A 1 34  ? 2.191   -10.585 3.016   1.00 13.87 ? 34  ALA A CB  1 
ATOM   260  N N   . LEU A 1 35  ? 0.296   -8.115  2.268   1.00 14.67 ? 35  LEU A N   1 
ATOM   261  C CA  . LEU A 1 35  ? -0.019  -6.686  2.449   1.00 15.71 ? 35  LEU A CA  1 
ATOM   262  C C   . LEU A 1 35  ? -1.518  -6.514  2.645   1.00 13.69 ? 35  LEU A C   1 
ATOM   263  O O   . LEU A 1 35  ? -1.898  -5.746  3.492   1.00 11.59 ? 35  LEU A O   1 
ATOM   264  C CB  . LEU A 1 35  ? 0.470   -5.916  1.227   1.00 16.94 ? 35  LEU A CB  1 
ATOM   265  C CG  . LEU A 1 35  ? 0.405   -4.404  1.339   1.00 20.71 ? 35  LEU A CG  1 
ATOM   266  C CD1 . LEU A 1 35  ? 1.220   -3.872  2.548   1.00 20.73 ? 35  LEU A CD1 1 
ATOM   267  C CD2 . LEU A 1 35  ? 0.919   -3.794  0.037   1.00 23.21 ? 35  LEU A CD2 1 
ATOM   268  N N   . ARG A 1 36  ? -2.358  -7.216  1.880   1.00 12.76 ? 36  ARG A N   1 
ATOM   269  C CA  . ARG A 1 36  ? -3.828  -7.237  2.218   1.00 13.22 ? 36  ARG A CA  1 
ATOM   270  C C   . ARG A 1 36  ? -4.061  -7.626  3.681   1.00 11.90 ? 36  ARG A C   1 
ATOM   271  O O   . ARG A 1 36  ? -4.818  -6.925  4.363   1.00 11.41 ? 36  ARG A O   1 
ATOM   272  C CB  . ARG A 1 36  ? -4.600  -8.213  1.342   1.00 13.40 ? 36  ARG A CB  1 
ATOM   273  C CG  . ARG A 1 36  ? -4.532  -7.887  -0.128  1.00 15.35 ? 36  ARG A CG  1 
ATOM   274  C CD  . ARG A 1 36  ? -5.108  -9.089  -0.889  1.00 20.62 ? 36  ARG A CD  1 
ATOM   275  N NE  . ARG A 1 36  ? -5.352  -8.720  -2.279  1.00 22.79 ? 36  ARG A NE  1 
ATOM   276  C CZ  . ARG A 1 36  ? -6.240  -9.295  -3.072  1.00 28.93 ? 36  ARG A CZ  1 
ATOM   277  N NH1 . ARG A 1 36  ? -7.026  -10.260 -2.622  1.00 29.65 ? 36  ARG A NH1 1 
ATOM   278  N NH2 . ARG A 1 36  ? -6.380  -8.851  -4.308  1.00 33.33 ? 36  ARG A NH2 1 
ATOM   279  N N   . GLU A 1 37  ? -3.410  -8.709  4.134   1.00 11.91 ? 37  GLU A N   1 
ATOM   280  C CA  . GLU A 1 37  ? -3.557  -9.219  5.508   1.00 12.82 ? 37  GLU A CA  1 
ATOM   281  C C   . GLU A 1 37  ? -2.985  -8.246  6.531   1.00 13.25 ? 37  GLU A C   1 
ATOM   282  O O   . GLU A 1 37  ? -3.681  -7.965  7.504   1.00 12.45 ? 37  GLU A O   1 
ATOM   283  C CB  . GLU A 1 37  ? -2.872  -10.570 5.657   1.00 15.30 ? 37  GLU A CB  1 
ATOM   284  C CG  . GLU A 1 37  ? -3.603  -11.647 4.872   1.00 17.15 ? 37  GLU A CG  1 
ATOM   285  C CD  . GLU A 1 37  ? -2.835  -12.960 4.768   1.00 22.16 ? 37  GLU A CD  1 
ATOM   286  O OE1 . GLU A 1 37  ? -1.747  -13.060 5.344   1.00 27.16 ? 37  GLU A OE1 1 
ATOM   287  O OE2 . GLU A 1 37  ? -3.289  -13.824 4.029   1.00 26.60 ? 37  GLU A OE2 1 
ATOM   288  N N   . ALA A 1 38  ? -1.833  -7.652  6.256   1.00 12.80 ? 38  ALA A N   1 
ATOM   289  C CA  . ALA A 1 38  ? -1.215  -6.695  7.200   1.00 13.04 ? 38  ALA A CA  1 
ATOM   290  C C   . ALA A 1 38  ? -2.098  -5.438  7.318   1.00 12.07 ? 38  ALA A C   1 
ATOM   291  O O   . ALA A 1 38  ? -2.221  -4.853  8.436   1.00 12.92 ? 38  ALA A O   1 
ATOM   292  C CB  . ALA A 1 38  ? 0.175   -6.395  6.737   1.00 12.97 ? 38  ALA A CB  1 
ATOM   293  N N   . GLY A 1 39  ? -2.636  -4.938  6.206   1.00 12.23 ? 39  GLY A N   1 
ATOM   294  C CA  . GLY A 1 39  ? -3.491  -3.745  6.253   1.00 12.58 ? 39  GLY A CA  1 
ATOM   295  C C   . GLY A 1 39  ? -4.747  -4.007  7.069   1.00 12.43 ? 39  GLY A C   1 
ATOM   296  O O   . GLY A 1 39  ? -5.165  -3.105  7.825   1.00 12.73 ? 39  GLY A O   1 
ATOM   297  N N   . ASP A 1 40  ? -5.353  -5.179  6.888   1.00 11.53 ? 40  ASP A N   1 
ATOM   298  C CA  . ASP A 1 40  ? -6.554  -5.590  7.684   1.00 11.50 ? 40  ASP A CA  1 
ATOM   299  C C   . ASP A 1 40  ? -6.220  -5.603  9.177   1.00 12.25 ? 40  ASP A C   1 
ATOM   300  O O   . ASP A 1 40  ? -6.980  -5.037  9.984   1.00 11.96 ? 40  ASP A O   1 
ATOM   301  C CB  . ASP A 1 40  ? -7.075  -6.932  7.229   1.00 12.08 ? 40  ASP A CB  1 
ATOM   302  C CG  . ASP A 1 40  ? -7.778  -6.972  5.888   1.00 12.51 ? 40  ASP A CG  1 
ATOM   303  O OD1 . ASP A 1 40  ? -8.088  -5.877  5.282   1.00 13.94 ? 40  ASP A OD1 1 
ATOM   304  O OD2 . ASP A 1 40  ? -8.056  -8.099  5.444   1.00 12.76 ? 40  ASP A OD2 1 
ATOM   305  N N   . GLU A 1 41  ? -5.105  -6.228  9.533   1.00 13.24 ? 41  GLU A N   1 
ATOM   306  C CA  . GLU A 1 41  ? -4.703  -6.361  10.940  1.00 12.90 ? 41  GLU A CA  1 
ATOM   307  C C   . GLU A 1 41  ? -4.411  -4.966  11.470  1.00 12.39 ? 41  GLU A C   1 
ATOM   308  O O   . GLU A 1 41  ? -4.778  -4.631  12.594  1.00 11.65 ? 41  GLU A O   1 
ATOM   309  C CB  . GLU A 1 41  ? -3.499  -7.295  10.996  1.00 15.48 ? 41  GLU A CB  1 
ATOM   310  C CG  . GLU A 1 41  ? -2.903  -7.424  12.387  1.00 18.40 ? 41  GLU A CG  1 
ATOM   311  C CD  . GLU A 1 41  ? -3.737  -8.150  13.417  1.00 23.73 ? 41  GLU A CD  1 
ATOM   312  O OE1 . GLU A 1 41  ? -4.812  -8.758  13.064  1.00 22.43 ? 41  GLU A OE1 1 
ATOM   313  O OE2 . GLU A 1 41  ? -3.295  -8.145  14.573  1.00 27.97 ? 41  GLU A OE2 1 
ATOM   314  N N   . PHE A 1 42  ? -3.723  -4.149  10.672  1.00 12.75 ? 42  PHE A N   1 
ATOM   315  C CA  . PHE A 1 42  ? -3.349  -2.782  11.090  1.00 12.24 ? 42  PHE A CA  1 
ATOM   316  C C   . PHE A 1 42  ? -4.613  -1.977  11.443  1.00 12.68 ? 42  PHE A C   1 
ATOM   317  O O   . PHE A 1 42  ? -4.630  -1.307  12.520  1.00 11.95 ? 42  PHE A O   1 
ATOM   318  C CB  . PHE A 1 42  ? -2.519  -2.142  9.975   1.00 12.83 ? 42  PHE A CB  1 
ATOM   319  C CG  . PHE A 1 42  ? -2.224  -0.695  10.165  1.00 13.48 ? 42  PHE A CG  1 
ATOM   320  C CD1 . PHE A 1 42  ? -3.195  0.270   9.923   1.00 13.65 ? 42  PHE A CD1 1 
ATOM   321  C CD2 . PHE A 1 42  ? -0.970  -0.299  10.595  1.00 14.09 ? 42  PHE A CD2 1 
ATOM   322  C CE1 . PHE A 1 42  ? -2.902  1.609   10.101  1.00 13.61 ? 42  PHE A CE1 1 
ATOM   323  C CE2 . PHE A 1 42  ? -0.690  1.045   10.786  1.00 14.41 ? 42  PHE A CE2 1 
ATOM   324  C CZ  . PHE A 1 42  ? -1.662  1.989   10.539  1.00 14.28 ? 42  PHE A CZ  1 
ATOM   325  N N   . GLU A 1 43  ? -5.634  -2.039  10.597  1.00 12.46 ? 43  GLU A N   1 
ATOM   326  C CA  . GLU A 1 43  ? -6.869  -1.221  10.752  1.00 14.45 ? 43  GLU A CA  1 
ATOM   327  C C   . GLU A 1 43  ? -7.662  -1.740  11.949  1.00 14.92 ? 43  GLU A C   1 
ATOM   328  O O   . GLU A 1 43  ? -8.339  -0.951  12.602  1.00 14.55 ? 43  GLU A O   1 
ATOM   329  C CB  . GLU A 1 43  ? -7.692  -1.256  9.470   1.00 14.90 ? 43  GLU A CB  1 
ATOM   330  C CG  . GLU A 1 43  ? -6.961  -0.571  8.307   1.00 18.03 ? 43  GLU A CG  1 
ATOM   331  C CD  . GLU A 1 43  ? -7.353  -0.939  6.874   1.00 18.65 ? 43  GLU A CD  1 
ATOM   332  O OE1 . GLU A 1 43  ? -8.493  -1.324  6.721   1.00 16.77 ? 43  GLU A OE1 1 
ATOM   333  O OE2 . GLU A 1 43  ? -6.503  -0.754  5.882   1.00 18.95 ? 43  GLU A OE2 1 
ATOM   334  N N   . LEU A 1 44  ? -7.519  -3.026  12.248  1.00 14.73 ? 44  LEU A N   1 
ATOM   335  C CA  . LEU A 1 44  ? -8.211  -3.637  13.403  1.00 14.85 ? 44  LEU A CA  1 
ATOM   336  C C   . LEU A 1 44  ? -7.446  -3.328  14.690  1.00 14.77 ? 44  LEU A C   1 
ATOM   337  O O   . LEU A 1 44  ? -8.119  -3.111  15.698  1.00 14.19 ? 44  LEU A O   1 
ATOM   338  C CB  . LEU A 1 44  ? -8.400  -5.132  13.154  1.00 14.47 ? 44  LEU A CB  1 
ATOM   339  C CG  . LEU A 1 44  ? -9.469  -5.434  12.094  1.00 14.54 ? 44  LEU A CG  1 
ATOM   340  C CD1 . LEU A 1 44  ? -9.472  -6.890  11.697  1.00 15.48 ? 44  LEU A CD1 1 
ATOM   341  C CD2 . LEU A 1 44  ? -10.863 -4.997  12.524  1.00 16.24 ? 44  LEU A CD2 1 
ATOM   342  N N   . ARG A 1 45  ? -6.119  -3.362  14.683  1.00 14.18 ? 45  ARG A N   1 
ATOM   343  C CA  . ARG A 1 45  ? -5.336  -3.076  15.913  1.00 15.26 ? 45  ARG A CA  1 
ATOM   344  C C   . ARG A 1 45  ? -5.292  -1.594  16.261  1.00 14.66 ? 45  ARG A C   1 
ATOM   345  O O   . ARG A 1 45  ? -5.139  -1.314  17.449  1.00 13.66 ? 45  ARG A O   1 
ATOM   346  C CB  . ARG A 1 45  ? -3.860  -3.413  15.805  1.00 17.84 ? 45  ARG A CB  1 
ATOM   347  C CG  . ARG A 1 45  ? -3.502  -4.856  15.588  1.00 22.43 ? 45  ARG A CG  1 
ATOM   348  C CD  . ARG A 1 45  ? -2.002  -5.010  15.808  1.00 25.62 ? 45  ARG A CD  1 
ATOM   349  N NE  . ARG A 1 45  ? -1.804  -6.414  16.015  1.00 30.15 ? 45  ARG A NE  1 
ATOM   350  C CZ  . ARG A 1 45  ? -1.901  -7.013  17.206  1.00 38.33 ? 45  ARG A CZ  1 
ATOM   351  N NH1 . ARG A 1 45  ? -2.062  -6.310  18.318  1.00 39.04 ? 45  ARG A NH1 1 
ATOM   352  N NH2 . ARG A 1 45  ? -1.767  -8.326  17.281  1.00 46.00 ? 45  ARG A NH2 1 
ATOM   353  N N   . TYR A 1 46  ? -5.248  -0.688  15.284  1.00 13.79 ? 46  TYR A N   1 
ATOM   354  C CA  . TYR A 1 46  ? -4.843  0.727   15.516  1.00 14.97 ? 46  TYR A CA  1 
ATOM   355  C C   . TYR A 1 46  ? -5.955  1.671   15.043  1.00 16.25 ? 46  TYR A C   1 
ATOM   356  O O   . TYR A 1 46  ? -5.653  2.728   14.509  1.00 16.40 ? 46  TYR A O   1 
ATOM   357  C CB  . TYR A 1 46  ? -3.510  1.037   14.818  1.00 14.53 ? 46  TYR A CB  1 
ATOM   358  C CG  . TYR A 1 46  ? -2.414  0.073   15.191  1.00 13.56 ? 46  TYR A CG  1 
ATOM   359  C CD1 . TYR A 1 46  ? -1.996  -0.067  16.504  1.00 13.38 ? 46  TYR A CD1 1 
ATOM   360  C CD2 . TYR A 1 46  ? -1.809  -0.724  14.237  1.00 12.49 ? 46  TYR A CD2 1 
ATOM   361  C CE1 . TYR A 1 46  ? -1.004  -0.985  16.847  1.00 13.13 ? 46  TYR A CE1 1 
ATOM   362  C CE2 . TYR A 1 46  ? -0.800  -1.622  14.570  1.00 12.58 ? 46  TYR A CE2 1 
ATOM   363  C CZ  . TYR A 1 46  ? -0.448  -1.799  15.887  1.00 12.89 ? 46  TYR A CZ  1 
ATOM   364  O OH  . TYR A 1 46  ? 0.564   -2.662  16.231  1.00 16.28 ? 46  TYR A OH  1 
ATOM   365  N N   . ARG A 1 47  ? -7.209  1.335   15.294  1.00 20.05 ? 47  ARG A N   1 
ATOM   366  C CA  . ARG A 1 47  ? -8.337  2.144   14.782  1.00 23.88 ? 47  ARG A CA  1 
ATOM   367  C C   . ARG A 1 47  ? -8.159  3.605   15.208  1.00 21.16 ? 47  ARG A C   1 
ATOM   368  O O   . ARG A 1 47  ? -8.225  4.473   14.363  1.00 18.49 ? 47  ARG A O   1 
ATOM   369  C CB  . ARG A 1 47  ? -9.695  1.630   15.265  1.00 30.32 ? 47  ARG A CB  1 
ATOM   370  C CG  . ARG A 1 47  ? -10.866 2.408   14.654  1.00 39.60 ? 47  ARG A CG  1 
ATOM   371  C CD  . ARG A 1 47  ? -12.238 2.138   15.253  1.00 45.06 ? 47  ARG A CD  1 
ATOM   372  N NE  . ARG A 1 47  ? -12.158 1.740   16.656  1.00 50.98 ? 47  ARG A NE  1 
ATOM   373  C CZ  . ARG A 1 47  ? -12.041 2.560   17.704  1.00 57.94 ? 47  ARG A CZ  1 
ATOM   374  N NH1 . ARG A 1 47  ? -12.016 3.877   17.551  1.00 60.74 ? 47  ARG A NH1 1 
ATOM   375  N NH2 . ARG A 1 47  ? -11.950 2.042   18.917  1.00 59.09 ? 47  ARG A NH2 1 
ATOM   376  N N   . ARG A 1 48  ? -7.963  3.889   16.486  1.00 23.15 ? 48  ARG A N   1 
ATOM   377  C CA  . ARG A 1 48  ? -7.920  5.306   16.951  1.00 26.03 ? 48  ARG A CA  1 
ATOM   378  C C   . ARG A 1 48  ? -6.710  6.035   16.347  1.00 23.53 ? 48  ARG A C   1 
ATOM   379  O O   . ARG A 1 48  ? -6.900  7.152   15.808  1.00 23.22 ? 48  ARG A O   1 
ATOM   380  C CB  . ARG A 1 48  ? -7.890  5.351   18.482  1.00 34.18 ? 48  ARG A CB  1 
ATOM   381  C CG  . ARG A 1 48  ? -8.030  6.748   19.075  1.00 40.80 ? 48  ARG A CG  1 
ATOM   382  C CD  . ARG A 1 48  ? -7.739  6.796   20.572  1.00 50.06 ? 48  ARG A CD  1 
ATOM   383  N NE  . ARG A 1 48  ? -6.447  6.178   20.893  1.00 62.82 ? 48  ARG A NE  1 
ATOM   384  C CZ  . ARG A 1 48  ? -6.252  4.916   21.311  1.00 65.30 ? 48  ARG A CZ  1 
ATOM   385  N NH1 . ARG A 1 48  ? -7.276  4.091   21.490  1.00 66.91 ? 48  ARG A NH1 1 
ATOM   386  N NH2 . ARG A 1 48  ? -5.018  4.481   21.517  1.00 57.20 ? 48  ARG A NH2 1 
ATOM   387  N N   . ALA A 1 49  ? -5.500  5.469   16.481  1.00 21.80 ? 49  ALA A N   1 
ATOM   388  C CA  . ALA A 1 49  ? -4.260  6.108   15.988  1.00 23.20 ? 49  ALA A CA  1 
ATOM   389  C C   . ALA A 1 49  ? -4.392  6.314   14.478  1.00 22.91 ? 49  ALA A C   1 
ATOM   390  O O   . ALA A 1 49  ? -4.029  7.393   13.952  1.00 24.62 ? 49  ALA A O   1 
ATOM   391  C CB  . ALA A 1 49  ? -3.026  5.303   16.343  1.00 23.31 ? 49  ALA A CB  1 
ATOM   392  N N   . PHE A 1 50  ? -4.943  5.330   13.779  1.00 21.17 ? 50  PHE A N   1 
ATOM   393  C CA  . PHE A 1 50  ? -5.104  5.416   12.318  1.00 20.38 ? 50  PHE A CA  1 
ATOM   394  C C   . PHE A 1 50  ? -6.055  6.576   11.956  1.00 24.22 ? 50  PHE A C   1 
ATOM   395  O O   . PHE A 1 50  ? -5.812  7.303   10.998  1.00 23.39 ? 50  PHE A O   1 
ATOM   396  C CB  . PHE A 1 50  ? -5.607  4.105   11.767  1.00 20.47 ? 50  PHE A CB  1 
ATOM   397  C CG  . PHE A 1 50  ? -5.743  4.119   10.273  1.00 20.41 ? 50  PHE A CG  1 
ATOM   398  C CD1 . PHE A 1 50  ? -4.711  4.607   9.475   1.00 22.54 ? 50  PHE A CD1 1 
ATOM   399  C CD2 . PHE A 1 50  ? -6.845  3.558   9.669   1.00 21.59 ? 50  PHE A CD2 1 
ATOM   400  C CE1 . PHE A 1 50  ? -4.814  4.588   8.089   1.00 22.00 ? 50  PHE A CE1 1 
ATOM   401  C CE2 . PHE A 1 50  ? -6.949  3.533   8.279   1.00 23.43 ? 50  PHE A CE2 1 
ATOM   402  C CZ  . PHE A 1 50  ? -5.939  4.069   7.501   1.00 22.52 ? 50  PHE A CZ  1 
ATOM   403  N N   . SER A 1 51  ? -7.141  6.754   12.701  1.00 28.07 ? 51  SER A N   1 
ATOM   404  C CA  . SER A 1 51  ? -8.100  7.867   12.459  1.00 29.89 ? 51  SER A CA  1 
ATOM   405  C C   . SER A 1 51  ? -7.379  9.215   12.602  1.00 25.47 ? 51  SER A C   1 
ATOM   406  O O   . SER A 1 51  ? -7.740  10.114  11.857  1.00 26.70 ? 51  SER A O   1 
ATOM   407  C CB  . SER A 1 51  ? -9.317  7.757   13.374  1.00 35.62 ? 51  SER A CB  1 
ATOM   408  O OG  . SER A 1 51  ? -8.969  8.170   14.698  1.00 44.08 ? 51  SER A OG  1 
ATOM   409  N N   . ASP A 1 52  ? -6.366  9.350   13.468  1.00 26.14 ? 52  ASP A N   1 
ATOM   410  C CA  . ASP A 1 52  ? -5.584  10.609  13.611  1.00 29.33 ? 52  ASP A CA  1 
ATOM   411  C C   . ASP A 1 52  ? -4.800  10.859  12.312  1.00 29.93 ? 52  ASP A C   1 
ATOM   412  O O   . ASP A 1 52  ? -4.754  12.004  11.841  1.00 31.55 ? 52  ASP A O   1 
ATOM   413  C CB  . ASP A 1 52  ? -4.636  10.602  14.807  1.00 32.55 ? 52  ASP A CB  1 
ATOM   414  C CG  . ASP A 1 52  ? -5.332  10.538  16.164  1.00 39.59 ? 52  ASP A CG  1 
ATOM   415  O OD1 . ASP A 1 52  ? -6.565  10.751  16.219  1.00 44.22 ? 52  ASP A OD1 1 
ATOM   416  O OD2 . ASP A 1 52  ? -4.637  10.244  17.164  1.00 41.55 ? 52  ASP A OD2 1 
ATOM   417  N N   . LEU A 1 53  ? -4.281  9.797   11.688  1.00 25.04 ? 53  LEU A N   1 
ATOM   418  C CA  . LEU A 1 53  ? -3.533  9.907   10.412  1.00 22.35 ? 53  LEU A CA  1 
ATOM   419  C C   . LEU A 1 53  ? -4.508  10.258  9.294   1.00 20.55 ? 53  LEU A C   1 
ATOM   420  O O   . LEU A 1 53  ? -4.237  11.185  8.588   1.00 20.29 ? 53  LEU A O   1 
ATOM   421  C CB  . LEU A 1 53  ? -2.815  8.587   10.110  1.00 23.23 ? 53  LEU A CB  1 
ATOM   422  C CG  . LEU A 1 53  ? -1.948  8.611   8.867   1.00 23.65 ? 53  LEU A CG  1 
ATOM   423  C CD1 . LEU A 1 53  ? -0.920  9.728   8.954   1.00 25.61 ? 53  LEU A CD1 1 
ATOM   424  C CD2 . LEU A 1 53  ? -1.260  7.264   8.686   1.00 24.26 ? 53  LEU A CD2 1 
ATOM   425  N N   . THR A 1 54  ? -5.644  9.557   9.165   1.00 19.65 ? 54  THR A N   1 
ATOM   426  C CA  . THR A 1 54  ? -6.582  9.800   8.032   1.00 22.26 ? 54  THR A CA  1 
ATOM   427  C C   . THR A 1 54  ? -7.220  11.208  8.162   1.00 22.69 ? 54  THR A C   1 
ATOM   428  O O   . THR A 1 54  ? -7.526  11.800  7.136   1.00 23.55 ? 54  THR A O   1 
ATOM   429  C CB  . THR A 1 54  ? -7.634  8.695   7.939   1.00 24.16 ? 54  THR A CB  1 
ATOM   430  O OG1 . THR A 1 54  ? -8.255  8.714   9.229   1.00 25.55 ? 54  THR A OG1 1 
ATOM   431  C CG2 . THR A 1 54  ? -7.045  7.340   7.608   1.00 25.23 ? 54  THR A CG2 1 
ATOM   432  N N   . SER A 1 55  ? -7.317  11.775  9.369   1.00 24.08 ? 55  SER A N   1 
ATOM   433  C CA  . SER A 1 55  ? -7.938  13.100  9.618   1.00 24.22 ? 55  SER A CA  1 
ATOM   434  C C   . SER A 1 55  ? -7.053  14.225  9.062   1.00 26.01 ? 55  SER A C   1 
ATOM   435  O O   . SER A 1 55  ? -7.568  15.333  8.886   1.00 27.78 ? 55  SER A O   1 
ATOM   436  C CB  . SER A 1 55  ? -8.217  13.304  11.082  1.00 24.63 ? 55  SER A CB  1 
ATOM   437  O OG  . SER A 1 55  ? -7.010  13.539  11.772  1.00 29.44 ? 55  SER A OG  1 
ATOM   438  N N   . GLN A 1 56  ? -5.789  13.943  8.750   1.00 24.94 ? 56  GLN A N   1 
ATOM   439  C CA  . GLN A 1 56  ? -4.798  14.952  8.333   1.00 27.16 ? 56  GLN A CA  1 
ATOM   440  C C   . GLN A 1 56  ? -4.931  15.287  6.844   1.00 25.68 ? 56  GLN A C   1 
ATOM   441  O O   . GLN A 1 56  ? -4.174  16.150  6.382   1.00 26.16 ? 56  GLN A O   1 
ATOM   442  C CB  . GLN A 1 56  ? -3.382  14.448  8.620   1.00 28.35 ? 56  GLN A CB  1 
ATOM   443  C CG  . GLN A 1 56  ? -3.027  14.482  10.093  1.00 32.16 ? 56  GLN A CG  1 
ATOM   444  C CD  . GLN A 1 56  ? -1.726  13.762  10.333  1.00 39.96 ? 56  GLN A CD  1 
ATOM   445  O OE1 . GLN A 1 56  ? -0.804  13.831  9.521   1.00 46.79 ? 56  GLN A OE1 1 
ATOM   446  N NE2 . GLN A 1 56  ? -1.647  13.043  11.442  1.00 44.75 ? 56  GLN A NE2 1 
ATOM   447  N N   . LEU A 1 57  ? -5.796  14.631  6.076   1.00 24.13 ? 57  LEU A N   1 
ATOM   448  C CA  . LEU A 1 57  ? -5.831  14.938  4.623   1.00 22.98 ? 57  LEU A CA  1 
ATOM   449  C C   . LEU A 1 57  ? -7.181  14.530  4.074   1.00 24.11 ? 57  LEU A C   1 
ATOM   450  O O   . LEU A 1 57  ? -7.573  13.380  4.309   1.00 22.51 ? 57  LEU A O   1 
ATOM   451  C CB  . LEU A 1 57  ? -4.697  14.180  3.910   1.00 23.51 ? 57  LEU A CB  1 
ATOM   452  C CG  . LEU A 1 57  ? -4.579  14.479  2.404   1.00 24.41 ? 57  LEU A CG  1 
ATOM   453  C CD1 . LEU A 1 57  ? -4.289  15.959  2.153   1.00 23.44 ? 57  LEU A CD1 1 
ATOM   454  C CD2 . LEU A 1 57  ? -3.516  13.616  1.770   1.00 25.04 ? 57  LEU A CD2 1 
ATOM   455  N N   . HIS A 1 58  ? -7.835  15.454  3.378   1.00 23.70 ? 58  HIS A N   1 
ATOM   456  C CA  . HIS A 1 58  ? -9.059  15.218  2.586   1.00 29.77 ? 58  HIS A CA  1 
ATOM   457  C C   . HIS A 1 58  ? -8.717  15.664  1.152   1.00 26.34 ? 58  HIS A C   1 
ATOM   458  O O   . HIS A 1 58  ? -8.249  16.810  0.955   1.00 28.47 ? 58  HIS A O   1 
ATOM   459  C CB  . HIS A 1 58  ? -10.278 15.895  3.264   1.00 36.28 ? 58  HIS A CB  1 
ATOM   460  C CG  . HIS A 1 58  ? -10.420 15.479  4.703   1.00 44.37 ? 58  HIS A CG  1 
ATOM   461  N ND1 . HIS A 1 58  ? -10.687 14.158  5.088   1.00 51.67 ? 58  HIS A ND1 1 
ATOM   462  C CD2 . HIS A 1 58  ? -10.295 16.171  5.863   1.00 46.51 ? 58  HIS A CD2 1 
ATOM   463  C CE1 . HIS A 1 58  ? -10.725 14.076  6.410   1.00 46.03 ? 58  HIS A CE1 1 
ATOM   464  N NE2 . HIS A 1 58  ? -10.496 15.294  6.904   1.00 42.48 ? 58  HIS A NE2 1 
ATOM   465  N N   . ILE A 1 59  ? -8.834  14.744  0.213   1.00 22.86 ? 59  ILE A N   1 
ATOM   466  C CA  . ILE A 1 59  ? -8.444  14.982  -1.195  1.00 20.93 ? 59  ILE A CA  1 
ATOM   467  C C   . ILE A 1 59  ? -9.707  15.419  -1.943  1.00 19.81 ? 59  ILE A C   1 
ATOM   468  O O   . ILE A 1 59  ? -10.776 14.749  -1.849  1.00 15.45 ? 59  ILE A O   1 
ATOM   469  C CB  . ILE A 1 59  ? -7.756  13.739  -1.791  1.00 24.23 ? 59  ILE A CB  1 
ATOM   470  C CG1 . ILE A 1 59  ? -6.427  13.478  -1.054  1.00 25.30 ? 59  ILE A CG1 1 
ATOM   471  C CG2 . ILE A 1 59  ? -7.515  13.895  -3.274  1.00 22.85 ? 59  ILE A CG2 1 
ATOM   472  C CD1 . ILE A 1 59  ? -5.786  12.184  -1.403  1.00 28.00 ? 59  ILE A CD1 1 
ATOM   473  N N   . THR A 1 60  ? -9.555  16.461  -2.736  1.00 18.59 ? 60  THR A N   1 
ATOM   474  C CA  . THR A 1 60  ? -10.636 16.949  -3.619  1.00 20.69 ? 60  THR A CA  1 
ATOM   475  C C   . THR A 1 60  ? -10.028 17.047  -5.003  1.00 17.99 ? 60  THR A C   1 
ATOM   476  O O   . THR A 1 60  ? -8.839  16.788  -5.186  1.00 17.00 ? 60  THR A O   1 
ATOM   477  C CB  . THR A 1 60  ? -11.247 18.246  -3.095  1.00 22.46 ? 60  THR A CB  1 
ATOM   478  O OG1 . THR A 1 60  ? -10.203 19.178  -3.247  1.00 22.61 ? 60  THR A OG1 1 
ATOM   479  C CG2 . THR A 1 60  ? -11.749 18.188  -1.666  1.00 25.12 ? 60  THR A CG2 1 
ATOM   480  N N   . PRO A 1 61  ? -10.835 17.287  -6.039  1.00 18.93 ? 61  PRO A N   1 
ATOM   481  C CA  . PRO A 1 61  ? -10.281 17.346  -7.390  1.00 18.10 ? 61  PRO A CA  1 
ATOM   482  C C   . PRO A 1 61  ? -9.168  18.386  -7.542  1.00 16.19 ? 61  PRO A C   1 
ATOM   483  O O   . PRO A 1 61  ? -8.396  18.245  -8.439  1.00 15.76 ? 61  PRO A O   1 
ATOM   484  C CB  . PRO A 1 61  ? -11.522 17.646  -8.244  1.00 18.73 ? 61  PRO A CB  1 
ATOM   485  C CG  . PRO A 1 61  ? -12.645 17.009  -7.438  1.00 19.36 ? 61  PRO A CG  1 
ATOM   486  C CD  . PRO A 1 61  ? -12.315 17.366  -6.013  1.00 19.00 ? 61  PRO A CD  1 
ATOM   487  N N   . GLY A 1 62  ? -9.121  19.384  -6.672  1.00 16.00 ? 62  GLY A N   1 
ATOM   488  C CA  . GLY A 1 62  ? -8.124  20.456  -6.699  1.00 14.85 ? 62  GLY A CA  1 
ATOM   489  C C   . GLY A 1 62  ? -6.797  20.083  -6.080  1.00 14.90 ? 62  GLY A C   1 
ATOM   490  O O   . GLY A 1 62  ? -5.826  20.769  -6.376  1.00 15.32 ? 62  GLY A O   1 
ATOM   491  N N   . THR A 1 63  ? -6.759  19.052  -5.243  1.00 15.21 ? 63  THR A N   1 
ATOM   492  C CA  . THR A 1 63  ? -5.577  18.675  -4.432  1.00 15.21 ? 63  THR A CA  1 
ATOM   493  C C   . THR A 1 63  ? -4.391  18.281  -5.320  1.00 14.87 ? 63  THR A C   1 
ATOM   494  O O   . THR A 1 63  ? -4.595  17.487  -6.285  1.00 14.68 ? 63  THR A O   1 
ATOM   495  C CB  . THR A 1 63  ? -5.948  17.593  -3.414  1.00 16.78 ? 63  THR A CB  1 
ATOM   496  O OG1 . THR A 1 63  ? -7.085  18.010  -2.674  1.00 16.50 ? 63  THR A OG1 1 
ATOM   497  C CG2 . THR A 1 63  ? -4.831  17.272  -2.444  1.00 17.69 ? 63  THR A CG2 1 
ATOM   498  N N   . ALA A 1 64  ? -3.207  18.844  -5.019  1.00 13.47 ? 64  ALA A N   1 
ATOM   499  C CA  . ALA A 1 64  ? -1.918  18.498  -5.647  1.00 15.17 ? 64  ALA A CA  1 
ATOM   500  C C   . ALA A 1 64  ? -1.215  17.393  -4.848  1.00 14.37 ? 64  ALA A C   1 
ATOM   501  O O   . ALA A 1 64  ? -1.345  17.355  -3.606  1.00 16.26 ? 64  ALA A O   1 
ATOM   502  C CB  . ALA A 1 64  ? -1.037  19.715  -5.765  1.00 14.94 ? 64  ALA A CB  1 
ATOM   503  N N   . TYR A 1 65  ? -0.402  16.595  -5.523  1.00 14.44 ? 65  TYR A N   1 
ATOM   504  C CA  . TYR A 1 65  ? 0.512   15.588  -4.898  1.00 13.83 ? 65  TYR A CA  1 
ATOM   505  C C   . TYR A 1 65  ? 1.219   16.159  -3.664  1.00 15.16 ? 65  TYR A C   1 
ATOM   506  O O   . TYR A 1 65  ? 1.319   15.479  -2.651  1.00 14.66 ? 65  TYR A O   1 
ATOM   507  C CB  . TYR A 1 65  ? 1.553   15.127  -5.913  1.00 13.96 ? 65  TYR A CB  1 
ATOM   508  C CG  . TYR A 1 65  ? 2.546   14.125  -5.367  1.00 13.76 ? 65  TYR A CG  1 
ATOM   509  C CD1 . TYR A 1 65  ? 2.117   12.905  -4.882  1.00 12.78 ? 65  TYR A CD1 1 
ATOM   510  C CD2 . TYR A 1 65  ? 3.911   14.378  -5.346  1.00 14.23 ? 65  TYR A CD2 1 
ATOM   511  C CE1 . TYR A 1 65  ? 3.029   11.943  -4.457  1.00 12.39 ? 65  TYR A CE1 1 
ATOM   512  C CE2 . TYR A 1 65  ? 4.826   13.474  -4.812  1.00 13.32 ? 65  TYR A CE2 1 
ATOM   513  C CZ  . TYR A 1 65  ? 4.376   12.238  -4.380  1.00 13.52 ? 65  TYR A CZ  1 
ATOM   514  O OH  . TYR A 1 65  ? 5.217   11.270  -3.880  1.00 15.29 ? 65  TYR A OH  1 
ATOM   515  N N   . GLN A 1 66  ? 1.758   17.361  -3.757  1.00 17.14 ? 66  GLN A N   1 
ATOM   516  C CA  . GLN A 1 66  ? 2.526   18.021  -2.650  1.00 20.18 ? 66  GLN A CA  1 
ATOM   517  C C   . GLN A 1 66  ? 1.773   17.895  -1.306  1.00 18.00 ? 66  GLN A C   1 
ATOM   518  O O   . GLN A 1 66  ? 2.454   17.675  -0.299  1.00 16.23 ? 66  GLN A O   1 
ATOM   519  C CB  . GLN A 1 66  ? 2.741   19.504  -2.980  1.00 22.99 ? 66  GLN A CB  1 
ATOM   520  C CG  . GLN A 1 66  ? 3.743   20.200  -2.078  1.00 32.90 ? 66  GLN A CG  1 
ATOM   521  C CD  . GLN A 1 66  ? 3.881   21.680  -2.406  1.00 43.94 ? 66  GLN A CD  1 
ATOM   522  O OE1 . GLN A 1 66  ? 3.103   22.261  -3.168  1.00 45.40 ? 66  GLN A OE1 1 
ATOM   523  N NE2 . GLN A 1 66  ? 4.860   22.322  -1.785  1.00 50.72 ? 66  GLN A NE2 1 
ATOM   524  N N   . SER A 1 67  ? 0.449   18.090  -1.259  1.00 17.02 ? 67  SER A N   1 
ATOM   525  C CA  . SER A 1 67  ? -0.345  17.945  -0.008  1.00 18.65 ? 67  SER A CA  1 
ATOM   526  C C   . SER A 1 67  ? -0.279  16.501  0.522   1.00 18.08 ? 67  SER A C   1 
ATOM   527  O O   . SER A 1 67  ? -0.212  16.293  1.737   1.00 18.59 ? 67  SER A O   1 
ATOM   528  C CB  . SER A 1 67  ? -1.811  18.344  -0.168  1.00 19.58 ? 67  SER A CB  1 
ATOM   529  O OG  . SER A 1 67  ? -1.943  19.644  -0.674  1.00 21.55 ? 67  SER A OG  1 
ATOM   530  N N   . PHE A 1 68  ? -0.392  15.519  -0.350  1.00 15.50 ? 68  PHE A N   1 
ATOM   531  C CA  . PHE A 1 68  ? -0.252  14.078  0.023   1.00 14.81 ? 68  PHE A CA  1 
ATOM   532  C C   . PHE A 1 68  ? 1.164   13.827  0.558   1.00 15.46 ? 68  PHE A C   1 
ATOM   533  O O   . PHE A 1 68  ? 1.356   13.260  1.655   1.00 15.54 ? 68  PHE A O   1 
ATOM   534  C CB  . PHE A 1 68  ? -0.584  13.223  -1.207  1.00 13.54 ? 68  PHE A CB  1 
ATOM   535  C CG  . PHE A 1 68  ? -0.344  11.753  -1.019  1.00 13.18 ? 68  PHE A CG  1 
ATOM   536  C CD1 . PHE A 1 68  ? -1.352  10.920  -0.551  1.00 12.96 ? 68  PHE A CD1 1 
ATOM   537  C CD2 . PHE A 1 68  ? 0.878   11.200  -1.365  1.00 12.36 ? 68  PHE A CD2 1 
ATOM   538  C CE1 . PHE A 1 68  ? -1.133  9.557   -0.369  1.00 13.31 ? 68  PHE A CE1 1 
ATOM   539  C CE2 . PHE A 1 68  ? 1.092   9.832   -1.196  1.00 12.76 ? 68  PHE A CE2 1 
ATOM   540  C CZ  . PHE A 1 68  ? 0.097   9.022   -0.688  1.00 12.68 ? 68  PHE A CZ  1 
ATOM   541  N N   . GLU A 1 69  ? 2.158   14.259  -0.207  1.00 16.11 ? 69  GLU A N   1 
ATOM   542  C CA  . GLU A 1 69  ? 3.611   14.079  0.110   1.00 19.67 ? 69  GLU A CA  1 
ATOM   543  C C   . GLU A 1 69  ? 3.922   14.679  1.476   1.00 17.08 ? 69  GLU A C   1 
ATOM   544  O O   . GLU A 1 69  ? 4.631   14.043  2.240   1.00 19.10 ? 69  GLU A O   1 
ATOM   545  C CB  . GLU A 1 69  ? 4.483   14.698  -0.998  1.00 18.53 ? 69  GLU A CB  1 
ATOM   546  C CG  . GLU A 1 69  ? 5.871   14.094  -1.056  1.00 20.60 ? 69  GLU A CG  1 
ATOM   547  C CD  . GLU A 1 69  ? 6.893   14.667  -2.047  1.00 24.02 ? 69  GLU A CD  1 
ATOM   548  O OE1 . GLU A 1 69  ? 6.661   15.728  -2.580  1.00 26.83 ? 69  GLU A OE1 1 
ATOM   549  O OE2 . GLU A 1 69  ? 7.929   14.001  -2.265  1.00 29.86 ? 69  GLU A OE2 1 
ATOM   550  N N   . GLN A 1 70  ? 3.318   15.805  1.809   1.00 17.22 ? 70  GLN A N   1 
ATOM   551  C CA  . GLN A 1 70  ? 3.589   16.510  3.093   1.00 22.89 ? 70  GLN A CA  1 
ATOM   552  C C   . GLN A 1 70  ? 3.155   15.640  4.264   1.00 18.22 ? 70  GLN A C   1 
ATOM   553  O O   . GLN A 1 70  ? 3.912   15.513  5.271   1.00 17.88 ? 70  GLN A O   1 
ATOM   554  C CB  . GLN A 1 70  ? 2.852   17.852  3.142   1.00 26.60 ? 70  GLN A CB  1 
ATOM   555  C CG  . GLN A 1 70  ? 3.527   18.863  2.247   1.00 37.94 ? 70  GLN A CG  1 
ATOM   556  C CD  . GLN A 1 70  ? 2.878   20.229  2.313   1.00 47.19 ? 70  GLN A CD  1 
ATOM   557  O OE1 . GLN A 1 70  ? 1.892   20.445  3.027   1.00 46.19 ? 70  GLN A OE1 1 
ATOM   558  N NE2 . GLN A 1 70  ? 3.464   21.167  1.581   1.00 51.53 ? 70  GLN A NE2 1 
ATOM   559  N N   . VAL A 1 71  ? 1.963   15.065  4.160   1.00 16.30 ? 71  VAL A N   1 
ATOM   560  C CA  . VAL A 1 71  ? 1.378   14.257  5.249   1.00 15.24 ? 71  VAL A CA  1 
ATOM   561  C C   . VAL A 1 71  ? 2.161   12.946  5.359   1.00 14.16 ? 71  VAL A C   1 
ATOM   562  O O   . VAL A 1 71  ? 2.485   12.520  6.481   1.00 13.73 ? 71  VAL A O   1 
ATOM   563  C CB  . VAL A 1 71  ? -0.117  14.048  4.986   1.00 17.35 ? 71  VAL A CB  1 
ATOM   564  C CG1 . VAL A 1 71  ? -0.688  12.984  5.898   1.00 19.17 ? 71  VAL A CG1 1 
ATOM   565  C CG2 . VAL A 1 71  ? -0.872  15.360  5.089   1.00 19.09 ? 71  VAL A CG2 1 
ATOM   566  N N   . VAL A 1 72  ? 2.431   12.303  4.234   1.00 13.73 ? 72  VAL A N   1 
ATOM   567  C CA  . VAL A 1 72  ? 3.204   11.038  4.261   1.00 13.55 ? 72  VAL A CA  1 
ATOM   568  C C   . VAL A 1 72  ? 4.642   11.318  4.709   1.00 13.95 ? 72  VAL A C   1 
ATOM   569  O O   . VAL A 1 72  ? 5.234   10.464  5.403   1.00 14.36 ? 72  VAL A O   1 
ATOM   570  C CB  . VAL A 1 72  ? 3.070   10.332  2.903   1.00 13.48 ? 72  VAL A CB  1 
ATOM   571  C CG1 . VAL A 1 72  ? 3.799   9.030   2.935   1.00 14.86 ? 72  VAL A CG1 1 
ATOM   572  C CG2 . VAL A 1 72  ? 1.609   10.124  2.604   1.00 14.27 ? 72  VAL A CG2 1 
ATOM   573  N N   . ASN A 1 73  ? 5.226   12.465  4.364   1.00 13.02 ? 73  ASN A N   1 
ATOM   574  C CA  . ASN A 1 73  ? 6.602   12.777  4.827   1.00 15.40 ? 73  ASN A CA  1 
ATOM   575  C C   . ASN A 1 73  ? 6.630   12.828  6.377   1.00 14.57 ? 73  ASN A C   1 
ATOM   576  O O   . ASN A 1 73  ? 7.676   12.445  6.939   1.00 14.69 ? 73  ASN A O   1 
ATOM   577  C CB  . ASN A 1 73  ? 7.179   14.074  4.242   1.00 15.50 ? 73  ASN A CB  1 
ATOM   578  C CG  . ASN A 1 73  ? 7.662   13.955  2.813   1.00 19.08 ? 73  ASN A CG  1 
ATOM   579  O OD1 . ASN A 1 73  ? 7.759   14.961  2.119   1.00 24.32 ? 73  ASN A OD1 1 
ATOM   580  N ND2 . ASN A 1 73  ? 8.045   12.767  2.385   1.00 17.91 ? 73  ASN A ND2 1 
ATOM   581  N N   . GLU A 1 74  ? 5.552   13.243  7.037   1.00 16.03 ? 74  GLU A N   1 
ATOM   582  C CA  . GLU A 1 74  ? 5.525   13.243  8.533   1.00 17.25 ? 74  GLU A CA  1 
ATOM   583  C C   . GLU A 1 74  ? 5.573   11.806  9.052   1.00 15.38 ? 74  GLU A C   1 
ATOM   584  O O   . GLU A 1 74  ? 6.295   11.519  10.011  1.00 13.68 ? 74  GLU A O   1 
ATOM   585  C CB  . GLU A 1 74  ? 4.302   13.881  9.163   1.00 21.45 ? 74  GLU A CB  1 
ATOM   586  C CG  . GLU A 1 74  ? 4.261   15.353  8.895   1.00 28.30 ? 74  GLU A CG  1 
ATOM   587  C CD  . GLU A 1 74  ? 5.452   16.089  9.482   1.00 32.98 ? 74  GLU A CD  1 
ATOM   588  O OE1 . GLU A 1 74  ? 6.026   15.604  10.518  1.00 31.37 ? 74  GLU A OE1 1 
ATOM   589  O OE2 . GLU A 1 74  ? 5.826   17.114  8.875   1.00 43.81 ? 74  GLU A OE2 1 
ATOM   590  N N   . LEU A 1 75  ? 4.806   10.918  8.437   1.00 14.23 ? 75  LEU A N   1 
ATOM   591  C CA  . LEU A 1 75  ? 4.825   9.483   8.786   1.00 14.08 ? 75  LEU A CA  1 
ATOM   592  C C   . LEU A 1 75  ? 6.257   8.938   8.741   1.00 13.65 ? 75  LEU A C   1 
ATOM   593  O O   . LEU A 1 75  ? 6.609   8.143   9.633   1.00 16.03 ? 75  LEU A O   1 
ATOM   594  C CB  . LEU A 1 75  ? 3.858   8.796   7.815   1.00 15.32 ? 75  LEU A CB  1 
ATOM   595  C CG  . LEU A 1 75  ? 3.718   7.289   7.935   1.00 16.62 ? 75  LEU A CG  1 
ATOM   596  C CD1 . LEU A 1 75  ? 3.246   6.871   9.356   1.00 15.61 ? 75  LEU A CD1 1 
ATOM   597  C CD2 . LEU A 1 75  ? 2.750   6.797   6.867   1.00 16.16 ? 75  LEU A CD2 1 
ATOM   598  N N   . PHE A 1 76  ? 7.057   9.316   7.751   1.00 12.55 ? 76  PHE A N   1 
ATOM   599  C CA  . PHE A 1 76  ? 8.428   8.804   7.509   1.00 12.41 ? 76  PHE A CA  1 
ATOM   600  C C   . PHE A 1 76  ? 9.501   9.873   7.808   1.00 13.22 ? 76  PHE A C   1 
ATOM   601  O O   . PHE A 1 76  ? 10.634  9.707   7.413   1.00 13.34 ? 76  PHE A O   1 
ATOM   602  C CB  . PHE A 1 76  ? 8.570   8.392   6.044   1.00 12.31 ? 76  PHE A CB  1 
ATOM   603  C CG  . PHE A 1 76  ? 7.648   7.259   5.669   1.00 12.44 ? 76  PHE A CG  1 
ATOM   604  C CD1 . PHE A 1 76  ? 7.881   5.978   6.135   1.00 12.51 ? 76  PHE A CD1 1 
ATOM   605  C CD2 . PHE A 1 76  ? 6.571   7.470   4.818   1.00 13.03 ? 76  PHE A CD2 1 
ATOM   606  C CE1 . PHE A 1 76  ? 7.034   4.938   5.780   1.00 11.99 ? 76  PHE A CE1 1 
ATOM   607  C CE2 . PHE A 1 76  ? 5.718   6.431   4.457   1.00 11.81 ? 76  PHE A CE2 1 
ATOM   608  C CZ  . PHE A 1 76  ? 5.956   5.174   4.947   1.00 11.86 ? 76  PHE A CZ  1 
ATOM   609  N N   . ARG A 1 77  ? 9.222   10.887  8.622   1.00 15.94 ? 77  ARG A N   1 
ATOM   610  C CA  . ARG A 1 77  ? 10.173  12.038  8.776   1.00 16.74 ? 77  ARG A CA  1 
ATOM   611  C C   . ARG A 1 77  ? 11.531  11.581  9.334   1.00 15.15 ? 77  ARG A C   1 
ATOM   612  O O   . ARG A 1 77  ? 12.554  12.064  8.822   1.00 14.72 ? 77  ARG A O   1 
ATOM   613  C CB  . ARG A 1 77  ? 9.565   13.172  9.594   1.00 19.67 ? 77  ARG A CB  1 
ATOM   614  C CG  . ARG A 1 77  ? 9.636   13.022  11.095  1.00 24.64 ? 77  ARG A CG  1 
ATOM   615  C CD  . ARG A 1 77  ? 9.039   14.314  11.637  1.00 26.99 ? 77  ARG A CD  1 
ATOM   616  N NE  . ARG A 1 77  ? 8.795   14.278  13.049  1.00 26.64 ? 77  ARG A NE  1 
ATOM   617  C CZ  . ARG A 1 77  ? 7.619   14.367  13.636  1.00 29.89 ? 77  ARG A CZ  1 
ATOM   618  N NH1 . ARG A 1 77  ? 6.484   14.424  12.957  1.00 39.37 ? 77  ARG A NH1 1 
ATOM   619  N NH2 . ARG A 1 77  ? 7.580   14.350  14.934  1.00 32.08 ? 77  ARG A NH2 1 
ATOM   620  N N   . ASP A 1 78  ? 11.545  10.680  10.311  1.00 13.65 ? 78  ASP A N   1 
ATOM   621  C CA  . ASP A 1 78  ? 12.760  10.169  10.974  1.00 13.00 ? 78  ASP A CA  1 
ATOM   622  C C   . ASP A 1 78  ? 13.029  8.742   10.508  1.00 12.85 ? 78  ASP A C   1 
ATOM   623  O O   . ASP A 1 78  ? 13.791  7.992   11.143  1.00 13.77 ? 78  ASP A O   1 
ATOM   624  C CB  . ASP A 1 78  ? 12.646  10.313  12.488  1.00 13.13 ? 78  ASP A CB  1 
ATOM   625  C CG  . ASP A 1 78  ? 11.368  9.744   13.087  1.00 15.05 ? 78  ASP A CG  1 
ATOM   626  O OD1 . ASP A 1 78  ? 10.631  9.014   12.389  1.00 15.25 ? 78  ASP A OD1 1 
ATOM   627  O OD2 . ASP A 1 78  ? 11.109  10.023  14.253  1.00 15.49 ? 78  ASP A OD2 1 
ATOM   628  N N   . GLY A 1 79  ? 12.424  8.347   9.416   1.00 13.17 ? 79  GLY A N   1 
ATOM   629  C CA  . GLY A 1 79  ? 12.855  7.101   8.774   1.00 13.57 ? 79  GLY A CA  1 
ATOM   630  C C   . GLY A 1 79  ? 11.703  6.195   8.425   1.00 11.99 ? 79  GLY A C   1 
ATOM   631  O O   . GLY A 1 79  ? 10.503  6.486   8.648   1.00 10.82 ? 79  GLY A O   1 
ATOM   632  N N   . VAL A 1 80  ? 12.074  5.072   7.862   1.00 12.94 ? 80  VAL A N   1 
ATOM   633  C CA  . VAL A 1 80  ? 11.079  4.092   7.374   1.00 11.90 ? 80  VAL A CA  1 
ATOM   634  C C   . VAL A 1 80  ? 11.166  2.884   8.285   1.00 12.38 ? 80  VAL A C   1 
ATOM   635  O O   . VAL A 1 80  ? 12.302  2.508   8.710   1.00 13.43 ? 80  VAL A O   1 
ATOM   636  C CB  . VAL A 1 80  ? 11.377  3.719   5.921   1.00 11.90 ? 80  VAL A CB  1 
ATOM   637  C CG1 . VAL A 1 80  ? 10.414  2.680   5.402   1.00 12.33 ? 80  VAL A CG1 1 
ATOM   638  C CG2 . VAL A 1 80  ? 11.377  4.935   5.017   1.00 13.85 ? 80  VAL A CG2 1 
ATOM   639  N N   . ASN A 1 81  ? 10.013  2.260   8.523   1.00 13.04 ? 81  ASN A N   1 
ATOM   640  C CA  . ASN A 1 81  ? 9.945   0.883   9.042   1.00 12.21 ? 81  ASN A CA  1 
ATOM   641  C C   . ASN A 1 81  ? 8.770   0.209   8.348   1.00 11.63 ? 81  ASN A C   1 
ATOM   642  O O   . ASN A 1 81  ? 7.948   0.907   7.687   1.00 9.54  ? 81  ASN A O   1 
ATOM   643  C CB  . ASN A 1 81  ? 9.890   0.789   10.568  1.00 12.56 ? 81  ASN A CB  1 
ATOM   644  C CG  . ASN A 1 81  ? 8.698   1.458   11.190  1.00 14.44 ? 81  ASN A CG  1 
ATOM   645  O OD1 . ASN A 1 81  ? 7.595   1.177   10.766  1.00 14.62 ? 81  ASN A OD1 1 
ATOM   646  N ND2 . ASN A 1 81  ? 8.920   2.271   12.236  1.00 14.99 ? 81  ASN A ND2 1 
ATOM   647  N N   . TRP A 1 82  ? 8.669   -1.089  8.522   1.00 11.80 ? 82  TRP A N   1 
ATOM   648  C CA  . TRP A 1 82  ? 7.580   -1.848  7.848   1.00 12.07 ? 82  TRP A CA  1 
ATOM   649  C C   . TRP A 1 82  ? 6.211   -1.447  8.388   1.00 11.83 ? 82  TRP A C   1 
ATOM   650  O O   . TRP A 1 82  ? 5.254   -1.350  7.576   1.00 10.89 ? 82  TRP A O   1 
ATOM   651  C CB  . TRP A 1 82  ? 7.814   -3.325  7.975   1.00 12.73 ? 82  TRP A CB  1 
ATOM   652  C CG  . TRP A 1 82  ? 8.959   -3.829  7.169   1.00 13.57 ? 82  TRP A CG  1 
ATOM   653  C CD1 . TRP A 1 82  ? 10.084  -4.431  7.659   1.00 14.60 ? 82  TRP A CD1 1 
ATOM   654  C CD2 . TRP A 1 82  ? 9.045   -3.926  5.741   1.00 12.98 ? 82  TRP A CD2 1 
ATOM   655  N NE1 . TRP A 1 82  ? 10.878  -4.850  6.628   1.00 14.37 ? 82  TRP A NE1 1 
ATOM   656  C CE2 . TRP A 1 82  ? 10.270  -4.562  5.440   1.00 13.41 ? 82  TRP A CE2 1 
ATOM   657  C CE3 . TRP A 1 82  ? 8.226   -3.515  4.679   1.00 12.95 ? 82  TRP A CE3 1 
ATOM   658  C CZ2 . TRP A 1 82  ? 10.678  -4.815  4.124   1.00 14.34 ? 82  TRP A CZ2 1 
ATOM   659  C CZ3 . TRP A 1 82  ? 8.637   -3.738  3.390   1.00 13.14 ? 82  TRP A CZ3 1 
ATOM   660  C CH2 . TRP A 1 82  ? 9.859   -4.359  3.115   1.00 14.34 ? 82  TRP A CH2 1 
ATOM   661  N N   . GLY A 1 83  ? 6.081   -1.215  9.693   1.00 10.18 ? 83  GLY A N   1 
ATOM   662  C CA  . GLY A 1 83  ? 4.773   -0.789  10.224  1.00 10.34 ? 83  GLY A CA  1 
ATOM   663  C C   . GLY A 1 83  ? 4.295   0.499   9.589   1.00 9.69  ? 83  GLY A C   1 
ATOM   664  O O   . GLY A 1 83  ? 3.077   0.657   9.352   1.00 11.02 ? 83  GLY A O   1 
ATOM   665  N N   . ARG A 1 84  ? 5.192   1.453   9.347   1.00 8.75  ? 84  ARG A N   1 
ATOM   666  C CA  . ARG A 1 84  ? 4.862   2.762   8.704   1.00 8.92  ? 84  ARG A CA  1 
ATOM   667  C C   . ARG A 1 84  ? 4.506   2.555   7.227   1.00 8.74  ? 84  ARG A C   1 
ATOM   668  O O   . ARG A 1 84  ? 3.631   3.261   6.678   1.00 7.86  ? 84  ARG A O   1 
ATOM   669  C CB  . ARG A 1 84  ? 6.041   3.737   8.835   1.00 9.84  ? 84  ARG A CB  1 
ATOM   670  C CG  . ARG A 1 84  ? 6.253   4.234   10.256  1.00 10.24 ? 84  ARG A CG  1 
ATOM   671  C CD  . ARG A 1 84  ? 7.520   5.023   10.403  1.00 10.61 ? 84  ARG A CD  1 
ATOM   672  N NE  . ARG A 1 84  ? 7.613   5.457   11.782  1.00 11.22 ? 84  ARG A NE  1 
ATOM   673  C CZ  . ARG A 1 84  ? 8.564   6.264   12.239  1.00 13.06 ? 84  ARG A CZ  1 
ATOM   674  N NH1 . ARG A 1 84  ? 9.531   6.676   11.432  1.00 12.00 ? 84  ARG A NH1 1 
ATOM   675  N NH2 . ARG A 1 84  ? 8.594   6.580   13.540  1.00 13.25 ? 84  ARG A NH2 1 
ATOM   676  N N   . ILE A 1 85  ? 5.133   1.596   6.593   1.00 8.73  ? 85  ILE A N   1 
ATOM   677  C CA  . ILE A 1 85  ? 4.754   1.236   5.195   1.00 9.55  ? 85  ILE A CA  1 
ATOM   678  C C   . ILE A 1 85  ? 3.354   0.672   5.192   1.00 9.90  ? 85  ILE A C   1 
ATOM   679  O O   . ILE A 1 85  ? 2.541   1.117   4.364   1.00 11.67 ? 85  ILE A O   1 
ATOM   680  C CB  . ILE A 1 85  ? 5.778   0.260   4.591   1.00 9.20  ? 85  ILE A CB  1 
ATOM   681  C CG1 . ILE A 1 85  ? 7.108   1.008   4.428   1.00 9.76  ? 85  ILE A CG1 1 
ATOM   682  C CG2 . ILE A 1 85  ? 5.309   -0.301  3.254   1.00 9.25  ? 85  ILE A CG2 1 
ATOM   683  C CD1 . ILE A 1 85  ? 8.190   0.212   3.814   1.00 9.68  ? 85  ILE A CD1 1 
ATOM   684  N N   . VAL A 1 86  ? 3.002   -0.187  6.146   1.00 10.49 ? 86  VAL A N   1 
ATOM   685  C CA  . VAL A 1 86  ? 1.600   -0.699  6.165   1.00 9.63  ? 86  VAL A CA  1 
ATOM   686  C C   . VAL A 1 86  ? 0.660   0.482   6.421   1.00 10.47 ? 86  VAL A C   1 
ATOM   687  O O   . VAL A 1 86  ? -0.384  0.567   5.798   1.00 9.86  ? 86  VAL A O   1 
ATOM   688  C CB  . VAL A 1 86  ? 1.438   -1.805  7.212   1.00 11.03 ? 86  VAL A CB  1 
ATOM   689  C CG1 . VAL A 1 86  ? -0.010  -2.245  7.270   1.00 10.53 ? 86  VAL A CG1 1 
ATOM   690  C CG2 . VAL A 1 86  ? 2.355   -2.989  6.942   1.00 11.44 ? 86  VAL A CG2 1 
ATOM   691  N N   . ALA A 1 87  ? 1.025   1.405   7.313   1.00 10.16 ? 87  ALA A N   1 
ATOM   692  C CA  . ALA A 1 87  ? 0.198   2.592   7.576   1.00 10.87 ? 87  ALA A CA  1 
ATOM   693  C C   . ALA A 1 87  ? -0.012  3.400   6.293   1.00 10.81 ? 87  ALA A C   1 
ATOM   694  O O   . ALA A 1 87  ? -1.120  3.901   6.050   1.00 10.98 ? 87  ALA A O   1 
ATOM   695  C CB  . ALA A 1 87  ? 0.851   3.423   8.656   1.00 10.96 ? 87  ALA A CB  1 
ATOM   696  N N   . PHE A 1 88  ? 1.035   3.552   5.505   1.00 10.57 ? 88  PHE A N   1 
ATOM   697  C CA  . PHE A 1 88  ? 1.012   4.296   4.229   1.00 10.68 ? 88  PHE A CA  1 
ATOM   698  C C   . PHE A 1 88  ? -0.014  3.657   3.283   1.00 10.24 ? 88  PHE A C   1 
ATOM   699  O O   . PHE A 1 88  ? -0.847  4.345   2.661   1.00 9.61  ? 88  PHE A O   1 
ATOM   700  C CB  . PHE A 1 88  ? 2.422   4.296   3.648   1.00 10.46 ? 88  PHE A CB  1 
ATOM   701  C CG  . PHE A 1 88  ? 2.510   4.606   2.189   1.00 10.14 ? 88  PHE A CG  1 
ATOM   702  C CD1 . PHE A 1 88  ? 2.450   5.913   1.732   1.00 10.69 ? 88  PHE A CD1 1 
ATOM   703  C CD2 . PHE A 1 88  ? 2.634   3.583   1.267   1.00 10.74 ? 88  PHE A CD2 1 
ATOM   704  C CE1 . PHE A 1 88  ? 2.595   6.193   0.382   1.00 10.59 ? 88  PHE A CE1 1 
ATOM   705  C CE2 . PHE A 1 88  ? 2.749   3.872   -0.079  1.00 10.84 ? 88  PHE A CE2 1 
ATOM   706  C CZ  . PHE A 1 88  ? 2.706   5.170   -0.523  1.00 10.58 ? 88  PHE A CZ  1 
ATOM   707  N N   . PHE A 1 89  ? 0.053   2.340   3.144   1.00 9.80  ? 89  PHE A N   1 
ATOM   708  C CA  . PHE A 1 89  ? -0.916  1.645   2.272   1.00 10.41 ? 89  PHE A CA  1 
ATOM   709  C C   . PHE A 1 89  ? -2.323  1.816   2.838   1.00 10.53 ? 89  PHE A C   1 
ATOM   710  O O   . PHE A 1 89  ? -3.204  2.178   2.074   1.00 11.10 ? 89  PHE A O   1 
ATOM   711  C CB  . PHE A 1 89  ? -0.541  0.185   2.081   1.00 10.07 ? 89  PHE A CB  1 
ATOM   712  C CG  . PHE A 1 89  ? 0.459   -0.041  0.988   1.00 11.03 ? 89  PHE A CG  1 
ATOM   713  C CD1 . PHE A 1 89  ? 1.822   -0.045  1.259   1.00 11.58 ? 89  PHE A CD1 1 
ATOM   714  C CD2 . PHE A 1 89  ? 0.044   -0.304  -0.320  1.00 12.16 ? 89  PHE A CD2 1 
ATOM   715  C CE1 . PHE A 1 89  ? 2.742   -0.310  0.254   1.00 12.30 ? 89  PHE A CE1 1 
ATOM   716  C CE2 . PHE A 1 89  ? 0.964   -0.550  -1.320  1.00 12.00 ? 89  PHE A CE2 1 
ATOM   717  C CZ  . PHE A 1 89  ? 2.317   -0.572  -1.038  1.00 11.96 ? 89  PHE A CZ  1 
ATOM   718  N N   . SER A 1 90  ? -2.527  1.624   4.134   1.00 10.49 ? 90  SER A N   1 
ATOM   719  C CA  . SER A 1 90  ? -3.871  1.731   4.739   1.00 12.09 ? 90  SER A CA  1 
ATOM   720  C C   . SER A 1 90  ? -4.408  3.148   4.572   1.00 11.76 ? 90  SER A C   1 
ATOM   721  O O   . SER A 1 90  ? -5.607  3.298   4.265   1.00 10.03 ? 90  SER A O   1 
ATOM   722  C CB  . SER A 1 90  ? -3.842  1.283   6.174   1.00 14.81 ? 90  SER A CB  1 
ATOM   723  O OG  . SER A 1 90  ? -3.501  -0.093  6.275   1.00 13.84 ? 90  SER A OG  1 
ATOM   724  N N   . PHE A 1 91  ? -3.536  4.154   4.767   1.00 12.63 ? 91  PHE A N   1 
ATOM   725  C CA  . PHE A 1 91  ? -3.841  5.605   4.569   1.00 12.57 ? 91  PHE A CA  1 
ATOM   726  C C   . PHE A 1 91  ? -4.371  5.816   3.155   1.00 11.74 ? 91  PHE A C   1 
ATOM   727  O O   . PHE A 1 91  ? -5.465  6.453   2.907   1.00 11.23 ? 91  PHE A O   1 
ATOM   728  C CB  . PHE A 1 91  ? -2.577  6.437   4.822   1.00 14.08 ? 91  PHE A CB  1 
ATOM   729  C CG  . PHE A 1 91  ? -2.753  7.920   4.593   1.00 15.70 ? 91  PHE A CG  1 
ATOM   730  C CD1 . PHE A 1 91  ? -3.561  8.672   5.434   1.00 16.91 ? 91  PHE A CD1 1 
ATOM   731  C CD2 . PHE A 1 91  ? -2.058  8.578   3.586   1.00 17.59 ? 91  PHE A CD2 1 
ATOM   732  C CE1 . PHE A 1 91  ? -3.679  10.055  5.262   1.00 17.89 ? 91  PHE A CE1 1 
ATOM   733  C CE2 . PHE A 1 91  ? -2.190  9.957   3.403   1.00 19.96 ? 91  PHE A CE2 1 
ATOM   734  C CZ  . PHE A 1 91  ? -3.000  10.696  4.247   1.00 18.31 ? 91  PHE A CZ  1 
ATOM   735  N N   . GLY A 1 92  ? -3.652  5.282   2.165   1.00 12.83 ? 92  GLY A N   1 
ATOM   736  C CA  . GLY A 1 92  ? -4.083  5.467   0.767   1.00 12.33 ? 92  GLY A CA  1 
ATOM   737  C C   . GLY A 1 92  ? -5.412  4.781   0.511   1.00 13.58 ? 92  GLY A C   1 
ATOM   738  O O   . GLY A 1 92  ? -6.351  5.362   -0.197  1.00 14.68 ? 92  GLY A O   1 
ATOM   739  N N   . GLY A 1 93  ? -5.591  3.625   1.114   1.00 11.86 ? 93  GLY A N   1 
ATOM   740  C CA  . GLY A 1 93  ? -6.895  2.930   1.045   1.00 12.46 ? 93  GLY A CA  1 
ATOM   741  C C   . GLY A 1 93  ? -8.009  3.791   1.575   1.00 13.92 ? 93  GLY A C   1 
ATOM   742  O O   . GLY A 1 93  ? -9.041  3.876   0.913   1.00 14.19 ? 93  GLY A O   1 
ATOM   743  N N   . ALA A 1 94  ? -7.832  4.326   2.788   1.00 14.51 ? 94  ALA A N   1 
ATOM   744  C CA  . ALA A 1 94  ? -8.823  5.167   3.469   1.00 15.37 ? 94  ALA A CA  1 
ATOM   745  C C   . ALA A 1 94  ? -9.131  6.373   2.610   1.00 14.44 ? 94  ALA A C   1 
ATOM   746  O O   . ALA A 1 94  ? -10.310 6.705   2.526   1.00 14.25 ? 94  ALA A O   1 
ATOM   747  C CB  . ALA A 1 94  ? -8.339  5.538   4.861   1.00 17.27 ? 94  ALA A CB  1 
ATOM   748  N N   . LEU A 1 95  ? -8.131  7.021   2.000   1.00 14.11 ? 95  LEU A N   1 
ATOM   749  C CA  . LEU A 1 95  ? -8.389  8.184   1.092   1.00 14.05 ? 95  LEU A CA  1 
ATOM   750  C C   . LEU A 1 95  ? -9.219  7.753   -0.123  1.00 12.58 ? 95  LEU A C   1 
ATOM   751  O O   . LEU A 1 95  ? -10.092 8.512   -0.545  1.00 13.17 ? 95  LEU A O   1 
ATOM   752  C CB  . LEU A 1 95  ? -7.074  8.826   0.643   1.00 15.23 ? 95  LEU A CB  1 
ATOM   753  C CG  . LEU A 1 95  ? -6.218  9.432   1.734   1.00 16.30 ? 95  LEU A CG  1 
ATOM   754  C CD1 . LEU A 1 95  ? -4.816  9.699   1.200   1.00 19.18 ? 95  LEU A CD1 1 
ATOM   755  C CD2 . LEU A 1 95  ? -6.828  10.717  2.222   1.00 18.85 ? 95  LEU A CD2 1 
ATOM   756  N N   . CYS A 1 96  ? -8.992  6.578   -0.686  1.00 12.48 ? 96  CYS A N   1 
ATOM   757  C CA  . CYS A 1 96  ? -9.780  6.093   -1.847  1.00 14.43 ? 96  CYS A CA  1 
ATOM   758  C C   . CYS A 1 96  ? -11.226 5.806   -1.448  1.00 15.04 ? 96  CYS A C   1 
ATOM   759  O O   . CYS A 1 96  ? -12.140 6.196   -2.199  1.00 14.42 ? 96  CYS A O   1 
ATOM   760  C CB  . CYS A 1 96  ? -9.149  4.845   -2.459  1.00 14.08 ? 96  CYS A CB  1 
ATOM   761  S SG  . CYS A 1 96  ? -7.624  5.228   -3.342  1.00 14.35 ? 96  CYS A SG  1 
ATOM   762  N N   . VAL A 1 97  ? -11.442 5.155   -0.300  1.00 17.12 ? 97  VAL A N   1 
ATOM   763  C CA  . VAL A 1 97  ? -12.809 4.869   0.206   1.00 16.87 ? 97  VAL A CA  1 
ATOM   764  C C   . VAL A 1 97  ? -13.513 6.205   0.434   1.00 19.94 ? 97  VAL A C   1 
ATOM   765  O O   . VAL A 1 97  ? -14.702 6.352   0.012   1.00 20.34 ? 97  VAL A O   1 
ATOM   766  C CB  . VAL A 1 97  ? -12.748 3.981   1.468   1.00 17.40 ? 97  VAL A CB  1 
ATOM   767  C CG1 . VAL A 1 97  ? -14.095 3.833   2.131   1.00 17.65 ? 97  VAL A CG1 1 
ATOM   768  C CG2 . VAL A 1 97  ? -12.167 2.614   1.118   1.00 18.26 ? 97  VAL A CG2 1 
ATOM   769  N N   . GLU A 1 98  ? -12.848 7.155   1.086   1.00 18.40 ? 98  GLU A N   1 
ATOM   770  C CA  . GLU A 1 98  ? -13.448 8.488   1.328   1.00 21.15 ? 98  GLU A CA  1 
ATOM   771  C C   . GLU A 1 98  ? -13.836 9.136   -0.011  1.00 21.29 ? 98  GLU A C   1 
ATOM   772  O O   . GLU A 1 98  ? -14.952 9.715   -0.131  1.00 21.70 ? 98  GLU A O   1 
ATOM   773  C CB  . GLU A 1 98  ? -12.449 9.312   2.138   1.00 22.87 ? 98  GLU A CB  1 
ATOM   774  C CG  . GLU A 1 98  ? -12.891 10.726  2.357   1.00 28.92 ? 98  GLU A CG  1 
ATOM   775  C CD  . GLU A 1 98  ? -11.980 11.530  3.278   1.00 35.45 ? 98  GLU A CD  1 
ATOM   776  O OE1 . GLU A 1 98  ? -10.720 11.411  3.177   1.00 32.13 ? 98  GLU A OE1 1 
ATOM   777  O OE2 . GLU A 1 98  ? -12.528 12.292  4.089   1.00 48.30 ? 98  GLU A OE2 1 
ATOM   778  N N   . SER A 1 99  ? -12.969 9.053   -1.006  1.00 19.39 ? 99  SER A N   1 
ATOM   779  C CA  . SER A 1 99  ? -13.226 9.634   -2.338  1.00 22.07 ? 99  SER A CA  1 
ATOM   780  C C   . SER A 1 99  ? -14.517 9.048   -2.918  1.00 23.45 ? 99  SER A C   1 
ATOM   781  O O   . SER A 1 99  ? -15.352 9.813   -3.476  1.00 20.33 ? 99  SER A O   1 
ATOM   782  C CB  . SER A 1 99  ? -12.031 9.412   -3.247  1.00 23.39 ? 99  SER A CB  1 
ATOM   783  O OG  . SER A 1 99  ? -10.941 10.177  -2.754  1.00 23.68 ? 99  SER A OG  1 
ATOM   784  N N   . VAL A 1 100 ? -14.658 7.730   -2.839  1.00 22.31 ? 100 VAL A N   1 
ATOM   785  C CA  . VAL A 1 100 ? -15.839 7.063   -3.460  1.00 27.17 ? 100 VAL A CA  1 
ATOM   786  C C   . VAL A 1 100 ? -17.103 7.445   -2.659  1.00 29.13 ? 100 VAL A C   1 
ATOM   787  O O   . VAL A 1 100 ? -18.128 7.780   -3.283  1.00 27.99 ? 100 VAL A O   1 
ATOM   788  C CB  . VAL A 1 100 ? -15.598 5.557   -3.590  1.00 27.56 ? 100 VAL A CB  1 
ATOM   789  C CG1 . VAL A 1 100 ? -16.819 4.856   -4.161  1.00 33.48 ? 100 VAL A CG1 1 
ATOM   790  C CG2 . VAL A 1 100 ? -14.397 5.293   -4.475  1.00 27.20 ? 100 VAL A CG2 1 
ATOM   791  N N   . ASP A 1 101 ? -17.025 7.499   -1.330  1.00 27.22 ? 101 ASP A N   1 
ATOM   792  C CA  . ASP A 1 101 ? -18.156 7.960   -0.488  1.00 31.31 ? 101 ASP A CA  1 
ATOM   793  C C   . ASP A 1 101 ? -18.689 9.302   -0.999  1.00 33.50 ? 101 ASP A C   1 
ATOM   794  O O   . ASP A 1 101 ? -19.907 9.506   -0.974  1.00 31.45 ? 101 ASP A O   1 
ATOM   795  C CB  . ASP A 1 101 ? -17.738 8.154   0.973   1.00 33.92 ? 101 ASP A CB  1 
ATOM   796  C CG  . ASP A 1 101 ? -17.543 6.860   1.738   1.00 40.47 ? 101 ASP A CG  1 
ATOM   797  O OD1 . ASP A 1 101 ? -17.910 5.785   1.190   1.00 45.12 ? 101 ASP A OD1 1 
ATOM   798  O OD2 . ASP A 1 101 ? -17.012 6.931   2.887   1.00 49.49 ? 101 ASP A OD2 1 
ATOM   799  N N   . LYS A 1 102 ? -17.793 10.220  -1.342  1.00 35.78 ? 102 LYS A N   1 
ATOM   800  C CA  . LYS A 1 102 ? -18.117 11.622  -1.700  1.00 37.16 ? 102 LYS A CA  1 
ATOM   801  C C   . LYS A 1 102 ? -18.303 11.749  -3.216  1.00 33.12 ? 102 LYS A C   1 
ATOM   802  O O   . LYS A 1 102 ? -18.248 12.878  -3.717  1.00 36.04 ? 102 LYS A O   1 
ATOM   803  C CB  . LYS A 1 102 ? -17.002 12.546  -1.212  1.00 42.09 ? 102 LYS A CB  1 
ATOM   804  C CG  . LYS A 1 102 ? -16.798 12.612  0.297   1.00 47.26 ? 102 LYS A CG  1 
ATOM   805  C CD  . LYS A 1 102 ? -15.995 13.851  0.697   1.00 55.91 ? 102 LYS A CD  1 
ATOM   806  C CE  . LYS A 1 102 ? -14.849 13.611  1.666   1.00 68.25 ? 102 LYS A CE  1 
ATOM   807  N NZ  . LYS A 1 102 ? -13.612 14.321  1.236   1.00 71.38 ? 102 LYS A NZ  1 
ATOM   808  N N   . GLU A 1 103 ? -18.528 10.649  -3.924  1.00 30.02 ? 103 GLU A N   1 
ATOM   809  C CA  . GLU A 1 103 ? -18.792 10.679  -5.382  1.00 37.35 ? 103 GLU A CA  1 
ATOM   810  C C   . GLU A 1 103 ? -17.627 11.386  -6.096  1.00 38.50 ? 103 GLU A C   1 
ATOM   811  O O   . GLU A 1 103 ? -17.865 12.233  -6.987  1.00 36.20 ? 103 GLU A O   1 
ATOM   812  C CB  . GLU A 1 103 ? -20.162 11.324  -5.635  1.00 42.11 ? 103 GLU A CB  1 
ATOM   813  C CG  . GLU A 1 103 ? -21.323 10.382  -5.312  1.00 47.62 ? 103 GLU A CG  1 
ATOM   814  C CD  . GLU A 1 103 ? -22.706 10.964  -5.607  1.00 56.80 ? 103 GLU A CD  1 
ATOM   815  O OE1 . GLU A 1 103 ? -23.415 10.397  -6.460  1.00 59.71 ? 103 GLU A OE1 1 
ATOM   816  O OE2 . GLU A 1 103 ? -23.074 11.993  -4.988  1.00 56.51 ? 103 GLU A OE2 1 
ATOM   817  N N   . MET A 1 104 ? -16.388 11.020  -5.746  1.00 31.86 ? 104 MET A N   1 
ATOM   818  C CA  . MET A 1 104 ? -15.187 11.477  -6.479  1.00 29.00 ? 104 MET A CA  1 
ATOM   819  C C   . MET A 1 104 ? -14.356 10.248  -6.846  1.00 30.48 ? 104 MET A C   1 
ATOM   820  O O   . MET A 1 104 ? -13.165 10.293  -6.611  1.00 26.67 ? 104 MET A O   1 
ATOM   821  C CB  . MET A 1 104 ? -14.397 12.490  -5.648  1.00 28.04 ? 104 MET A CB  1 
ATOM   822  C CG  . MET A 1 104 ? -15.222 13.709  -5.259  1.00 29.79 ? 104 MET A CG  1 
ATOM   823  S SD  . MET A 1 104 ? -14.341 14.858  -4.176  1.00 33.66 ? 104 MET A SD  1 
ATOM   824  C CE  . MET A 1 104 ? -14.323 14.059  -2.579  1.00 42.88 ? 104 MET A CE  1 
ATOM   825  N N   . GLN A 1 105 ? -15.004 9.215   -7.412  1.00 30.03 ? 105 GLN A N   1 
ATOM   826  C CA  . GLN A 1 105 ? -14.418 7.943   -7.937  1.00 32.11 ? 105 GLN A CA  1 
ATOM   827  C C   . GLN A 1 105 ? -13.185 8.242   -8.790  1.00 29.68 ? 105 GLN A C   1 
ATOM   828  O O   . GLN A 1 105 ? -12.226 7.439   -8.842  1.00 24.85 ? 105 GLN A O   1 
ATOM   829  C CB  . GLN A 1 105 ? -15.381 7.183   -8.881  1.00 36.74 ? 105 GLN A CB  1 
ATOM   830  C CG  . GLN A 1 105 ? -16.705 6.706   -8.281  1.00 39.84 ? 105 GLN A CG  1 
ATOM   831  C CD  . GLN A 1 105 ? -17.743 7.766   -7.963  1.00 41.32 ? 105 GLN A CD  1 
ATOM   832  O OE1 . GLN A 1 105 ? -17.742 8.869   -8.488  1.00 49.04 ? 105 GLN A OE1 1 
ATOM   833  N NE2 . GLN A 1 105 ? -18.649 7.451   -7.054  1.00 48.69 ? 105 GLN A NE2 1 
ATOM   834  N N   . VAL A 1 106 ? -13.243 9.327   -9.544  1.00 26.85 ? 106 VAL A N   1 
ATOM   835  C CA  . VAL A 1 106 ? -12.161 9.655   -10.504 1.00 30.12 ? 106 VAL A CA  1 
ATOM   836  C C   . VAL A 1 106 ? -10.844 9.851   -9.730  1.00 26.00 ? 106 VAL A C   1 
ATOM   837  O O   . VAL A 1 106 ? -9.782  9.613   -10.306 1.00 27.98 ? 106 VAL A O   1 
ATOM   838  C CB  . VAL A 1 106 ? -12.605 10.872  -11.345 1.00 36.58 ? 106 VAL A CB  1 
ATOM   839  C CG1 . VAL A 1 106 ? -12.487 12.187  -10.589 1.00 36.71 ? 106 VAL A CG1 1 
ATOM   840  C CG2 . VAL A 1 106 ? -11.873 10.931  -12.653 1.00 40.88 ? 106 VAL A CG2 1 
ATOM   841  N N   . LEU A 1 107 ? -10.880 10.189  -8.438  1.00 21.83 ? 107 LEU A N   1 
ATOM   842  C CA  . LEU A 1 107 ? -9.629  10.439  -7.674  1.00 18.80 ? 107 LEU A CA  1 
ATOM   843  C C   . LEU A 1 107 ? -8.898  9.138   -7.304  1.00 16.67 ? 107 LEU A C   1 
ATOM   844  O O   . LEU A 1 107 ? -7.745  9.199   -6.862  1.00 15.58 ? 107 LEU A O   1 
ATOM   845  C CB  . LEU A 1 107 ? -9.958  11.238  -6.423  1.00 20.11 ? 107 LEU A CB  1 
ATOM   846  C CG  . LEU A 1 107 ? -10.535 12.626  -6.671  1.00 23.33 ? 107 LEU A CG  1 
ATOM   847  C CD1 . LEU A 1 107 ? -10.875 13.268  -5.334  1.00 23.04 ? 107 LEU A CD1 1 
ATOM   848  C CD2 . LEU A 1 107 ? -9.558  13.496  -7.467  1.00 26.31 ? 107 LEU A CD2 1 
ATOM   849  N N   . VAL A 1 108 ? -9.550  7.993   -7.380  1.00 17.32 ? 108 VAL A N   1 
ATOM   850  C CA  . VAL A 1 108 ? -8.919  6.720   -6.953  1.00 15.90 ? 108 VAL A CA  1 
ATOM   851  C C   . VAL A 1 108 ? -7.645  6.522   -7.789  1.00 15.54 ? 108 VAL A C   1 
ATOM   852  O O   . VAL A 1 108 ? -6.634  6.128   -7.187  1.00 14.44 ? 108 VAL A O   1 
ATOM   853  C CB  . VAL A 1 108 ? -9.911  5.535   -7.049  1.00 16.61 ? 108 VAL A CB  1 
ATOM   854  C CG1 . VAL A 1 108 ? -9.187  4.191   -6.833  1.00 15.86 ? 108 VAL A CG1 1 
ATOM   855  C CG2 . VAL A 1 108 ? -11.061 5.733   -6.066  1.00 16.57 ? 108 VAL A CG2 1 
ATOM   856  N N   . SER A 1 109 ? -7.671  6.703   -9.123  1.00 14.49 ? 109 SER A N   1 
ATOM   857  C CA  . SER A 1 109 ? -6.485  6.434   -9.982  1.00 15.40 ? 109 SER A CA  1 
ATOM   858  C C   . SER A 1 109 ? -5.388  7.478   -9.696  1.00 13.58 ? 109 SER A C   1 
ATOM   859  O O   . SER A 1 109 ? -4.204  7.142   -9.703  1.00 11.60 ? 109 SER A O   1 
ATOM   860  C CB  . SER A 1 109 ? -6.842  6.365   -11.457 1.00 18.49 ? 109 SER A CB  1 
ATOM   861  O OG  . SER A 1 109 ? -7.497  7.586   -11.801 1.00 25.18 ? 109 SER A OG  1 
ATOM   862  N N   . ARG A 1 110 ? -5.792  8.691   -9.367  1.00 12.72 ? 110 ARG A N   1 
ATOM   863  C CA  . ARG A 1 110 ? -4.862  9.761   -8.957  1.00 13.77 ? 110 ARG A CA  1 
ATOM   864  C C   . ARG A 1 110 ? -4.161  9.373   -7.653  1.00 13.44 ? 110 ARG A C   1 
ATOM   865  O O   . ARG A 1 110 ? -2.913  9.481   -7.576  1.00 12.79 ? 110 ARG A O   1 
ATOM   866  C CB  . ARG A 1 110 ? -5.570  11.103  -8.882  1.00 14.68 ? 110 ARG A CB  1 
ATOM   867  C CG  . ARG A 1 110 ? -4.599  12.270  -8.883  1.00 16.98 ? 110 ARG A CG  1 
ATOM   868  C CD  . ARG A 1 110 ? -5.335  13.608  -8.915  1.00 19.63 ? 110 ARG A CD  1 
ATOM   869  N NE  . ARG A 1 110 ? -6.136  13.826  -10.113 1.00 18.73 ? 110 ARG A NE  1 
ATOM   870  C CZ  . ARG A 1 110 ? -7.065  14.777  -10.239 1.00 19.60 ? 110 ARG A CZ  1 
ATOM   871  N NH1 . ARG A 1 110 ? -7.314  15.624  -9.261  1.00 19.53 ? 110 ARG A NH1 1 
ATOM   872  N NH2 . ARG A 1 110 ? -7.771  14.868  -11.345 1.00 22.06 ? 110 ARG A NH2 1 
ATOM   873  N N   . ILE A 1 111 ? -4.910  8.951   -6.636  1.00 13.98 ? 111 ILE A N   1 
ATOM   874  C CA  . ILE A 1 111 ? -4.291  8.540   -5.346  1.00 13.45 ? 111 ILE A CA  1 
ATOM   875  C C   . ILE A 1 111 ? -3.355  7.343   -5.595  1.00 12.57 ? 111 ILE A C   1 
ATOM   876  O O   . ILE A 1 111 ? -2.234  7.325   -5.061  1.00 12.71 ? 111 ILE A O   1 
ATOM   877  C CB  . ILE A 1 111 ? -5.393  8.257   -4.319  1.00 14.43 ? 111 ILE A CB  1 
ATOM   878  C CG1 . ILE A 1 111 ? -6.130  9.545   -3.929  1.00 15.63 ? 111 ILE A CG1 1 
ATOM   879  C CG2 . ILE A 1 111 ? -4.781  7.585   -3.121  1.00 14.83 ? 111 ILE A CG2 1 
ATOM   880  C CD1 . ILE A 1 111 ? -7.483  9.339   -3.327  1.00 17.47 ? 111 ILE A CD1 1 
ATOM   881  N N   . ALA A 1 112 ? -3.762  6.388   -6.431  1.00 11.55 ? 112 ALA A N   1 
ATOM   882  C CA  . ALA A 1 112 ? -2.921  5.232   -6.782  1.00 11.67 ? 112 ALA A CA  1 
ATOM   883  C C   . ALA A 1 112 ? -1.581  5.697   -7.356  1.00 11.19 ? 112 ALA A C   1 
ATOM   884  O O   . ALA A 1 112 ? -0.526  5.167   -6.978  1.00 10.61 ? 112 ALA A O   1 
ATOM   885  C CB  . ALA A 1 112 ? -3.667  4.323   -7.722  1.00 11.37 ? 112 ALA A CB  1 
ATOM   886  N N   . SER A 1 113 ? -1.596  6.650   -8.288  1.00 11.11 ? 113 SER A N   1 
ATOM   887  C CA  . SER A 1 113 ? -0.392  7.227   -8.907  1.00 11.74 ? 113 SER A CA  1 
ATOM   888  C C   . SER A 1 113 ? 0.437   7.963   -7.859  1.00 10.46 ? 113 SER A C   1 
ATOM   889  O O   . SER A 1 113 ? 1.654   7.802   -7.846  1.00 11.92 ? 113 SER A O   1 
ATOM   890  C CB  . SER A 1 113 ? -0.777  8.131   -10.088 1.00 13.80 ? 113 SER A CB  1 
ATOM   891  O OG  . SER A 1 113 ? 0.384   8.757   -10.576 1.00 17.44 ? 113 SER A OG  1 
ATOM   892  N N   . TRP A 1 114 ? -0.182  8.731   -6.975  1.00 10.64 ? 114 TRP A N   1 
ATOM   893  C CA  . TRP A 1 114 ? 0.577   9.367   -5.863  1.00 11.35 ? 114 TRP A CA  1 
ATOM   894  C C   . TRP A 1 114 ? 1.332   8.299   -5.024  1.00 12.60 ? 114 TRP A C   1 
ATOM   895  O O   . TRP A 1 114 ? 2.490   8.508   -4.696  1.00 12.93 ? 114 TRP A O   1 
ATOM   896  C CB  . TRP A 1 114 ? -0.376  10.171  -5.001  1.00 11.47 ? 114 TRP A CB  1 
ATOM   897  C CG  . TRP A 1 114 ? -0.944  11.349  -5.745  1.00 11.75 ? 114 TRP A CG  1 
ATOM   898  C CD1 . TRP A 1 114 ? -0.588  11.812  -6.980  1.00 13.29 ? 114 TRP A CD1 1 
ATOM   899  C CD2 . TRP A 1 114 ? -1.891  12.285  -5.241  1.00 12.88 ? 114 TRP A CD2 1 
ATOM   900  N NE1 . TRP A 1 114 ? -1.295  12.938  -7.299  1.00 12.11 ? 114 TRP A NE1 1 
ATOM   901  C CE2 . TRP A 1 114 ? -2.089  13.256  -6.237  1.00 13.41 ? 114 TRP A CE2 1 
ATOM   902  C CE3 . TRP A 1 114 ? -2.592  12.396  -4.047  1.00 15.21 ? 114 TRP A CE3 1 
ATOM   903  C CZ2 . TRP A 1 114 ? -2.964  14.313  -6.072  1.00 14.74 ? 114 TRP A CZ2 1 
ATOM   904  C CZ3 . TRP A 1 114 ? -3.459  13.450  -3.887  1.00 17.85 ? 114 TRP A CZ3 1 
ATOM   905  C CH2 . TRP A 1 114 ? -3.642  14.388  -4.891  1.00 16.70 ? 114 TRP A CH2 1 
ATOM   906  N N   . MET A 1 115 ? 0.650   7.223   -4.656  1.00 12.08 ? 115 MET A N   1 
ATOM   907  C CA  . MET A 1 115 ? 1.247   6.175   -3.797  1.00 11.46 ? 115 MET A CA  1 
ATOM   908  C C   . MET A 1 115 ? 2.430   5.539   -4.525  1.00 12.25 ? 115 MET A C   1 
ATOM   909  O O   . MET A 1 115 ? 3.515   5.441   -3.925  1.00 11.43 ? 115 MET A O   1 
ATOM   910  C CB  . MET A 1 115 ? 0.192   5.141   -3.415  1.00 11.32 ? 115 MET A CB  1 
ATOM   911  C CG  . MET A 1 115 ? -0.882  5.662   -2.478  1.00 12.44 ? 115 MET A CG  1 
ATOM   912  S SD  . MET A 1 115 ? -2.207  4.463   -2.179  1.00 12.18 ? 115 MET A SD  1 
ATOM   913  C CE  . MET A 1 115 ? -1.333  3.189   -1.250  1.00 12.36 ? 115 MET A CE  1 
ATOM   914  N N   . ALA A 1 116 ? 2.257   5.155   -5.811  1.00 13.69 ? 116 ALA A N   1 
ATOM   915  C CA  . ALA A 1 116 ? 3.322   4.559   -6.632  1.00 14.27 ? 116 ALA A CA  1 
ATOM   916  C C   . ALA A 1 116 ? 4.489   5.540   -6.736  1.00 14.49 ? 116 ALA A C   1 
ATOM   917  O O   . ALA A 1 116 ? 5.659   5.075   -6.631  1.00 13.37 ? 116 ALA A O   1 
ATOM   918  C CB  . ALA A 1 116 ? 2.807   4.153   -8.000  1.00 15.65 ? 116 ALA A CB  1 
ATOM   919  N N   . THR A 1 117 ? 4.218   6.843   -6.897  1.00 13.51 ? 117 THR A N   1 
ATOM   920  C CA  . THR A 1 117 ? 5.291   7.871   -6.947  1.00 13.33 ? 117 THR A CA  1 
ATOM   921  C C   . THR A 1 117 ? 6.077   7.870   -5.622  1.00 13.39 ? 117 THR A C   1 
ATOM   922  O O   . THR A 1 117 ? 7.350   7.813   -5.639  1.00 14.25 ? 117 THR A O   1 
ATOM   923  C CB  . THR A 1 117 ? 4.748   9.286   -7.244  1.00 14.82 ? 117 THR A CB  1 
ATOM   924  O OG1 . THR A 1 117 ? 3.984   9.194   -8.441  1.00 16.18 ? 117 THR A OG1 1 
ATOM   925  C CG2 . THR A 1 117 ? 5.863   10.304  -7.387  1.00 14.96 ? 117 THR A CG2 1 
ATOM   926  N N   . TYR A 1 118 ? 5.362   7.906   -4.496  1.00 13.42 ? 118 TYR A N   1 
ATOM   927  C CA  . TYR A 1 118 ? 5.965   8.033   -3.148  1.00 13.64 ? 118 TYR A CA  1 
ATOM   928  C C   . TYR A 1 118 ? 6.739   6.740   -2.781  1.00 14.82 ? 118 TYR A C   1 
ATOM   929  O O   . TYR A 1 118 ? 7.922   6.825   -2.324  1.00 11.36 ? 118 TYR A O   1 
ATOM   930  C CB  . TYR A 1 118 ? 4.909   8.328   -2.099  1.00 11.93 ? 118 TYR A CB  1 
ATOM   931  C CG  . TYR A 1 118 ? 5.553   8.774   -0.830  1.00 13.72 ? 118 TYR A CG  1 
ATOM   932  C CD1 . TYR A 1 118 ? 6.128   7.869   0.050   1.00 13.97 ? 118 TYR A CD1 1 
ATOM   933  C CD2 . TYR A 1 118 ? 5.625   10.126  -0.525  1.00 13.67 ? 118 TYR A CD2 1 
ATOM   934  C CE1 . TYR A 1 118 ? 6.771   8.315   1.187   1.00 14.53 ? 118 TYR A CE1 1 
ATOM   935  C CE2 . TYR A 1 118 ? 6.279   10.583  0.597   1.00 14.45 ? 118 TYR A CE2 1 
ATOM   936  C CZ  . TYR A 1 118 ? 6.864   9.674   1.451   1.00 14.45 ? 118 TYR A CZ  1 
ATOM   937  O OH  . TYR A 1 118 ? 7.496   10.105  2.575   1.00 16.10 ? 118 TYR A OH  1 
ATOM   938  N N   . LEU A 1 119 ? 6.218   5.613   -3.239  1.00 14.92 ? 119 LEU A N   1 
ATOM   939  C CA  . LEU A 1 119 ? 6.951   4.311   -3.124  1.00 18.92 ? 119 LEU A CA  1 
ATOM   940  C C   . LEU A 1 119 ? 8.271   4.377   -3.893  1.00 23.00 ? 119 LEU A C   1 
ATOM   941  O O   . LEU A 1 119 ? 9.351   4.057   -3.304  1.00 17.29 ? 119 LEU A O   1 
ATOM   942  C CB  . LEU A 1 119 ? 6.077   3.210   -3.721  1.00 20.86 ? 119 LEU A CB  1 
ATOM   943  C CG  . LEU A 1 119 ? 5.274   2.381   -2.748  1.00 22.58 ? 119 LEU A CG  1 
ATOM   944  C CD1 . LEU A 1 119 ? 4.190   1.625   -3.492  1.00 23.66 ? 119 LEU A CD1 1 
ATOM   945  C CD2 . LEU A 1 119 ? 6.182   1.419   -1.980  1.00 21.25 ? 119 LEU A CD2 1 
ATOM   946  N N   . ASN A 1 120 ? 8.207   4.767   -5.181  1.00 21.23 ? 120 ASN A N   1 
ATOM   947  C CA  . ASN A 1 120 ? 9.410   4.887   -6.032  1.00 23.75 ? 120 ASN A CA  1 
ATOM   948  C C   . ASN A 1 120 ? 10.451  5.805   -5.389  1.00 22.96 ? 120 ASN A C   1 
ATOM   949  O O   . ASN A 1 120 ? 11.634  5.399   -5.294  1.00 21.07 ? 120 ASN A O   1 
ATOM   950  C CB  . ASN A 1 120 ? 9.077   5.481   -7.400  1.00 28.52 ? 120 ASN A CB  1 
ATOM   951  C CG  . ASN A 1 120 ? 8.172   4.614   -8.253  1.00 35.71 ? 120 ASN A CG  1 
ATOM   952  O OD1 . ASN A 1 120 ? 8.003   3.428   -8.010  1.00 36.54 ? 120 ASN A OD1 1 
ATOM   953  N ND2 . ASN A 1 120 ? 7.572   5.219   -9.272  1.00 43.86 ? 120 ASN A ND2 1 
ATOM   954  N N   . ASP A 1 121 ? 10.044  7.006   -4.974  1.00 19.56 ? 121 ASP A N   1 
ATOM   955  C CA  . ASP A 1 121 ? 10.973  8.079   -4.561  1.00 22.71 ? 121 ASP A CA  1 
ATOM   956  C C   . ASP A 1 121 ? 11.538  7.790   -3.177  1.00 21.99 ? 121 ASP A C   1 
ATOM   957  O O   . ASP A 1 121 ? 12.714  8.106   -2.941  1.00 20.84 ? 121 ASP A O   1 
ATOM   958  C CB  . ASP A 1 121 ? 10.280  9.443   -4.552  1.00 23.17 ? 121 ASP A CB  1 
ATOM   959  C CG  . ASP A 1 121 ? 9.929   9.961   -5.939  1.00 25.13 ? 121 ASP A CG  1 
ATOM   960  O OD1 . ASP A 1 121 ? 10.287  9.286   -6.926  1.00 25.33 ? 121 ASP A OD1 1 
ATOM   961  O OD2 . ASP A 1 121 ? 9.242   10.999  -6.009  1.00 25.30 ? 121 ASP A OD2 1 
ATOM   962  N N   . HIS A 1 122 ? 10.701  7.327   -2.253  1.00 19.35 ? 122 HIS A N   1 
ATOM   963  C CA  . HIS A 1 122 ? 11.022  7.332   -0.802  1.00 20.80 ? 122 HIS A CA  1 
ATOM   964  C C   . HIS A 1 122 ? 11.120  5.930   -0.218  1.00 19.26 ? 122 HIS A C   1 
ATOM   965  O O   . HIS A 1 122 ? 11.912  5.746   0.689   1.00 21.72 ? 122 HIS A O   1 
ATOM   966  C CB  . HIS A 1 122 ? 9.965   8.114   -0.039  1.00 22.41 ? 122 HIS A CB  1 
ATOM   967  C CG  . HIS A 1 122 ? 10.002  9.565   -0.311  1.00 25.29 ? 122 HIS A CG  1 
ATOM   968  N ND1 . HIS A 1 122 ? 9.222   10.148  -1.296  1.00 27.45 ? 122 HIS A ND1 1 
ATOM   969  C CD2 . HIS A 1 122 ? 10.708  10.560  0.290   1.00 28.18 ? 122 HIS A CD2 1 
ATOM   970  C CE1 . HIS A 1 122 ? 9.442   11.451  -1.304  1.00 28.35 ? 122 HIS A CE1 1 
ATOM   971  N NE2 . HIS A 1 122 ? 10.360  11.730  -0.329  1.00 30.18 ? 122 HIS A NE2 1 
ATOM   972  N N   . LEU A 1 123 ? 10.344  4.962   -0.679  1.00 15.22 ? 123 LEU A N   1 
ATOM   973  C CA  . LEU A 1 123 ? 10.249  3.714   0.129   1.00 14.10 ? 123 LEU A CA  1 
ATOM   974  C C   . LEU A 1 123 ? 11.063  2.603   -0.522  1.00 14.49 ? 123 LEU A C   1 
ATOM   975  O O   . LEU A 1 123 ? 11.768  1.874   0.209   1.00 13.28 ? 123 LEU A O   1 
ATOM   976  C CB  . LEU A 1 123 ? 8.774   3.343   0.318   1.00 13.46 ? 123 LEU A CB  1 
ATOM   977  C CG  . LEU A 1 123 ? 7.967   4.425   1.028   1.00 12.73 ? 123 LEU A CG  1 
ATOM   978  C CD1 . LEU A 1 123 ? 6.517   3.994   1.119   1.00 13.31 ? 123 LEU A CD1 1 
ATOM   979  C CD2 . LEU A 1 123 ? 8.533   4.692   2.402   1.00 14.05 ? 123 LEU A CD2 1 
ATOM   980  N N   . GLU A 1 124 ? 11.012  2.501   -1.842  1.00 15.01 ? 124 GLU A N   1 
ATOM   981  C CA  . GLU A 1 124 ? 11.672  1.395   -2.553  1.00 16.96 ? 124 GLU A CA  1 
ATOM   982  C C   . GLU A 1 124 ? 13.169  1.397   -2.230  1.00 15.29 ? 124 GLU A C   1 
ATOM   983  O O   . GLU A 1 124 ? 13.745  0.332   -1.988  1.00 14.75 ? 124 GLU A O   1 
ATOM   984  C CB  . GLU A 1 124 ? 11.320  1.456   -4.038  1.00 20.22 ? 124 GLU A CB  1 
ATOM   985  C CG  . GLU A 1 124 ? 12.013  0.378   -4.854  1.00 26.56 ? 124 GLU A CG  1 
ATOM   986  C CD  . GLU A 1 124 ? 11.710  -1.075  -4.513  1.00 38.56 ? 124 GLU A CD  1 
ATOM   987  O OE1 . GLU A 1 124 ? 10.642  -1.364  -3.901  1.00 47.29 ? 124 GLU A OE1 1 
ATOM   988  O OE2 . GLU A 1 124 ? 12.529  -1.949  -4.906  1.00 52.25 ? 124 GLU A OE2 1 
ATOM   989  N N   . PRO A 1 125 ? 13.891  2.537   -2.184  1.00 13.77 ? 125 PRO A N   1 
ATOM   990  C CA  . PRO A 1 125 ? 15.317  2.465   -1.863  1.00 14.13 ? 125 PRO A CA  1 
ATOM   991  C C   . PRO A 1 125 ? 15.595  1.919   -0.448  1.00 13.20 ? 125 PRO A C   1 
ATOM   992  O O   . PRO A 1 125 ? 16.574  1.255   -0.246  1.00 13.05 ? 125 PRO A O   1 
ATOM   993  C CB  . PRO A 1 125 ? 15.794  3.921   -2.027  1.00 14.95 ? 125 PRO A CB  1 
ATOM   994  C CG  . PRO A 1 125 ? 14.736  4.591   -2.883  1.00 15.07 ? 125 PRO A CG  1 
ATOM   995  C CD  . PRO A 1 125 ? 13.450  3.897   -2.551  1.00 14.62 ? 125 PRO A CD  1 
ATOM   996  N N   . TRP A 1 126 ? 14.713  2.176   0.507   1.00 12.81 ? 126 TRP A N   1 
ATOM   997  C CA  . TRP A 1 126 ? 14.819  1.614   1.876   1.00 12.01 ? 126 TRP A CA  1 
ATOM   998  C C   . TRP A 1 126 ? 14.532  0.107   1.819   1.00 12.33 ? 126 TRP A C   1 
ATOM   999  O O   . TRP A 1 126 ? 15.284  -0.697  2.462   1.00 11.53 ? 126 TRP A O   1 
ATOM   1000 C CB  . TRP A 1 126 ? 13.881  2.313   2.835   1.00 12.00 ? 126 TRP A CB  1 
ATOM   1001 C CG  . TRP A 1 126 ? 13.887  1.743   4.224   1.00 12.53 ? 126 TRP A CG  1 
ATOM   1002 C CD1 . TRP A 1 126 ? 14.652  2.175   5.259   1.00 11.85 ? 126 TRP A CD1 1 
ATOM   1003 C CD2 . TRP A 1 126 ? 13.077  0.664   4.740   1.00 13.14 ? 126 TRP A CD2 1 
ATOM   1004 N NE1 . TRP A 1 126 ? 14.361  1.459   6.382   1.00 12.72 ? 126 TRP A NE1 1 
ATOM   1005 C CE2 . TRP A 1 126 ? 13.436  0.495   6.095   1.00 13.29 ? 126 TRP A CE2 1 
ATOM   1006 C CE3 . TRP A 1 126 ? 12.124  -0.210  4.183   1.00 12.50 ? 126 TRP A CE3 1 
ATOM   1007 C CZ2 . TRP A 1 126 ? 12.845  -0.473  6.906   1.00 13.88 ? 126 TRP A CZ2 1 
ATOM   1008 C CZ3 . TRP A 1 126 ? 11.527  -1.155  4.986   1.00 13.86 ? 126 TRP A CZ3 1 
ATOM   1009 C CH2 . TRP A 1 126 ? 11.888  -1.286  6.336   1.00 13.48 ? 126 TRP A CH2 1 
ATOM   1010 N N   . ILE A 1 127 ? 13.502  -0.273  1.061   1.00 11.91 ? 127 ILE A N   1 
ATOM   1011 C CA  . ILE A 1 127 ? 13.091  -1.700  0.958   1.00 12.37 ? 127 ILE A CA  1 
ATOM   1012 C C   . ILE A 1 127 ? 14.294  -2.532  0.491   1.00 12.99 ? 127 ILE A C   1 
ATOM   1013 O O   . ILE A 1 127 ? 14.569  -3.627  1.083   1.00 13.48 ? 127 ILE A O   1 
ATOM   1014 C CB  . ILE A 1 127 ? 11.856  -1.812  0.056   1.00 13.35 ? 127 ILE A CB  1 
ATOM   1015 C CG1 . ILE A 1 127 ? 10.672  -1.189  0.784   1.00 12.88 ? 127 ILE A CG1 1 
ATOM   1016 C CG2 . ILE A 1 127 ? 11.591  -3.248  -0.370  1.00 13.44 ? 127 ILE A CG2 1 
ATOM   1017 C CD1 . ILE A 1 127 ? 9.432   -1.044  -0.076  1.00 13.90 ? 127 ILE A CD1 1 
ATOM   1018 N N   . GLN A 1 128 ? 14.968  -2.044  -0.535  1.00 14.90 ? 128 GLN A N   1 
ATOM   1019 C CA  . GLN A 1 128 ? 16.105  -2.757  -1.173  1.00 18.51 ? 128 GLN A CA  1 
ATOM   1020 C C   . GLN A 1 128 ? 17.266  -2.964  -0.206  1.00 16.28 ? 128 GLN A C   1 
ATOM   1021 O O   . GLN A 1 128 ? 18.053  -3.888  -0.432  1.00 14.58 ? 128 GLN A O   1 
ATOM   1022 C CB  . GLN A 1 128 ? 16.580  -2.001  -2.407  1.00 22.54 ? 128 GLN A CB  1 
ATOM   1023 C CG  . GLN A 1 128 ? 15.628  -2.128  -3.575  1.00 29.95 ? 128 GLN A CG  1 
ATOM   1024 C CD  . GLN A 1 128 ? 15.204  -3.548  -3.875  1.00 42.41 ? 128 GLN A CD  1 
ATOM   1025 O OE1 . GLN A 1 128 ? 16.035  -4.453  -4.022  1.00 52.88 ? 128 GLN A OE1 1 
ATOM   1026 N NE2 . GLN A 1 128 ? 13.892  -3.760  -3.977  1.00 48.23 ? 128 GLN A NE2 1 
ATOM   1027 N N   . GLU A 1 129 ? 17.403  -2.144  0.842   1.00 15.34 ? 129 GLU A N   1 
ATOM   1028 C CA  . GLU A 1 129 ? 18.484  -2.286  1.819   1.00 15.81 ? 129 GLU A CA  1 
ATOM   1029 C C   . GLU A 1 129 ? 17.935  -2.874  3.117   1.00 14.63 ? 129 GLU A C   1 
ATOM   1030 O O   . GLU A 1 129 ? 18.697  -2.939  4.081   1.00 11.41 ? 129 GLU A O   1 
ATOM   1031 C CB  . GLU A 1 129 ? 19.168  -0.953  2.096   1.00 19.25 ? 129 GLU A CB  1 
ATOM   1032 C CG  . GLU A 1 129 ? 20.057  -0.473  0.969   1.00 21.91 ? 129 GLU A CG  1 
ATOM   1033 C CD  . GLU A 1 129 ? 20.614  0.936   1.211   1.00 28.30 ? 129 GLU A CD  1 
ATOM   1034 O OE1 . GLU A 1 129 ? 20.835  1.319   2.392   1.00 28.42 ? 129 GLU A OE1 1 
ATOM   1035 O OE2 . GLU A 1 129 ? 20.776  1.668   0.209   1.00 33.25 ? 129 GLU A OE2 1 
ATOM   1036 N N   . ASN A 1 130 ? 16.689  -3.332  3.152   1.00 13.30 ? 130 ASN A N   1 
ATOM   1037 C CA  . ASN A 1 130 ? 16.156  -3.932  4.402   1.00 13.35 ? 130 ASN A CA  1 
ATOM   1038 C C   . ASN A 1 130 ? 15.516  -5.288  4.104   1.00 14.31 ? 130 ASN A C   1 
ATOM   1039 O O   . ASN A 1 130 ? 14.635  -5.693  4.866   1.00 15.48 ? 130 ASN A O   1 
ATOM   1040 C CB  . ASN A 1 130 ? 15.248  -2.942  5.128   1.00 14.14 ? 130 ASN A CB  1 
ATOM   1041 C CG  . ASN A 1 130 ? 16.045  -1.864  5.821   1.00 16.25 ? 130 ASN A CG  1 
ATOM   1042 O OD1 . ASN A 1 130 ? 16.275  -0.750  5.311   1.00 19.31 ? 130 ASN A OD1 1 
ATOM   1043 N ND2 . ASN A 1 130 ? 16.612  -2.250  6.933   1.00 15.90 ? 130 ASN A ND2 1 
ATOM   1044 N N   . GLY A 1 131 ? 15.916  -5.965  3.034   1.00 13.97 ? 131 GLY A N   1 
ATOM   1045 C CA  . GLY A 1 131 ? 15.504  -7.356  2.855   1.00 15.16 ? 131 GLY A CA  1 
ATOM   1046 C C   . GLY A 1 131 ? 14.497  -7.581  1.755   1.00 16.01 ? 131 GLY A C   1 
ATOM   1047 O O   . GLY A 1 131 ? 14.110  -8.745  1.572   1.00 15.37 ? 131 GLY A O   1 
ATOM   1048 N N   . GLY A 1 132 ? 13.996  -6.507  1.153   1.00 15.18 ? 132 GLY A N   1 
ATOM   1049 C CA  . GLY A 1 132 ? 12.991  -6.593  0.095   1.00 16.45 ? 132 GLY A CA  1 
ATOM   1050 C C   . GLY A 1 132 ? 11.614  -6.943  0.602   1.00 13.87 ? 132 GLY A C   1 
ATOM   1051 O O   . GLY A 1 132 ? 11.415  -7.170  1.796   1.00 12.12 ? 132 GLY A O   1 
ATOM   1052 N N   . TRP A 1 133 ? 10.654  -6.954  -0.314  1.00 14.63 ? 133 TRP A N   1 
ATOM   1053 C CA  . TRP A 1 133 ? 9.254   -7.349  -0.015  1.00 14.75 ? 133 TRP A CA  1 
ATOM   1054 C C   . TRP A 1 133 ? 9.197   -8.788  0.495   1.00 15.18 ? 133 TRP A C   1 
ATOM   1055 O O   . TRP A 1 133 ? 8.294   -9.073  1.297   1.00 14.58 ? 133 TRP A O   1 
ATOM   1056 C CB  . TRP A 1 133 ? 8.360   -7.168  -1.228  1.00 15.23 ? 133 TRP A CB  1 
ATOM   1057 C CG  . TRP A 1 133 ? 7.941   -5.750  -1.419  1.00 15.94 ? 133 TRP A CG  1 
ATOM   1058 C CD1 . TRP A 1 133 ? 8.278   -4.917  -2.439  1.00 16.63 ? 133 TRP A CD1 1 
ATOM   1059 C CD2 . TRP A 1 133 ? 7.079   -4.995  -0.543  1.00 16.62 ? 133 TRP A CD2 1 
ATOM   1060 N NE1 . TRP A 1 133 ? 7.667   -3.705  -2.259  1.00 17.42 ? 133 TRP A NE1 1 
ATOM   1061 C CE2 . TRP A 1 133 ? 6.919   -3.725  -1.124  1.00 17.97 ? 133 TRP A CE2 1 
ATOM   1062 C CE3 . TRP A 1 133 ? 6.387   -5.299  0.627   1.00 16.64 ? 133 TRP A CE3 1 
ATOM   1063 C CZ2 . TRP A 1 133 ? 6.123   -2.736  -0.547  1.00 18.27 ? 133 TRP A CZ2 1 
ATOM   1064 C CZ3 . TRP A 1 133 ? 5.599   -4.323  1.200   1.00 19.82 ? 133 TRP A CZ3 1 
ATOM   1065 C CH2 . TRP A 1 133 ? 5.480   -3.053  0.614   1.00 18.08 ? 133 TRP A CH2 1 
ATOM   1066 N N   . ASP A 1 134 ? 10.125  -9.655  0.085   1.00 16.34 ? 134 ASP A N   1 
ATOM   1067 C CA  . ASP A 1 134 ? 10.223  -11.037 0.623   1.00 16.86 ? 134 ASP A CA  1 
ATOM   1068 C C   . ASP A 1 134 ? 10.419  -11.010 2.153   1.00 15.64 ? 134 ASP A C   1 
ATOM   1069 O O   . ASP A 1 134 ? 9.835   -11.824 2.861   1.00 15.64 ? 134 ASP A O   1 
ATOM   1070 C CB  . ASP A 1 134 ? 11.332  -11.813 -0.085  1.00 20.28 ? 134 ASP A CB  1 
ATOM   1071 C CG  . ASP A 1 134 ? 10.906  -12.295 -1.477  1.00 23.55 ? 134 ASP A CG  1 
ATOM   1072 O OD1 . ASP A 1 134 ? 9.755   -12.112 -1.823  1.00 24.36 ? 134 ASP A OD1 1 
ATOM   1073 O OD2 . ASP A 1 134 ? 11.750  -12.774 -2.194  1.00 29.49 ? 134 ASP A OD2 1 
ATOM   1074 N N   . THR A 1 135 ? 11.211  -10.099 2.689   1.00 13.34 ? 135 THR A N   1 
ATOM   1075 C CA  . THR A 1 135 ? 11.373  -9.993  4.155   1.00 13.99 ? 135 THR A CA  1 
ATOM   1076 C C   . THR A 1 135 ? 10.038  -9.604  4.798   1.00 12.70 ? 135 THR A C   1 
ATOM   1077 O O   . THR A 1 135 ? 9.677   -10.159 5.851   1.00 12.28 ? 135 THR A O   1 
ATOM   1078 C CB  . THR A 1 135 ? 12.541  -9.053  4.486   1.00 14.67 ? 135 THR A CB  1 
ATOM   1079 O OG1 . THR A 1 135 ? 13.703  -9.758  4.049   1.00 14.93 ? 135 THR A OG1 1 
ATOM   1080 C CG2 . THR A 1 135 ? 12.647  -8.703  5.961   1.00 16.15 ? 135 THR A CG2 1 
ATOM   1081 N N   . PHE A 1 136 ? 9.340   -8.641  4.218   1.00 12.96 ? 136 PHE A N   1 
ATOM   1082 C CA  . PHE A 1 136 ? 8.020   -8.194  4.722   1.00 14.03 ? 136 PHE A CA  1 
ATOM   1083 C C   . PHE A 1 136 ? 7.067   -9.389  4.779   1.00 15.44 ? 136 PHE A C   1 
ATOM   1084 O O   . PHE A 1 136 ? 6.442   -9.600  5.803   1.00 15.26 ? 136 PHE A O   1 
ATOM   1085 C CB  . PHE A 1 136 ? 7.477   -7.109  3.803   1.00 16.11 ? 136 PHE A CB  1 
ATOM   1086 C CG  . PHE A 1 136 ? 6.047   -6.758  4.114   1.00 18.17 ? 136 PHE A CG  1 
ATOM   1087 C CD1 . PHE A 1 136 ? 5.741   -5.920  5.169   1.00 22.01 ? 136 PHE A CD1 1 
ATOM   1088 C CD2 . PHE A 1 136 ? 5.013   -7.343  3.402   1.00 19.55 ? 136 PHE A CD2 1 
ATOM   1089 C CE1 . PHE A 1 136 ? 4.411   -5.659  5.485   1.00 24.84 ? 136 PHE A CE1 1 
ATOM   1090 C CE2 . PHE A 1 136 ? 3.692   -7.035  3.682   1.00 21.84 ? 136 PHE A CE2 1 
ATOM   1091 C CZ  . PHE A 1 136 ? 3.396   -6.201  4.726   1.00 23.36 ? 136 PHE A CZ  1 
ATOM   1092 N N   . VAL A 1 137 ? 7.036   -10.195 3.725   1.00 15.66 ? 137 VAL A N   1 
ATOM   1093 C CA  . VAL A 1 137 ? 6.199   -11.424 3.683   1.00 16.36 ? 137 VAL A CA  1 
ATOM   1094 C C   . VAL A 1 137 ? 6.516   -12.301 4.886   1.00 16.00 ? 137 VAL A C   1 
ATOM   1095 O O   . VAL A 1 137 ? 5.553   -12.654 5.687   1.00 14.92 ? 137 VAL A O   1 
ATOM   1096 C CB  . VAL A 1 137 ? 6.359   -12.175 2.351   1.00 15.97 ? 137 VAL A CB  1 
ATOM   1097 C CG1 . VAL A 1 137 ? 5.688   -13.530 2.432   1.00 17.90 ? 137 VAL A CG1 1 
ATOM   1098 C CG2 . VAL A 1 137 ? 5.805   -11.379 1.177   1.00 15.50 ? 137 VAL A CG2 1 
ATOM   1099 N N   . ASP A 1 138 ? 7.792   -12.572 5.130   1.00 16.97 ? 138 ASP A N   1 
ATOM   1100 C CA  . ASP A 1 138 ? 8.132   -13.498 6.254   1.00 18.58 ? 138 ASP A CA  1 
ATOM   1101 C C   . ASP A 1 138 ? 7.955   -12.817 7.599   1.00 19.15 ? 138 ASP A C   1 
ATOM   1102 O O   . ASP A 1 138 ? 7.599   -13.497 8.490   1.00 17.76 ? 138 ASP A O   1 
ATOM   1103 C CB  . ASP A 1 138 ? 9.512   -14.111 6.146   1.00 20.51 ? 138 ASP A CB  1 
ATOM   1104 C CG  . ASP A 1 138 ? 9.542   -15.112 5.012   1.00 22.63 ? 138 ASP A CG  1 
ATOM   1105 O OD1 . ASP A 1 138 ? 8.492   -15.723 4.773   1.00 26.38 ? 138 ASP A OD1 1 
ATOM   1106 O OD2 . ASP A 1 138 ? 10.551  -15.162 4.319   1.00 24.87 ? 138 ASP A OD2 1 
ATOM   1107 N N   . LEU A 1 139 ? 8.118   -11.504 7.728   1.00 20.23 ? 139 LEU A N   1 
ATOM   1108 C CA  . LEU A 1 139 ? 7.864   -10.818 9.021   1.00 18.89 ? 139 LEU A CA  1 
ATOM   1109 C C   . LEU A 1 139 ? 6.389   -10.863 9.395   1.00 23.17 ? 139 LEU A C   1 
ATOM   1110 O O   . LEU A 1 139 ? 6.070   -10.949 10.626  1.00 25.68 ? 139 LEU A O   1 
ATOM   1111 C CB  . LEU A 1 139 ? 8.305   -9.354  8.965   1.00 17.77 ? 139 LEU A CB  1 
ATOM   1112 C CG  . LEU A 1 139 ? 9.801   -9.103  9.035   1.00 17.33 ? 139 LEU A CG  1 
ATOM   1113 C CD1 . LEU A 1 139 ? 10.100  -7.626  8.786   1.00 16.62 ? 139 LEU A CD1 1 
ATOM   1114 C CD2 . LEU A 1 139 ? 10.385  -9.540  10.352  1.00 16.68 ? 139 LEU A CD2 1 
ATOM   1115 N N   . TYR A 1 140 ? 5.492   -10.742 8.433   1.00 25.49 ? 140 TYR A N   1 
ATOM   1116 C CA  . TYR A 1 140 ? 4.051   -10.692 8.765   1.00 33.51 ? 140 TYR A CA  1 
ATOM   1117 C C   . TYR A 1 140 ? 3.583   -12.130 9.127   1.00 39.32 ? 140 TYR A C   1 
ATOM   1118 O O   . TYR A 1 140 ? 2.810   -12.285 10.111  1.00 36.61 ? 140 TYR A O   1 
ATOM   1119 C CB  . TYR A 1 140 ? 3.373   -9.720  7.789   1.00 32.91 ? 140 TYR A CB  1 
ATOM   1120 C CG  . TYR A 1 140 ? 3.791   -8.307  8.182   1.00 38.64 ? 140 TYR A CG  1 
ATOM   1121 C CD1 . TYR A 1 140 ? 5.093   -7.853  7.964   1.00 42.80 ? 140 TYR A CD1 1 
ATOM   1122 C CD2 . TYR A 1 140 ? 2.981   -7.485  8.955   1.00 40.56 ? 140 TYR A CD2 1 
ATOM   1123 C CE1 . TYR A 1 140 ? 5.550   -6.618  8.407   1.00 41.11 ? 140 TYR A CE1 1 
ATOM   1124 C CE2 . TYR A 1 140 ? 3.409   -6.236  9.396   1.00 41.13 ? 140 TYR A CE2 1 
ATOM   1125 C CZ  . TYR A 1 140 ? 4.703   -5.801  9.132   1.00 46.31 ? 140 TYR A CZ  1 
ATOM   1126 O OH  . TYR A 1 140 ? 5.157   -4.582  9.566   1.00 42.81 ? 140 TYR A OH  1 
ATOM   1127 N N   . GLY A 1 141 ? 4.206   -13.167 8.558   1.00 43.01 ? 141 GLY A N   1 
ATOM   1128 C CA  . GLY A 1 141 ? 3.911   -14.573 8.911   1.00 43.84 ? 141 GLY A CA  1 
ATOM   1129 C C   . GLY A 1 141 ? 2.509   -14.950 8.455   1.00 42.24 ? 141 GLY A C   1 
ATOM   1130 O O   . GLY A 1 141 ? 2.148   -14.468 7.363   1.00 38.45 ? 141 GLY A O   1 
ATOM   1131 C C   . ALA B 2 1   ? 13.110  5.220   15.627  1.00 16.24 ? 2   ALA B C   1 
ATOM   1132 O O   . ALA B 2 1   ? 12.379  4.388   16.178  1.00 15.05 ? 2   ALA B O   1 
ATOM   1133 N N   . PRO B 2 2   ? 12.978  6.530   15.899  1.00 16.20 ? 3   PRO B N   1 
ATOM   1134 C CA  . PRO B 2 2   ? 12.300  6.933   17.118  1.00 17.35 ? 3   PRO B CA  1 
ATOM   1135 C C   . PRO B 2 2   ? 10.840  6.454   17.087  1.00 19.19 ? 3   PRO B C   1 
ATOM   1136 O O   . PRO B 2 2   ? 10.165  6.616   16.071  1.00 16.50 ? 3   PRO B O   1 
ATOM   1137 C CB  . PRO B 2 2   ? 12.360  8.458   17.060  1.00 17.99 ? 3   PRO B CB  1 
ATOM   1138 C CG  . PRO B 2 2   ? 13.526  8.757   16.151  1.00 17.79 ? 3   PRO B CG  1 
ATOM   1139 C CD  . PRO B 2 2   ? 13.483  7.665   15.102  1.00 17.68 ? 3   PRO B CD  1 
ATOM   1140 N N   . ILE B 2 3   ? 10.370  5.886   18.187  1.00 17.93 ? 4   ILE B N   1 
ATOM   1141 C CA  . ILE B 2 3   ? 8.966   5.393   18.280  1.00 20.18 ? 4   ILE B CA  1 
ATOM   1142 C C   . ILE B 2 3   ? 8.023   6.599   18.401  1.00 20.90 ? 4   ILE B C   1 
ATOM   1143 O O   . ILE B 2 3   ? 8.153   7.366   19.369  1.00 19.63 ? 4   ILE B O   1 
ATOM   1144 C CB  . ILE B 2 3   ? 8.879   4.377   19.429  1.00 23.16 ? 4   ILE B CB  1 
ATOM   1145 C CG1 . ILE B 2 3   ? 9.716   3.147   19.064  1.00 24.97 ? 4   ILE B CG1 1 
ATOM   1146 C CG2 . ILE B 2 3   ? 7.429   4.031   19.746  1.00 23.74 ? 4   ILE B CG2 1 
ATOM   1147 C CD1 . ILE B 2 3   ? 9.699   2.060   20.097  1.00 30.58 ? 4   ILE B CD1 1 
ATOM   1148 N N   . ARG B 2 4   ? 7.159   6.815   17.421  1.00 17.37 ? 5   ARG B N   1 
ATOM   1149 C CA  . ARG B 2 4   ? 6.202   7.947   17.460  1.00 18.42 ? 5   ARG B CA  1 
ATOM   1150 C C   . ARG B 2 4   ? 4.777   7.426   17.302  1.00 18.40 ? 5   ARG B C   1 
ATOM   1151 O O   . ARG B 2 4   ? 3.878   8.204   17.513  1.00 18.48 ? 5   ARG B O   1 
ATOM   1152 C CB  . ARG B 2 4   ? 6.516   8.962   16.363  1.00 17.63 ? 5   ARG B CB  1 
ATOM   1153 C CG  . ARG B 2 4   ? 7.784   9.767   16.590  1.00 18.26 ? 5   ARG B CG  1 
ATOM   1154 C CD  . ARG B 2 4   ? 7.972   10.852  15.596  1.00 17.35 ? 5   ARG B CD  1 
ATOM   1155 N NE  . ARG B 2 4   ? 8.223   10.308  14.252  1.00 17.48 ? 5   ARG B NE  1 
ATOM   1156 C CZ  . ARG B 2 4   ? 7.399   10.382  13.213  1.00 17.84 ? 5   ARG B CZ  1 
ATOM   1157 N NH1 . ARG B 2 4   ? 6.226   10.988  13.321  1.00 18.91 ? 5   ARG B NH1 1 
ATOM   1158 N NH2 . ARG B 2 4   ? 7.773   9.885   12.037  1.00 16.28 ? 5   ARG B NH2 1 
ATOM   1159 N N   . TYR B 2 5   ? 4.589   6.213   16.811  1.00 17.05 ? 6   TYR B N   1 
ATOM   1160 C CA  . TYR B 2 5   ? 3.242   5.678   16.467  1.00 16.02 ? 6   TYR B CA  1 
ATOM   1161 C C   . TYR B 2 5   ? 3.041   4.327   17.141  1.00 16.77 ? 6   TYR B C   1 
ATOM   1162 O O   . TYR B 2 5   ? 4.052   3.553   17.342  1.00 15.13 ? 6   TYR B O   1 
ATOM   1163 C CB  . TYR B 2 5   ? 3.110   5.462   14.952  1.00 15.85 ? 6   TYR B CB  1 
ATOM   1164 C CG  . TYR B 2 5   ? 3.270   6.719   14.144  1.00 15.89 ? 6   TYR B CG  1 
ATOM   1165 C CD1 . TYR B 2 5   ? 2.264   7.679   14.107  1.00 15.43 ? 6   TYR B CD1 1 
ATOM   1166 C CD2 . TYR B 2 5   ? 4.435   6.957   13.414  1.00 15.24 ? 6   TYR B CD2 1 
ATOM   1167 C CE1 . TYR B 2 5   ? 2.414   8.827   13.359  1.00 15.37 ? 6   TYR B CE1 1 
ATOM   1168 C CE2 . TYR B 2 5   ? 4.583   8.103   12.654  1.00 15.60 ? 6   TYR B CE2 1 
ATOM   1169 C CZ  . TYR B 2 5   ? 3.564   9.027   12.615  1.00 16.15 ? 6   TYR B CZ  1 
ATOM   1170 O OH  . TYR B 2 5   ? 3.719   10.174  11.895  1.00 15.52 ? 6   TYR B OH  1 
ATOM   1171 N N   . GLU B 2 6   ? 1.778   3.986   17.417  1.00 17.39 ? 7   GLU B N   1 
ATOM   1172 C CA  . GLU B 2 6   ? 1.468   2.702   18.066  1.00 20.76 ? 7   GLU B CA  1 
ATOM   1173 C C   . GLU B 2 6   ? 1.935   1.568   17.145  1.00 19.83 ? 7   GLU B C   1 
ATOM   1174 O O   . GLU B 2 6   ? 2.272   0.546   17.669  1.00 22.72 ? 7   GLU B O   1 
ATOM   1175 C CB  . GLU B 2 6   ? -0.026  2.585   18.362  1.00 25.39 ? 7   GLU B CB  1 
ATOM   1176 C CG  . GLU B 2 6   ? -0.531  3.612   19.357  1.00 28.06 ? 7   GLU B CG  1 
ATOM   1177 C CD  . GLU B 2 6   ? -2.029  3.514   19.617  1.00 32.50 ? 7   GLU B CD  1 
ATOM   1178 O OE1 . GLU B 2 6   ? -2.650  2.555   19.124  1.00 29.70 ? 7   GLU B OE1 1 
ATOM   1179 O OE2 . GLU B 2 6   ? -2.563  4.419   20.291  1.00 34.48 ? 7   GLU B OE2 1 
ATOM   1180 N N   . TRP B 2 7   ? 1.989   1.769   15.821  1.00 17.94 ? 8   TRP B N   1 
ATOM   1181 C CA  . TRP B 2 7   ? 2.360   0.695   14.867  1.00 18.70 ? 8   TRP B CA  1 
ATOM   1182 C C   . TRP B 2 7   ? 3.882   0.604   14.667  1.00 19.52 ? 8   TRP B C   1 
ATOM   1183 O O   . TRP B 2 7   ? 4.311   -0.182  13.793  1.00 19.63 ? 8   TRP B O   1 
ATOM   1184 C CB  . TRP B 2 7   ? 1.690   0.938   13.531  1.00 16.83 ? 8   TRP B CB  1 
ATOM   1185 C CG  . TRP B 2 7   ? 1.800   2.327   12.982  1.00 15.80 ? 8   TRP B CG  1 
ATOM   1186 C CD1 . TRP B 2 7   ? 2.873   2.878   12.348  1.00 16.09 ? 8   TRP B CD1 1 
ATOM   1187 C CD2 . TRP B 2 7   ? 0.759   3.329   12.962  1.00 16.98 ? 8   TRP B CD2 1 
ATOM   1188 N NE1 . TRP B 2 7   ? 2.573   4.156   11.957  1.00 17.10 ? 8   TRP B NE1 1 
ATOM   1189 C CE2 . TRP B 2 7   ? 1.294   4.466   12.329  1.00 16.02 ? 8   TRP B CE2 1 
ATOM   1190 C CE3 . TRP B 2 7   ? -0.553  3.386   13.469  1.00 16.64 ? 8   TRP B CE3 1 
ATOM   1191 C CZ2 . TRP B 2 7   ? 0.549   5.621   12.118  1.00 17.46 ? 8   TRP B CZ2 1 
ATOM   1192 C CZ3 . TRP B 2 7   ? -1.272  4.545   13.305  1.00 17.00 ? 8   TRP B CZ3 1 
ATOM   1193 C CH2 . TRP B 2 7   ? -0.747  5.635   12.610  1.00 17.77 ? 8   TRP B CH2 1 
ATOM   1194 N N   . ASP B 2 8   ? 4.677   1.408   15.373  1.00 19.25 ? 9   ASP B N   1 
ATOM   1195 C CA  . ASP B 2 8   ? 6.144   1.455   15.121  1.00 20.02 ? 9   ASP B CA  1 
ATOM   1196 C C   . ASP B 2 8   ? 6.804   0.125   15.466  1.00 23.43 ? 9   ASP B C   1 
ATOM   1197 O O   . ASP B 2 8   ? 7.864   -0.113  14.895  1.00 29.61 ? 9   ASP B O   1 
ATOM   1198 C CB  . ASP B 2 8   ? 6.824   2.664   15.746  1.00 18.91 ? 9   ASP B CB  1 
ATOM   1199 C CG  . ASP B 2 8   ? 6.690   3.888   14.866  1.00 16.69 ? 9   ASP B CG  1 
ATOM   1200 O OD1 . ASP B 2 8   ? 6.448   3.681   13.680  1.00 16.27 ? 9   ASP B OD1 1 
ATOM   1201 O OD2 . ASP B 2 8   ? 6.819   5.026   15.358  1.00 16.04 ? 9   ASP B OD2 1 
ATOM   1202 N N   . GLU B 2 9   ? 6.167   -0.776  16.210  1.00 27.56 ? 10  GLU B N   1 
ATOM   1203 C CA  . GLU B 2 9   ? 6.722   -2.158  16.415  1.00 33.51 ? 10  GLU B CA  1 
ATOM   1204 C C   . GLU B 2 9   ? 5.826   -3.248  15.799  1.00 31.83 ? 10  GLU B C   1 
ATOM   1205 O O   . GLU B 2 9   ? 5.944   -4.385  16.210  1.00 33.07 ? 10  GLU B O   1 
ATOM   1206 C CB  . GLU B 2 9   ? 6.948   -2.376  17.908  1.00 36.14 ? 10  GLU B CB  1 
ATOM   1207 C CG  . GLU B 2 9   ? 8.211   -1.683  18.371  1.00 43.57 ? 10  GLU B CG  1 
ATOM   1208 C CD  . GLU B 2 9   ? 8.359   -1.559  19.872  1.00 44.28 ? 10  GLU B CD  1 
ATOM   1209 O OE1 . GLU B 2 9   ? 7.548   -0.850  20.492  1.00 54.27 ? 10  GLU B OE1 1 
ATOM   1210 O OE2 . GLU B 2 9   ? 9.276   -2.180  20.398  1.00 51.18 ? 10  GLU B OE2 1 
ATOM   1211 N N   . PHE B 2 10  ? 4.940   -2.906  14.863  1.00 30.82 ? 11  PHE B N   1 
ATOM   1212 C CA  . PHE B 2 10  ? 4.103   -3.878  14.109  1.00 28.71 ? 11  PHE B CA  1 
ATOM   1213 C C   . PHE B 2 10  ? 4.925   -4.466  12.947  1.00 29.23 ? 11  PHE B C   1 
ATOM   1214 O O   . PHE B 2 10  ? 5.147   -3.696  11.996  1.00 25.29 ? 11  PHE B O   1 
ATOM   1215 C CB  . PHE B 2 10  ? 2.826   -3.169  13.630  1.00 28.06 ? 11  PHE B CB  1 
ATOM   1216 C CG  . PHE B 2 10  ? 1.901   -4.046  12.829  1.00 28.32 ? 11  PHE B CG  1 
ATOM   1217 C CD1 . PHE B 2 10  ? 1.558   -5.318  13.287  1.00 29.80 ? 11  PHE B CD1 1 
ATOM   1218 C CD2 . PHE B 2 10  ? 1.368   -3.617  11.614  1.00 27.05 ? 11  PHE B CD2 1 
ATOM   1219 C CE1 . PHE B 2 10  ? 0.708   -6.135  12.544  1.00 32.24 ? 11  PHE B CE1 1 
ATOM   1220 C CE2 . PHE B 2 10  ? 0.518   -4.437  10.875  1.00 27.12 ? 11  PHE B CE2 1 
ATOM   1221 C CZ  . PHE B 2 10  ? 0.196   -5.696  11.332  1.00 30.26 ? 11  PHE B CZ  1 
ATOM   1222 N N   . CYS B 2 11  ? 5.401   -5.727  13.022  1.00 29.35 ? 12  CYS B N   1 
ATOM   1223 C CA  . CYS B 2 11  ? 6.021   -6.508  11.879  1.00 39.91 ? 12  CYS B CA  1 
ATOM   1224 C C   . CYS B 2 11  ? 5.062   -7.544  11.272  1.00 37.28 ? 12  CYS B C   1 
ATOM   1225 O O   . CYS B 2 11  ? 4.126   -7.988  11.941  1.00 57.12 ? 12  CYS B O   1 
ATOM   1226 C CB  . CYS B 2 11  ? 7.201   -7.371  12.287  1.00 32.63 ? 12  CYS B CB  1 
ATOM   1227 S SG  . CYS B 2 11  ? 8.302   -6.426  13.327  1.00 47.19 ? 12  CYS B SG  1 
HETATM 1228 C C20 . IQ8 C 3 .   ? 8.672   -4.325  13.165  1.00 32.27 ? 101 IQ8 B C20 1 
HETATM 1229 O O14 . IQ8 C 3 .   ? 14.705  -3.049  10.999  1.00 24.25 ? 101 IQ8 B O14 1 
HETATM 1230 C C13 . IQ8 C 3 .   ? 14.092  -2.677  11.981  1.00 23.05 ? 101 IQ8 B C13 1 
HETATM 1231 N N7  . IQ8 C 3 .   ? 13.477  -3.561  12.833  1.00 21.25 ? 101 IQ8 B N7  1 
HETATM 1232 C C8  . IQ8 C 3 .   ? 13.455  -4.975  12.357  1.00 23.51 ? 101 IQ8 B C8  1 
HETATM 1233 C C9  . IQ8 C 3 .   ? 12.147  -5.239  11.564  1.00 23.47 ? 101 IQ8 B C9  1 
HETATM 1234 N N10 . IQ8 C 3 .   ? 10.917  -5.422  12.426  1.00 26.11 ? 101 IQ8 B N10 1 
HETATM 1235 C C11 . IQ8 C 3 .   ? 9.811   -4.559  12.115  1.00 29.80 ? 101 IQ8 B C11 1 
HETATM 1236 O O12 . IQ8 C 3 .   ? 9.738   -3.919  11.067  1.00 28.71 ? 101 IQ8 B O12 1 
HETATM 1237 C C3  . IQ8 C 3 .   ? 13.959  -1.203  12.243  1.00 21.25 ? 101 IQ8 B C3  1 
HETATM 1238 C C2  . IQ8 C 3 .   ? 13.657  -0.360  11.158  1.00 20.86 ? 101 IQ8 B C2  1 
HETATM 1239 C C4  . IQ8 C 3 .   ? 14.087  -0.666  13.517  1.00 22.19 ? 101 IQ8 B C4  1 
HETATM 1240 C C5  . IQ8 C 3 .   ? 13.925  0.721   13.681  1.00 20.11 ? 101 IQ8 B C5  1 
HETATM 1241 C C6  . IQ8 C 3 .   ? 13.657  1.538   12.598  1.00 19.16 ? 101 IQ8 B C6  1 
HETATM 1242 C C1  . IQ8 C 3 .   ? 13.502  1.003   11.334  1.00 19.54 ? 101 IQ8 B C1  1 
HETATM 1243 C C17 . IQ8 C 3 .   ? 13.377  2.997   12.831  1.00 18.47 ? 101 IQ8 B C17 1 
HETATM 1244 N N18 . IQ8 C 3 .   ? 13.763  3.560   13.887  1.00 17.66 ? 101 IQ8 B N18 1 
HETATM 1245 C C19 . IQ8 C 3 .   ? 13.276  4.954   14.014  1.00 15.03 ? 101 IQ8 B C19 1 
HETATM 1246 S S16 . IQ8 C 3 .   ? 12.252  3.911   11.938  1.00 16.69 ? 101 IQ8 B S16 1 
HETATM 1247 C C15 . IQ8 C 3 .   ? 12.255  5.309   13.028  1.00 15.35 ? 101 IQ8 B C15 1 
HETATM 1248 O O   . HOH D 4 .   ? 5.391   -12.583 -4.276  1.00 37.75 ? 201 HOH A O   1 
HETATM 1249 O O   . HOH D 4 .   ? -10.451 -0.163  7.265   1.00 17.79 ? 202 HOH A O   1 
HETATM 1250 O O   . HOH D 4 .   ? 1.151   12.544  8.915   1.00 22.77 ? 203 HOH A O   1 
HETATM 1251 O O   . HOH D 4 .   ? 0.942   -3.031  18.641  1.00 30.49 ? 204 HOH A O   1 
HETATM 1252 O O   . HOH D 4 .   ? -5.001  -11.851 -13.815 1.00 35.12 ? 205 HOH A O   1 
HETATM 1253 O O   . HOH D 4 .   ? 11.646  11.758  15.994  1.00 17.07 ? 206 HOH A O   1 
HETATM 1254 O O   . HOH D 4 .   ? -8.328  -0.964  17.023  1.00 17.12 ? 207 HOH A O   1 
HETATM 1255 O O   . HOH D 4 .   ? -1.442  -4.097  19.416  1.00 35.33 ? 208 HOH A O   1 
HETATM 1256 O O   . HOH D 4 .   ? -9.346  4.224   12.089  1.00 30.11 ? 209 HOH A O   1 
HETATM 1257 O O   . HOH D 4 .   ? 18.889  1.789   -1.554  1.00 22.70 ? 210 HOH A O   1 
HETATM 1258 O O   . HOH D 4 .   ? -4.025  -11.184 12.595  1.00 32.82 ? 211 HOH A O   1 
HETATM 1259 O O   . HOH D 4 .   ? -18.574 14.716  -7.256  1.00 41.41 ? 212 HOH A O   1 
HETATM 1260 O O   . HOH D 4 .   ? 5.825   17.099  6.028   1.00 31.18 ? 213 HOH A O   1 
HETATM 1261 O O   . HOH D 4 .   ? 10.416  -13.906 -4.119  1.00 38.04 ? 214 HOH A O   1 
HETATM 1262 O O   . HOH D 4 .   ? 21.854  -0.401  4.088   1.00 40.11 ? 215 HOH A O   1 
HETATM 1263 O O   . HOH D 4 .   ? 10.824  -3.945  -4.344  1.00 35.73 ? 216 HOH A O   1 
HETATM 1264 O O   . HOH D 4 .   ? -3.029  20.607  -2.875  1.00 18.82 ? 217 HOH A O   1 
HETATM 1265 O O   . HOH D 4 .   ? -6.602  15.799  -6.610  1.00 18.93 ? 218 HOH A O   1 
HETATM 1266 O O   . HOH D 4 .   ? -7.071  -10.381 6.357   1.00 17.10 ? 219 HOH A O   1 
HETATM 1267 O O   . HOH D 4 .   ? -11.591 12.209  -1.175  1.00 28.60 ? 220 HOH A O   1 
HETATM 1268 O O   . HOH D 4 .   ? -9.842  11.809  0.701   1.00 28.12 ? 221 HOH A O   1 
HETATM 1269 O O   . HOH D 4 .   ? -7.312  1.259   4.207   1.00 12.69 ? 222 HOH A O   1 
HETATM 1270 O O   . HOH D 4 .   ? -7.915  -14.662 -19.330 1.00 19.66 ? 223 HOH A O   1 
HETATM 1271 O O   . HOH D 4 .   ? -12.070 6.142   4.466   1.00 16.60 ? 224 HOH A O   1 
HETATM 1272 O O   . HOH D 4 .   ? -14.688 7.064   4.215   1.00 34.96 ? 225 HOH A O   1 
HETATM 1273 O O   . HOH D 4 .   ? 16.247  -1.265  9.400   1.00 19.71 ? 226 HOH A O   1 
HETATM 1274 O O   . HOH D 4 .   ? -6.991  20.443  -1.541  1.00 34.94 ? 227 HOH A O   1 
HETATM 1275 O O   . HOH D 4 .   ? 14.405  5.993   1.664   1.00 27.28 ? 228 HOH A O   1 
HETATM 1276 O O   . HOH D 4 .   ? -7.503  13.527  14.425  1.00 42.27 ? 229 HOH A O   1 
HETATM 1277 O O   . HOH D 4 .   ? 13.088  3.487   -6.535  1.00 33.02 ? 230 HOH A O   1 
HETATM 1278 O O   . HOH D 4 .   ? -5.089  -9.972  8.665   1.00 12.56 ? 231 HOH A O   1 
HETATM 1279 O O   . HOH D 4 .   ? 1.638   -14.204 1.387   1.00 17.15 ? 232 HOH A O   1 
HETATM 1280 O O   . HOH D 4 .   ? 12.498  10.709  5.701   1.00 27.30 ? 233 HOH A O   1 
HETATM 1281 O O   . HOH D 4 .   ? -11.069 -1.081  12.822  1.00 36.67 ? 234 HOH A O   1 
HETATM 1282 O O   . HOH D 4 .   ? 12.167  13.421  6.469   1.00 26.77 ? 235 HOH A O   1 
HETATM 1283 O O   . HOH D 4 .   ? -10.311 10.254  10.192  1.00 36.44 ? 236 HOH A O   1 
HETATM 1284 O O   . HOH D 4 .   ? -3.470  20.889  -7.812  1.00 14.37 ? 237 HOH A O   1 
HETATM 1285 O O   . HOH D 4 .   ? 0.305   -13.998 3.735   1.00 29.13 ? 238 HOH A O   1 
HETATM 1286 O O   . HOH D 4 .   ? 17.432  -6.370  0.746   1.00 26.99 ? 239 HOH A O   1 
HETATM 1287 O O   . HOH D 4 .   ? -7.667  2.084   18.574  1.00 27.07 ? 240 HOH A O   1 
HETATM 1288 O O   . HOH D 4 .   ? -2.044  -12.729 -4.351  1.00 32.79 ? 241 HOH A O   1 
HETATM 1289 O O   . HOH D 4 .   ? 15.237  5.611   11.268  1.00 10.19 ? 242 HOH A O   1 
HETATM 1290 O O   . HOH D 4 .   ? -10.274 6.606   -10.661 1.00 24.33 ? 243 HOH A O   1 
HETATM 1291 O O   . HOH D 4 .   ? 14.811  3.590   9.324   1.00 15.55 ? 244 HOH A O   1 
HETATM 1292 O O   . HOH D 4 .   ? -5.918  -4.442  3.667   1.00 26.34 ? 245 HOH A O   1 
HETATM 1293 O O   . HOH D 4 .   ? -0.758  10.786  12.884  1.00 31.61 ? 246 HOH A O   1 
HETATM 1294 O O   . HOH D 4 .   ? 16.030  -10.084 5.641   1.00 13.68 ? 247 HOH A O   1 
HETATM 1295 O O   . HOH D 4 .   ? 12.104  -9.230  -2.006  1.00 25.60 ? 248 HOH A O   1 
HETATM 1296 O O   . HOH D 4 .   ? 15.005  -10.224 -0.781  1.00 40.74 ? 249 HOH A O   1 
HETATM 1297 O O   . HOH D 4 .   ? 11.620  -6.393  -3.043  1.00 19.76 ? 250 HOH A O   1 
HETATM 1298 O O   . HOH D 4 .   ? 4.115   -15.332 -4.923  1.00 43.30 ? 251 HOH A O   1 
HETATM 1299 O O   . HOH D 4 .   ? 9.389   -14.443 1.554   1.00 21.43 ? 252 HOH A O   1 
HETATM 1300 O O   . HOH D 4 .   ? -7.168  -11.786 -0.063  1.00 29.37 ? 253 HOH A O   1 
HETATM 1301 O O   . HOH D 4 .   ? -1.215  18.542  3.432   1.00 32.40 ? 254 HOH A O   1 
HETATM 1302 O O   . HOH D 4 .   ? -9.535  6.096   9.938   1.00 39.23 ? 255 HOH A O   1 
HETATM 1303 O O   . HOH D 4 .   ? 1.140   -11.064 -8.732  1.00 30.86 ? 256 HOH A O   1 
HETATM 1304 O O   . HOH D 4 .   ? 7.428   17.427  3.842   1.00 32.52 ? 257 HOH A O   1 
HETATM 1305 O O   . HOH D 4 .   ? 15.048  5.132   7.273   1.00 21.13 ? 258 HOH A O   1 
HETATM 1306 O O   . HOH D 4 .   ? 8.055   8.299   -9.603  1.00 36.94 ? 259 HOH A O   1 
HETATM 1307 O O   . HOH D 4 .   ? 4.828   6.225   -10.550 1.00 37.14 ? 260 HOH A O   1 
HETATM 1308 O O   . HOH D 4 .   ? 10.626  10.306  3.304   1.00 36.41 ? 261 HOH A O   1 
HETATM 1309 O O   . HOH D 4 .   ? 3.330   13.766  12.892  1.00 35.46 ? 262 HOH A O   1 
HETATM 1310 O O   . HOH D 4 .   ? -1.308  8.211   15.490  1.00 35.42 ? 263 HOH A O   1 
HETATM 1311 O O   . HOH D 4 .   ? -0.133  -15.783 -2.696  1.00 38.70 ? 264 HOH A O   1 
HETATM 1312 O O   . HOH D 4 .   ? -6.738  5.837   -15.141 1.00 37.89 ? 265 HOH A O   1 
HETATM 1313 O O   . HOH D 4 .   ? -4.584  7.178   -14.456 1.00 45.65 ? 266 HOH A O   1 
HETATM 1314 O O   . HOH D 4 .   ? 6.869   10.423  -11.095 1.00 30.02 ? 267 HOH A O   1 
HETATM 1315 O O   . HOH D 4 .   ? -5.252  -12.558 7.557   1.00 41.53 ? 268 HOH A O   1 
HETATM 1316 O O   . HOH D 4 .   ? -2.327  -12.477 -6.774  1.00 36.77 ? 269 HOH A O   1 
HETATM 1317 O O   . HOH D 4 .   ? 3.316   -16.205 1.984   1.00 24.87 ? 270 HOH A O   1 
HETATM 1318 O O   . HOH E 4 .   ? 10.820  -2.317  10.042  1.00 17.30 ? 201 HOH B O   1 
HETATM 1319 O O   . HOH E 4 .   ? 1.678   11.633  11.475  1.00 20.79 ? 202 HOH B O   1 
HETATM 1320 O O   . HOH E 4 .   ? 13.245  -3.114  8.859   1.00 26.66 ? 203 HOH B O   1 
HETATM 1321 O O   . HOH E 4 .   ? 7.990   -2.223  11.980  1.00 26.22 ? 204 HOH B O   1 
HETATM 1322 O O   . HOH E 4 .   ? 9.374   9.648   19.764  1.00 43.16 ? 205 HOH B O   1 
HETATM 1323 O O   . HOH E 4 .   ? -4.966  2.979   17.963  1.00 20.76 ? 206 HOH B O   1 
HETATM 1324 O O   . HOH E 4 .   ? 4.445   10.458  19.055  1.00 39.92 ? 207 HOH B O   1 
HETATM 1325 O O   . HOH E 4 .   ? 16.338  3.206   15.014  1.00 14.63 ? 208 HOH B O   1 
HETATM 1326 O O   . HOH E 4 .   ? 0.039   6.288   17.254  1.00 27.05 ? 209 HOH B O   1 
HETATM 1327 O O   . HOH E 4 .   ? 9.968   3.420   14.880  1.00 23.69 ? 210 HOH B O   1 
HETATM 1328 O O   . HOH E 4 .   ? 4.469   12.158  15.495  1.00 30.39 ? 211 HOH B O   1 
HETATM 1329 O O   . HOH E 4 .   ? -1.338  0.139   20.552  1.00 46.05 ? 212 HOH B O   1 
HETATM 1330 O O   . HOH E 4 .   ? 16.030  4.267   17.551  1.00 35.69 ? 213 HOH B O   1 
# 
